data_9CPN
#
_entry.id   9CPN
#
_cell.length_a   88.614
_cell.length_b   109.330
_cell.length_c   125.127
_cell.angle_alpha   90.00
_cell.angle_beta   100.68
_cell.angle_gamma   90.00
#
_symmetry.space_group_name_H-M   'P 1 21 1'
#
loop_
_entity.id
_entity.type
_entity.pdbx_description
1 polymer 'Induced myeloid leukemia cell differentiation protein Mcl-1'
2 polymer 'Bcl-2 homologous antagonist/killer'
3 branched alpha-D-glucopyranose-(1-4)-alpha-D-glucopyranose
4 water water
#
loop_
_entity_poly.entity_id
_entity_poly.type
_entity_poly.pdbx_seq_one_letter_code
_entity_poly.pdbx_strand_id
1 'polypeptide(L)'
;AIEEGKLVIWINGDKGYNGLAEVGKKFEKDTGIKVTVEHPDKLEEKFPQVAATGDGPDIIFWAHDRFGGYAQSGLLAEIT
PDKAFQDKLYPFTWDAVRYNGKLIAYPIAVEALSLIYNKDLLPNPPKTWEEIPALDKELKAKGKSALMFNLQEPYFTWPL
IAADGGYAFKYENGKYDIKDVGVDNAGAKAGLTFLVDLIKNKHMNADTDYSIAEAAFNKGETAMTINGPWAWSNIDTSKV
NYGVTVLPTFKGQPSKPFVGVLSAGINAASPNKELAKEFLENYLLTDEGLEAVNKDKPLGAVALKSYEEELAKDPRIAAT
MENAQKGEIMPNIPQMSAFWYAVRTAVINAASGRQTVDEALKDAQTGSELYRQSLEIISRYLREQATGAADTAPMGRSGA
TSRKALETLRRVGDGVQRNHETAFQGMLRKLDIKNEDDVKSLSRVMIHVFSDGVTNWGRIVTLISFGAFVAKHLKTINQE
SCIEPLAESITDVLVRTKRDWLVKQRGWDGFVEFFHV
;
A,B,C,D
2 'polypeptide(L)' SSTMGQVGRQLAIIGDDINRRY E,F,G,H
#
loop_
_chem_comp.id
_chem_comp.type
_chem_comp.name
_chem_comp.formula
GLC D-saccharide, alpha linking alpha-D-glucopyranose 'C6 H12 O6'
#
# COMPACT_ATOMS: atom_id res chain seq x y z
N ILE A 2 17.19 31.91 15.72
CA ILE A 2 17.88 33.10 15.17
C ILE A 2 17.90 34.27 16.19
N GLU A 3 19.07 34.87 16.45
CA GLU A 3 19.19 35.82 17.56
C GLU A 3 18.60 37.16 17.17
N GLU A 4 17.72 37.70 18.02
CA GLU A 4 17.18 39.03 17.78
C GLU A 4 18.22 40.08 18.19
N GLY A 5 18.34 41.15 17.39
CA GLY A 5 19.28 42.21 17.71
C GLY A 5 20.68 41.96 17.21
N LYS A 6 20.82 41.11 16.20
CA LYS A 6 22.08 40.67 15.64
C LYS A 6 21.71 40.30 14.21
N LEU A 7 22.66 40.45 13.29
CA LEU A 7 22.46 40.00 11.91
C LEU A 7 23.50 38.94 11.58
N VAL A 8 23.06 37.84 11.04
CA VAL A 8 23.95 36.82 10.52
C VAL A 8 23.75 36.78 9.01
N ILE A 9 24.84 36.88 8.25
CA ILE A 9 24.78 36.96 6.80
C ILE A 9 25.58 35.80 6.22
N TRP A 10 25.01 35.15 5.20
CA TRP A 10 25.72 34.12 4.45
C TRP A 10 25.99 34.63 3.03
N ILE A 11 27.23 34.47 2.58
CA ILE A 11 27.64 34.82 1.22
C ILE A 11 28.67 33.79 0.78
N ASN A 12 28.74 33.52 -0.52
CA ASN A 12 29.62 32.45 -0.97
C ASN A 12 31.10 32.79 -0.77
N GLY A 13 31.90 31.76 -0.56
CA GLY A 13 33.30 31.99 -0.20
C GLY A 13 34.17 32.55 -1.32
N ASP A 14 33.68 32.59 -2.55
CA ASP A 14 34.46 33.24 -3.59
C ASP A 14 34.20 34.74 -3.67
N LYS A 15 33.22 35.26 -2.92
CA LYS A 15 32.93 36.69 -2.96
C LYS A 15 33.64 37.44 -1.85
N GLY A 16 33.49 38.78 -1.85
CA GLY A 16 34.18 39.66 -0.93
C GLY A 16 33.55 39.74 0.45
N TYR A 17 33.55 38.60 1.12
CA TYR A 17 32.92 38.54 2.43
C TYR A 17 33.68 39.37 3.46
N ASN A 18 34.98 39.60 3.27
CA ASN A 18 35.69 40.47 4.22
C ASN A 18 35.27 41.91 4.00
N GLY A 19 35.14 42.34 2.74
CA GLY A 19 34.67 43.69 2.50
C GLY A 19 33.28 43.91 3.04
N LEU A 20 32.43 42.89 2.88
CA LEU A 20 31.07 42.93 3.40
C LEU A 20 31.08 42.99 4.93
N ALA A 21 31.95 42.23 5.58
CA ALA A 21 32.09 42.31 7.02
C ALA A 21 32.53 43.69 7.47
N GLU A 22 33.29 44.40 6.64
CA GLU A 22 33.68 45.78 6.94
C GLU A 22 32.47 46.70 6.92
N VAL A 23 31.58 46.50 5.96
CA VAL A 23 30.31 47.23 5.97
C VAL A 23 29.51 46.88 7.22
N GLY A 24 29.60 45.62 7.65
CA GLY A 24 28.98 45.20 8.89
C GLY A 24 29.53 45.93 10.11
N LYS A 25 30.82 46.23 10.12
CA LYS A 25 31.40 46.98 11.21
C LYS A 25 30.89 48.42 11.23
N LYS A 26 30.68 49.04 10.05
CA LYS A 26 30.16 50.40 10.06
C LYS A 26 28.71 50.40 10.57
N PHE A 27 27.96 49.36 10.21
CA PHE A 27 26.61 49.20 10.76
C PHE A 27 26.64 49.05 12.26
N GLU A 28 27.51 48.17 12.77
CA GLU A 28 27.64 47.97 14.21
C GLU A 28 28.04 49.26 14.91
N LYS A 29 28.98 49.98 14.31
CA LYS A 29 29.40 51.26 14.86
C LYS A 29 28.22 52.19 15.09
N ASP A 30 27.38 52.33 14.08
CA ASP A 30 26.26 53.22 14.15
C ASP A 30 25.10 52.72 15.00
N THR A 31 24.96 51.41 15.20
CA THR A 31 23.73 50.85 15.73
C THR A 31 23.91 50.00 16.96
N GLY A 32 25.11 49.50 17.21
CA GLY A 32 25.29 48.51 18.21
C GLY A 32 24.94 47.11 17.77
N ILE A 33 24.42 46.94 16.56
CA ILE A 33 24.03 45.61 16.08
C ILE A 33 25.27 44.92 15.52
N LYS A 34 25.60 43.77 16.06
CA LYS A 34 26.72 43.00 15.53
C LYS A 34 26.30 42.29 14.25
N VAL A 35 27.17 42.35 13.23
CA VAL A 35 26.95 41.71 11.94
C VAL A 35 28.00 40.62 11.76
N THR A 36 27.56 39.38 11.68
CA THR A 36 28.42 38.25 11.46
C THR A 36 28.25 37.76 10.03
N VAL A 37 29.35 37.79 9.27
CA VAL A 37 29.38 37.29 7.91
C VAL A 37 30.04 35.92 7.90
N GLU A 38 29.34 34.93 7.33
CA GLU A 38 29.83 33.56 7.18
C GLU A 38 29.75 33.12 5.70
N HIS A 39 30.60 32.15 5.33
CA HIS A 39 30.61 31.59 3.97
C HIS A 39 30.62 30.08 4.01
N PRO A 40 29.54 29.49 4.49
CA PRO A 40 29.45 28.02 4.55
C PRO A 40 29.59 27.41 3.17
N ASP A 41 30.10 26.19 3.13
CA ASP A 41 30.07 25.43 1.88
C ASP A 41 28.66 25.00 1.53
N LYS A 42 28.40 24.93 0.22
CA LYS A 42 27.13 24.50 -0.36
C LYS A 42 25.96 25.32 0.20
N LEU A 43 26.21 26.63 0.39
CA LEU A 43 25.23 27.44 1.11
C LEU A 43 23.93 27.56 0.34
N GLU A 44 23.96 27.42 -0.98
CA GLU A 44 22.74 27.53 -1.76
C GLU A 44 21.83 26.32 -1.54
N GLU A 45 22.38 25.18 -1.11
CA GLU A 45 21.55 24.03 -0.69
C GLU A 45 21.30 24.08 0.84
N LYS A 46 22.27 24.54 1.60
CA LYS A 46 22.10 24.55 3.05
C LYS A 46 21.02 25.54 3.43
N PHE A 47 21.02 26.71 2.80
CA PHE A 47 20.08 27.74 3.22
C PHE A 47 18.65 27.22 3.24
N PRO A 48 18.12 26.59 2.17
CA PRO A 48 16.73 26.12 2.26
C PRO A 48 16.53 25.03 3.29
N GLN A 49 17.56 24.24 3.61
CA GLN A 49 17.47 23.21 4.63
C GLN A 49 17.25 23.83 6.01
N VAL A 50 18.14 24.72 6.45
CA VAL A 50 18.02 25.28 7.80
C VAL A 50 16.88 26.28 7.90
N ALA A 51 16.64 27.04 6.84
CA ALA A 51 15.56 28.01 6.88
C ALA A 51 14.21 27.33 6.97
N ALA A 52 14.09 26.12 6.43
CA ALA A 52 12.82 25.39 6.48
C ALA A 52 12.38 25.10 7.91
N THR A 53 13.34 24.88 8.81
CA THR A 53 13.10 24.70 10.22
C THR A 53 13.17 26.00 11.00
N GLY A 54 13.14 27.15 10.33
CA GLY A 54 13.16 28.41 11.02
C GLY A 54 14.48 28.89 11.57
N ASP A 55 15.60 28.29 11.15
CA ASP A 55 16.93 28.73 11.55
C ASP A 55 17.67 29.35 10.36
N GLY A 56 18.97 29.51 10.49
CA GLY A 56 19.77 29.99 9.40
C GLY A 56 20.08 31.45 9.55
N PRO A 57 20.61 32.04 8.48
CA PRO A 57 20.99 33.45 8.52
C PRO A 57 19.80 34.39 8.42
N ASP A 58 20.01 35.63 8.87
CA ASP A 58 19.01 36.67 8.60
C ASP A 58 18.98 37.03 7.12
N ILE A 59 20.14 37.07 6.48
CA ILE A 59 20.30 37.52 5.10
C ILE A 59 21.11 36.47 4.35
N ILE A 60 20.66 36.12 3.14
CA ILE A 60 21.35 35.16 2.24
C ILE A 60 21.70 35.84 0.92
N PHE A 61 22.95 35.73 0.53
CA PHE A 61 23.46 36.22 -0.75
C PHE A 61 23.67 35.06 -1.72
N TRP A 62 23.06 35.13 -2.90
CA TRP A 62 23.37 34.17 -3.97
C TRP A 62 22.89 34.82 -5.28
N ALA A 63 23.32 34.27 -6.40
CA ALA A 63 22.68 34.64 -7.64
C ALA A 63 21.19 34.39 -7.55
N HIS A 64 20.47 35.15 -8.38
CA HIS A 64 19.03 35.21 -8.33
C HIS A 64 18.36 33.91 -8.74
N ASP A 65 19.07 32.98 -9.39
CA ASP A 65 18.41 31.80 -9.91
C ASP A 65 17.89 30.90 -8.79
N ARG A 66 18.46 30.96 -7.62
CA ARG A 66 17.97 30.08 -6.56
C ARG A 66 16.80 30.63 -5.76
N PHE A 67 16.48 31.92 -5.93
CA PHE A 67 15.55 32.59 -5.02
C PHE A 67 14.09 32.27 -5.32
N GLY A 68 13.73 32.00 -6.57
CA GLY A 68 12.38 31.56 -6.84
C GLY A 68 12.02 30.31 -6.05
N GLY A 69 12.93 29.33 -5.99
CA GLY A 69 12.66 28.15 -5.19
C GLY A 69 12.55 28.46 -3.71
N TYR A 70 13.42 29.33 -3.21
CA TYR A 70 13.31 29.76 -1.81
C TYR A 70 11.95 30.39 -1.52
N ALA A 71 11.51 31.31 -2.38
CA ALA A 71 10.25 32.01 -2.17
C ALA A 71 9.08 31.05 -2.27
N GLN A 72 9.09 30.18 -3.26
CA GLN A 72 8.00 29.21 -3.40
C GLN A 72 7.82 28.40 -2.11
N SER A 73 8.91 28.06 -1.45
CA SER A 73 8.89 27.32 -0.19
C SER A 73 8.60 28.18 1.04
N GLY A 74 8.22 29.44 0.86
CA GLY A 74 7.96 30.34 1.95
C GLY A 74 9.15 30.79 2.75
N LEU A 75 10.38 30.64 2.25
CA LEU A 75 11.54 30.90 3.09
C LEU A 75 12.05 32.34 3.02
N LEU A 76 11.46 33.19 2.20
CA LEU A 76 11.93 34.56 2.05
C LEU A 76 10.86 35.56 2.42
N ALA A 77 11.29 36.63 3.06
CA ALA A 77 10.41 37.77 3.28
C ALA A 77 10.29 38.58 2.00
N GLU A 78 9.09 39.06 1.72
CA GLU A 78 8.92 40.06 0.69
C GLU A 78 9.62 41.31 1.20
N ILE A 79 10.48 41.90 0.37
CA ILE A 79 11.18 43.09 0.76
C ILE A 79 10.29 44.26 0.39
N THR A 80 10.54 45.43 0.98
CA THR A 80 9.64 46.57 0.86
C THR A 80 10.35 47.88 0.52
N PRO A 81 11.17 47.90 -0.52
CA PRO A 81 11.82 49.17 -0.89
C PRO A 81 10.80 50.16 -1.40
N ASP A 82 10.93 51.41 -0.98
CA ASP A 82 9.99 52.39 -1.49
C ASP A 82 10.40 52.81 -2.91
N LYS A 83 9.55 53.61 -3.55
CA LYS A 83 9.76 53.94 -4.95
C LYS A 83 11.08 54.68 -5.15
N ALA A 84 11.46 55.54 -4.20
CA ALA A 84 12.71 56.30 -4.35
C ALA A 84 13.91 55.37 -4.31
N PHE A 85 13.89 54.37 -3.44
CA PHE A 85 15.01 53.46 -3.42
C PHE A 85 15.04 52.60 -4.68
N GLN A 86 13.87 52.10 -5.09
CA GLN A 86 13.82 51.30 -6.31
C GLN A 86 14.40 52.06 -7.50
N ASP A 87 14.23 53.38 -7.55
CA ASP A 87 14.76 54.17 -8.66
C ASP A 87 16.27 54.28 -8.64
N LYS A 88 16.91 53.93 -7.54
CA LYS A 88 18.36 53.99 -7.48
C LYS A 88 19.05 52.79 -8.13
N LEU A 89 18.33 51.73 -8.47
CA LEU A 89 18.93 50.54 -9.06
C LEU A 89 18.34 50.30 -10.45
N TYR A 90 19.10 49.63 -11.30
CA TYR A 90 18.65 49.42 -12.66
C TYR A 90 17.37 48.59 -12.72
N PRO A 91 16.43 48.95 -13.59
CA PRO A 91 15.15 48.20 -13.64
C PRO A 91 15.26 46.71 -13.96
N PHE A 92 16.20 46.29 -14.82
CA PHE A 92 16.30 44.86 -15.15
C PHE A 92 16.88 44.06 -13.98
N THR A 93 17.58 44.70 -13.02
CA THR A 93 17.99 43.95 -11.84
C THR A 93 16.82 43.69 -10.91
N TRP A 94 15.86 44.65 -10.78
CA TRP A 94 14.65 44.35 -10.02
C TRP A 94 13.89 43.22 -10.68
N ASP A 95 13.91 43.17 -12.02
CA ASP A 95 13.18 42.12 -12.73
C ASP A 95 13.71 40.74 -12.36
N ALA A 96 15.03 40.61 -12.14
CA ALA A 96 15.63 39.33 -11.77
C ALA A 96 15.19 38.83 -10.38
N VAL A 97 14.78 39.71 -9.48
CA VAL A 97 14.43 39.33 -8.12
C VAL A 97 12.91 39.41 -7.87
N ARG A 98 12.13 39.38 -8.92
CA ARG A 98 10.68 39.39 -8.86
C ARG A 98 10.19 37.95 -9.05
N TYR A 99 9.30 37.52 -8.15
CA TYR A 99 8.75 36.18 -8.22
C TYR A 99 7.27 36.23 -7.89
N ASN A 100 6.46 35.70 -8.80
CA ASN A 100 4.99 35.75 -8.73
C ASN A 100 4.53 37.13 -8.27
N GLY A 101 5.11 38.16 -8.90
CA GLY A 101 4.75 39.55 -8.69
C GLY A 101 5.39 40.27 -7.51
N LYS A 102 6.20 39.60 -6.70
CA LYS A 102 6.77 40.22 -5.52
C LYS A 102 8.30 40.25 -5.59
N LEU A 103 8.87 41.34 -5.06
CA LEU A 103 10.30 41.43 -4.85
C LEU A 103 10.70 40.56 -3.65
N ILE A 104 11.61 39.61 -3.89
CA ILE A 104 11.99 38.63 -2.88
C ILE A 104 13.45 38.75 -2.49
N ALA A 105 14.17 39.75 -3.02
CA ALA A 105 15.60 39.88 -2.76
C ALA A 105 16.00 41.26 -3.25
N TYR A 106 17.10 41.78 -2.67
CA TYR A 106 17.70 43.02 -3.13
C TYR A 106 18.77 42.72 -4.16
N PRO A 107 18.69 43.27 -5.38
CA PRO A 107 19.76 43.06 -6.36
C PRO A 107 21.01 43.83 -5.99
N ILE A 108 22.15 43.19 -6.19
CA ILE A 108 23.44 43.73 -5.80
C ILE A 108 24.34 43.96 -7.02
N ALA A 109 24.49 42.94 -7.88
CA ALA A 109 25.39 43.10 -9.02
C ALA A 109 25.14 42.06 -10.10
N VAL A 110 25.51 42.42 -11.32
CA VAL A 110 25.37 41.58 -12.50
C VAL A 110 26.70 40.92 -12.80
N GLU A 111 26.65 39.62 -12.97
CA GLU A 111 27.81 38.77 -13.17
C GLU A 111 27.65 38.02 -14.48
N ALA A 112 28.77 37.89 -15.19
CA ALA A 112 28.88 37.01 -16.33
C ALA A 112 30.31 36.55 -16.39
N LEU A 113 30.50 35.35 -16.90
CA LEU A 113 31.84 34.82 -17.13
C LEU A 113 32.48 35.51 -18.34
N SER A 114 33.80 35.65 -18.29
CA SER A 114 34.60 36.13 -19.40
C SER A 114 35.81 35.22 -19.59
N LEU A 115 36.48 35.40 -20.74
CA LEU A 115 37.78 34.79 -20.98
C LEU A 115 38.87 35.64 -20.35
N ILE A 116 39.69 35.02 -19.54
CA ILE A 116 40.81 35.67 -18.86
C ILE A 116 42.08 35.07 -19.45
N TYR A 117 42.99 35.91 -19.90
CA TYR A 117 44.18 35.40 -20.55
C TYR A 117 45.44 36.09 -20.04
N ASN A 118 46.52 35.33 -20.08
CA ASN A 118 47.83 35.74 -19.61
C ASN A 118 48.51 36.44 -20.79
N LYS A 119 48.68 37.75 -20.68
CA LYS A 119 49.18 38.55 -21.79
C LYS A 119 50.63 38.24 -22.16
N ASP A 120 51.42 37.76 -21.22
CA ASP A 120 52.80 37.39 -21.53
C ASP A 120 52.90 36.09 -22.30
N LEU A 121 52.00 35.13 -22.00
CA LEU A 121 52.01 33.89 -22.74
C LEU A 121 51.28 34.03 -24.07
N LEU A 122 50.28 34.92 -24.14
CA LEU A 122 49.29 34.91 -25.22
C LEU A 122 48.72 36.31 -25.40
N PRO A 123 49.51 37.23 -25.95
CA PRO A 123 49.01 38.60 -26.14
C PRO A 123 47.83 38.72 -27.09
N ASN A 124 47.65 37.77 -28.00
CA ASN A 124 46.53 37.76 -28.94
C ASN A 124 45.74 36.48 -28.75
N PRO A 125 44.80 36.45 -27.78
CA PRO A 125 44.08 35.18 -27.47
C PRO A 125 43.13 34.79 -28.60
N PRO A 126 42.78 33.52 -28.69
CA PRO A 126 41.98 33.07 -29.81
C PRO A 126 40.59 33.64 -29.80
N LYS A 127 40.03 33.81 -31.01
CA LYS A 127 38.67 34.27 -31.15
C LYS A 127 37.66 33.12 -31.21
N THR A 128 38.12 31.90 -31.44
CA THR A 128 37.25 30.76 -31.59
C THR A 128 37.69 29.62 -30.69
N TRP A 129 36.70 28.90 -30.18
CA TRP A 129 37.03 27.65 -29.49
C TRP A 129 37.79 26.68 -30.41
N GLU A 130 37.45 26.67 -31.71
CA GLU A 130 38.06 25.70 -32.64
C GLU A 130 39.58 25.83 -32.69
N GLU A 131 40.15 26.99 -32.34
CA GLU A 131 41.60 27.21 -32.36
C GLU A 131 42.34 26.67 -31.15
N ILE A 132 41.64 26.29 -30.08
CA ILE A 132 42.28 25.96 -28.80
C ILE A 132 43.11 24.67 -28.88
N PRO A 133 42.68 23.61 -29.57
CA PRO A 133 43.55 22.42 -29.59
C PRO A 133 44.91 22.69 -30.22
N ALA A 134 44.97 23.34 -31.40
CA ALA A 134 46.27 23.62 -32.00
C ALA A 134 47.11 24.51 -31.09
N LEU A 135 46.47 25.48 -30.45
CA LEU A 135 47.19 26.35 -29.53
C LEU A 135 47.71 25.56 -28.33
N ASP A 136 46.94 24.58 -27.82
CA ASP A 136 47.40 23.82 -26.67
C ASP A 136 48.62 22.97 -27.02
N LYS A 137 48.58 22.31 -28.16
CA LYS A 137 49.72 21.56 -28.63
C LYS A 137 50.96 22.44 -28.77
N GLU A 138 50.80 23.68 -29.26
CA GLU A 138 51.94 24.61 -29.31
C GLU A 138 52.42 24.97 -27.90
N LEU A 139 51.50 25.25 -26.99
CA LEU A 139 51.94 25.63 -25.65
C LEU A 139 52.53 24.45 -24.89
N LYS A 140 52.06 23.24 -25.16
CA LYS A 140 52.67 22.09 -24.49
C LYS A 140 54.15 21.93 -24.84
N ALA A 141 54.53 22.24 -26.09
CA ALA A 141 55.95 22.09 -26.48
C ALA A 141 56.85 23.04 -25.69
N LYS A 142 56.26 24.04 -25.08
CA LYS A 142 56.85 25.04 -24.23
C LYS A 142 56.66 24.79 -22.74
N GLY A 143 56.04 23.66 -22.34
CA GLY A 143 55.73 23.44 -20.92
C GLY A 143 54.52 24.18 -20.36
N LYS A 144 53.54 24.51 -21.20
CA LYS A 144 52.35 25.24 -20.75
C LYS A 144 51.11 24.57 -21.33
N SER A 145 49.95 25.15 -21.05
CA SER A 145 48.70 24.67 -21.59
C SER A 145 47.89 25.87 -22.01
N ALA A 146 46.95 25.64 -22.93
CA ALA A 146 46.14 26.75 -23.44
C ALA A 146 45.10 27.22 -22.42
N LEU A 147 44.35 26.28 -21.84
CA LEU A 147 43.13 26.65 -21.12
C LEU A 147 42.84 25.68 -19.99
N MET A 148 42.60 26.23 -18.79
CA MET A 148 42.04 25.47 -17.67
C MET A 148 40.89 26.24 -17.03
N PHE A 149 39.78 25.55 -16.81
CA PHE A 149 38.67 26.14 -16.07
C PHE A 149 37.86 25.05 -15.35
N ASN A 150 37.01 25.49 -14.44
CA ASN A 150 36.23 24.54 -13.63
C ASN A 150 35.31 23.68 -14.48
N LEU A 151 35.58 22.38 -14.56
CA LEU A 151 34.69 21.43 -15.23
C LEU A 151 33.72 20.71 -14.26
N GLN A 152 33.72 21.03 -12.98
CA GLN A 152 32.82 20.32 -12.06
C GLN A 152 31.47 21.04 -11.84
N GLU A 153 31.37 22.28 -12.27
CA GLU A 153 30.18 23.11 -12.11
C GLU A 153 29.71 23.47 -13.51
N PRO A 154 28.48 23.12 -13.89
CA PRO A 154 28.05 23.37 -15.26
C PRO A 154 27.92 24.83 -15.60
N TYR A 155 27.88 25.71 -14.60
CA TYR A 155 27.88 27.15 -14.87
C TYR A 155 29.02 27.53 -15.83
N PHE A 156 30.16 26.86 -15.71
CA PHE A 156 31.33 27.26 -16.49
C PHE A 156 31.38 26.69 -17.90
N THR A 157 30.73 25.57 -18.15
CA THR A 157 30.62 25.00 -19.48
C THR A 157 29.37 25.44 -20.18
N TRP A 158 28.44 26.04 -19.45
CA TRP A 158 27.18 26.47 -20.08
C TRP A 158 27.41 27.43 -21.27
N PRO A 159 28.32 28.39 -21.22
CA PRO A 159 28.48 29.31 -22.36
C PRO A 159 28.67 28.55 -23.69
N LEU A 160 29.49 27.50 -23.66
CA LEU A 160 29.76 26.68 -24.83
C LEU A 160 28.60 25.80 -25.22
N ILE A 161 27.90 25.20 -24.24
CA ILE A 161 26.71 24.40 -24.55
C ILE A 161 25.65 25.27 -25.21
N ALA A 162 25.51 26.48 -24.75
CA ALA A 162 24.43 27.34 -25.21
C ALA A 162 24.76 28.01 -26.54
N ALA A 163 26.03 28.05 -26.90
CA ALA A 163 26.49 28.79 -28.08
C ALA A 163 25.71 28.41 -29.33
N ASP A 164 25.62 27.11 -29.61
CA ASP A 164 25.00 26.65 -30.84
C ASP A 164 23.55 26.24 -30.67
N GLY A 165 22.94 26.52 -29.51
CA GLY A 165 21.51 26.36 -29.35
C GLY A 165 21.01 25.74 -28.05
N GLY A 166 21.87 25.31 -27.12
CA GLY A 166 21.36 24.82 -25.84
C GLY A 166 20.60 25.92 -25.12
N TYR A 167 19.60 25.53 -24.30
CA TYR A 167 18.89 26.45 -23.42
C TYR A 167 18.32 25.64 -22.25
N ALA A 168 18.01 26.35 -21.16
CA ALA A 168 17.52 25.64 -19.96
C ALA A 168 16.02 25.36 -20.09
N PHE A 169 15.18 26.40 -19.98
CA PHE A 169 13.74 26.33 -20.17
C PHE A 169 13.30 27.35 -21.23
N LYS A 170 12.38 26.94 -22.11
CA LYS A 170 11.86 27.83 -23.14
C LYS A 170 10.97 28.91 -22.53
N TYR A 171 11.21 30.17 -22.93
CA TYR A 171 10.35 31.29 -22.52
C TYR A 171 9.46 31.70 -23.67
N GLU A 172 8.15 31.64 -23.44
CA GLU A 172 7.16 31.98 -24.46
C GLU A 172 5.93 32.50 -23.76
N ASN A 173 5.36 33.57 -24.30
CA ASN A 173 4.11 34.11 -23.80
C ASN A 173 4.20 34.47 -22.31
N GLY A 174 5.29 35.11 -21.92
CA GLY A 174 5.46 35.55 -20.54
C GLY A 174 5.75 34.49 -19.49
N LYS A 175 6.16 33.28 -19.89
CA LYS A 175 6.25 32.13 -19.00
C LYS A 175 7.37 31.20 -19.44
N TYR A 176 8.15 30.71 -18.49
CA TYR A 176 9.02 29.58 -18.78
C TYR A 176 8.17 28.33 -18.84
N ASP A 177 8.41 27.47 -19.84
CA ASP A 177 7.69 26.22 -20.00
C ASP A 177 8.55 25.09 -19.43
N ILE A 178 8.18 24.56 -18.25
CA ILE A 178 9.06 23.61 -17.59
C ILE A 178 9.08 22.26 -18.28
N LYS A 179 8.19 22.03 -19.24
CA LYS A 179 8.23 20.79 -20.00
C LYS A 179 9.16 20.86 -21.20
N ASP A 180 9.70 22.04 -21.50
CA ASP A 180 10.51 22.27 -22.69
C ASP A 180 11.92 22.63 -22.24
N VAL A 181 12.73 21.60 -21.92
CA VAL A 181 14.13 21.76 -21.50
C VAL A 181 15.02 21.64 -22.73
N GLY A 182 16.09 22.43 -22.74
CA GLY A 182 16.79 22.64 -23.99
C GLY A 182 18.21 22.13 -24.04
N VAL A 183 18.54 21.05 -23.35
CA VAL A 183 19.88 20.48 -23.45
C VAL A 183 19.94 19.26 -24.34
N ASP A 184 18.80 18.71 -24.72
CA ASP A 184 18.73 17.51 -25.54
C ASP A 184 18.44 17.91 -27.00
N ASN A 185 19.32 18.74 -27.54
CA ASN A 185 19.17 19.17 -28.93
C ASN A 185 20.57 19.23 -29.53
N ALA A 186 20.59 19.47 -30.85
CA ALA A 186 21.84 19.29 -31.61
C ALA A 186 22.90 20.30 -31.18
N GLY A 187 22.48 21.52 -30.85
CA GLY A 187 23.44 22.55 -30.51
C GLY A 187 24.08 22.32 -29.16
N ALA A 188 23.26 21.95 -28.17
CA ALA A 188 23.80 21.57 -26.88
C ALA A 188 24.75 20.39 -27.02
N LYS A 189 24.36 19.37 -27.80
CA LYS A 189 25.24 18.22 -27.98
C LYS A 189 26.52 18.60 -28.71
N ALA A 190 26.42 19.50 -29.67
CA ALA A 190 27.63 19.91 -30.41
C ALA A 190 28.61 20.61 -29.47
N GLY A 191 28.11 21.52 -28.65
CA GLY A 191 28.97 22.20 -27.69
C GLY A 191 29.58 21.23 -26.69
N LEU A 192 28.76 20.37 -26.08
CA LEU A 192 29.36 19.49 -25.07
C LEU A 192 30.32 18.48 -25.73
N THR A 193 30.01 18.04 -26.94
CA THR A 193 30.93 17.17 -27.69
C THR A 193 32.27 17.86 -27.89
N PHE A 194 32.27 19.15 -28.22
CA PHE A 194 33.55 19.84 -28.41
C PHE A 194 34.34 19.85 -27.11
N LEU A 195 33.65 20.07 -25.99
CA LEU A 195 34.31 20.06 -24.70
C LEU A 195 34.89 18.69 -24.41
N VAL A 196 34.10 17.63 -24.63
CA VAL A 196 34.59 16.28 -24.33
C VAL A 196 35.74 15.89 -25.26
N ASP A 197 35.74 16.39 -26.50
CA ASP A 197 36.88 16.16 -27.39
C ASP A 197 38.16 16.82 -26.87
N LEU A 198 38.07 18.04 -26.32
CA LEU A 198 39.27 18.61 -25.71
C LEU A 198 39.85 17.67 -24.64
N ILE A 199 38.97 17.07 -23.82
CA ILE A 199 39.42 16.20 -22.73
C ILE A 199 40.01 14.92 -23.31
N LYS A 200 39.29 14.34 -24.28
CA LYS A 200 39.71 13.11 -24.95
C LYS A 200 41.08 13.28 -25.60
N ASN A 201 41.34 14.43 -26.17
CA ASN A 201 42.62 14.68 -26.82
C ASN A 201 43.62 15.26 -25.86
N LYS A 202 43.30 15.32 -24.57
CA LYS A 202 44.24 15.73 -23.51
C LYS A 202 44.60 17.21 -23.51
N HIS A 203 43.79 18.05 -24.11
CA HIS A 203 43.92 19.49 -23.92
C HIS A 203 43.32 19.97 -22.60
N MET A 204 42.42 19.14 -22.07
CA MET A 204 41.73 19.43 -20.79
C MET A 204 41.74 18.14 -19.95
N ASN A 205 41.59 18.24 -18.64
CA ASN A 205 41.51 17.10 -17.73
C ASN A 205 40.14 17.14 -17.03
N ALA A 206 39.42 16.02 -17.13
CA ALA A 206 38.05 15.97 -16.63
C ALA A 206 37.92 16.29 -15.14
N ASP A 207 38.97 16.11 -14.37
CA ASP A 207 39.00 16.35 -12.94
C ASP A 207 39.27 17.81 -12.55
N THR A 208 39.54 18.68 -13.50
CA THR A 208 39.85 20.05 -13.15
C THR A 208 38.65 20.70 -12.49
N ASP A 209 38.89 21.35 -11.38
CA ASP A 209 37.92 22.06 -10.60
C ASP A 209 38.37 23.51 -10.42
N TYR A 210 37.57 24.25 -9.66
CA TYR A 210 37.80 25.68 -9.51
C TYR A 210 39.20 25.94 -8.97
N SER A 211 39.55 25.28 -7.88
CA SER A 211 40.80 25.58 -7.20
CA SER A 211 40.80 25.57 -7.20
C SER A 211 42.00 25.27 -8.09
N ILE A 212 41.98 24.14 -8.76
CA ILE A 212 43.08 23.72 -9.62
C ILE A 212 43.26 24.70 -10.78
N ALA A 213 42.16 25.08 -11.43
CA ALA A 213 42.28 26.00 -12.57
C ALA A 213 42.78 27.37 -12.14
N GLU A 214 42.25 27.88 -11.03
CA GLU A 214 42.68 29.17 -10.50
C GLU A 214 44.17 29.16 -10.16
N ALA A 215 44.63 28.09 -9.49
CA ALA A 215 46.04 27.99 -9.15
C ALA A 215 46.92 27.93 -10.40
N ALA A 216 46.50 27.17 -11.42
CA ALA A 216 47.30 27.05 -12.63
C ALA A 216 47.41 28.40 -13.32
N PHE A 217 46.29 29.13 -13.46
CA PHE A 217 46.38 30.40 -14.16
C PHE A 217 47.18 31.42 -13.35
N ASN A 218 46.95 31.49 -12.05
CA ASN A 218 47.65 32.49 -11.24
C ASN A 218 49.10 32.14 -11.04
N LYS A 219 49.52 30.90 -11.33
CA LYS A 219 50.93 30.54 -11.32
C LYS A 219 51.57 30.65 -12.70
N GLY A 220 50.82 31.12 -13.70
CA GLY A 220 51.35 31.28 -15.04
C GLY A 220 51.59 29.98 -15.80
N GLU A 221 50.87 28.92 -15.43
CA GLU A 221 51.00 27.61 -16.06
C GLU A 221 50.03 27.41 -17.21
N THR A 222 48.97 28.18 -17.28
CA THR A 222 48.00 28.04 -18.35
C THR A 222 47.72 29.43 -18.91
N ALA A 223 47.47 29.48 -20.20
CA ALA A 223 47.40 30.78 -20.86
C ALA A 223 46.05 31.42 -20.71
N MET A 224 45.00 30.63 -20.44
CA MET A 224 43.66 31.14 -20.31
C MET A 224 42.87 30.39 -19.23
N THR A 225 41.87 31.09 -18.72
CA THR A 225 40.86 30.51 -17.87
C THR A 225 39.54 31.21 -18.18
N ILE A 226 38.45 30.66 -17.64
CA ILE A 226 37.11 31.22 -17.75
C ILE A 226 36.63 31.43 -16.31
N ASN A 227 36.31 32.68 -15.97
CA ASN A 227 35.90 32.99 -14.62
C ASN A 227 35.22 34.37 -14.56
N GLY A 228 34.65 34.69 -13.39
CA GLY A 228 33.89 35.91 -13.23
C GLY A 228 34.68 36.99 -12.54
N PRO A 229 34.06 38.13 -12.32
CA PRO A 229 34.81 39.28 -11.76
C PRO A 229 35.42 39.02 -10.39
N TRP A 230 34.78 38.18 -9.55
CA TRP A 230 35.29 37.88 -8.21
C TRP A 230 36.70 37.36 -8.27
N ALA A 231 37.08 36.74 -9.38
CA ALA A 231 38.40 36.13 -9.51
C ALA A 231 39.50 37.13 -9.80
N TRP A 232 39.17 38.36 -10.20
CA TRP A 232 40.20 39.28 -10.65
C TRP A 232 41.16 39.65 -9.53
N SER A 233 40.68 39.70 -8.29
CA SER A 233 41.53 40.19 -7.21
C SER A 233 42.71 39.26 -6.92
N ASN A 234 42.49 37.94 -6.91
CA ASN A 234 43.60 37.02 -6.70
C ASN A 234 44.60 37.04 -7.87
N ILE A 235 44.13 37.35 -9.07
CA ILE A 235 45.05 37.46 -10.19
C ILE A 235 45.92 38.71 -10.03
N ASP A 236 45.33 39.82 -9.56
CA ASP A 236 46.10 41.02 -9.24
C ASP A 236 47.27 40.68 -8.31
N THR A 237 46.99 39.95 -7.23
CA THR A 237 48.01 39.53 -6.29
C THR A 237 49.06 38.65 -6.92
N SER A 238 48.70 37.87 -7.92
CA SER A 238 49.66 36.94 -8.50
C SER A 238 50.71 37.62 -9.36
N LYS A 239 50.46 38.84 -9.80
CA LYS A 239 51.35 39.48 -10.76
C LYS A 239 51.50 38.67 -12.07
N VAL A 240 50.50 37.85 -12.39
CA VAL A 240 50.25 37.53 -13.78
C VAL A 240 49.70 38.79 -14.44
N ASN A 241 50.19 39.12 -15.63
CA ASN A 241 49.65 40.24 -16.38
C ASN A 241 48.52 39.72 -17.27
N TYR A 242 47.28 40.08 -16.92
CA TYR A 242 46.12 39.46 -17.53
C TYR A 242 45.20 40.48 -18.18
N GLY A 243 44.44 40.00 -19.15
CA GLY A 243 43.34 40.71 -19.73
C GLY A 243 42.05 39.91 -19.60
N VAL A 244 40.92 40.58 -19.77
CA VAL A 244 39.60 40.01 -19.68
C VAL A 244 38.91 40.39 -20.98
N THR A 245 38.37 39.39 -21.68
CA THR A 245 37.88 39.63 -23.02
C THR A 245 36.67 38.76 -23.29
N VAL A 246 36.10 38.95 -24.47
CA VAL A 246 34.91 38.21 -24.90
C VAL A 246 35.26 36.74 -25.04
N LEU A 247 34.33 35.87 -24.61
CA LEU A 247 34.54 34.44 -24.73
C LEU A 247 34.70 34.05 -26.20
N PRO A 248 35.38 32.94 -26.45
CA PRO A 248 35.56 32.50 -27.85
C PRO A 248 34.21 32.14 -28.46
N THR A 249 34.13 32.29 -29.78
CA THR A 249 32.97 31.81 -30.49
C THR A 249 33.11 30.31 -30.75
N PHE A 250 31.97 29.68 -31.00
CA PHE A 250 31.89 28.27 -31.33
C PHE A 250 30.96 28.17 -32.54
N LYS A 251 31.39 27.47 -33.60
CA LYS A 251 30.64 27.48 -34.88
C LYS A 251 30.23 28.89 -35.30
N GLY A 252 31.12 29.84 -35.05
CA GLY A 252 30.89 31.22 -35.39
C GLY A 252 29.89 31.91 -34.54
N GLN A 253 29.42 31.27 -33.50
CA GLN A 253 28.41 31.87 -32.66
C GLN A 253 29.02 32.34 -31.34
N PRO A 254 28.50 33.41 -30.77
CA PRO A 254 28.99 33.84 -29.46
C PRO A 254 28.77 32.76 -28.43
N SER A 255 29.76 32.55 -27.57
CA SER A 255 29.44 31.84 -26.33
C SER A 255 28.38 32.63 -25.57
N LYS A 256 27.47 31.92 -24.90
CA LYS A 256 26.32 32.55 -24.25
C LYS A 256 26.30 32.20 -22.78
N PRO A 257 27.05 32.92 -21.97
CA PRO A 257 27.06 32.63 -20.54
C PRO A 257 25.73 32.96 -19.90
N PHE A 258 25.38 32.19 -18.85
CA PHE A 258 24.24 32.58 -18.05
C PHE A 258 24.63 33.83 -17.29
N VAL A 259 23.70 34.78 -17.21
CA VAL A 259 23.91 36.00 -16.43
C VAL A 259 23.21 35.83 -15.08
N GLY A 260 23.96 36.04 -14.02
CA GLY A 260 23.42 36.00 -12.66
C GLY A 260 23.41 37.40 -12.06
N VAL A 261 22.37 37.68 -11.29
CA VAL A 261 22.32 38.88 -10.44
C VAL A 261 22.52 38.43 -9.00
N LEU A 262 23.70 38.74 -8.46
CA LEU A 262 23.96 38.55 -7.04
C LEU A 262 22.92 39.33 -6.24
N SER A 263 22.25 38.64 -5.34
CA SER A 263 21.08 39.17 -4.66
C SER A 263 21.13 38.76 -3.19
N ALA A 264 20.50 39.58 -2.37
CA ALA A 264 20.49 39.43 -0.93
C ALA A 264 19.04 39.29 -0.50
N GLY A 265 18.68 38.12 -0.06
CA GLY A 265 17.33 37.86 0.40
C GLY A 265 17.27 37.85 1.92
N ILE A 266 16.07 38.07 2.45
CA ILE A 266 15.85 38.13 3.90
C ILE A 266 15.06 36.92 4.34
N ASN A 267 15.60 36.20 5.32
CA ASN A 267 14.94 35.01 5.87
C ASN A 267 13.54 35.35 6.41
N ALA A 268 12.55 34.57 6.00
CA ALA A 268 11.18 34.76 6.49
C ALA A 268 11.06 34.51 7.99
N ALA A 269 11.96 33.70 8.54
CA ALA A 269 12.02 33.39 9.95
C ALA A 269 12.83 34.40 10.76
N SER A 270 13.39 35.44 10.15
CA SER A 270 14.22 36.37 10.92
C SER A 270 13.34 37.29 11.77
N PRO A 271 13.67 37.50 13.05
CA PRO A 271 13.08 38.60 13.82
C PRO A 271 13.71 39.95 13.57
N ASN A 272 14.66 40.03 12.65
CA ASN A 272 15.43 41.23 12.41
C ASN A 272 15.17 41.80 11.03
N LYS A 273 13.97 41.55 10.49
CA LYS A 273 13.70 42.01 9.13
C LYS A 273 13.98 43.50 8.95
N GLU A 274 13.65 44.32 9.95
CA GLU A 274 13.81 45.76 9.73
C GLU A 274 15.27 46.17 9.81
N LEU A 275 16.03 45.51 10.67
CA LEU A 275 17.46 45.75 10.70
C LEU A 275 18.12 45.32 9.40
N ALA A 276 17.68 44.16 8.85
CA ALA A 276 18.23 43.69 7.58
C ALA A 276 17.98 44.71 6.48
N LYS A 277 16.76 45.25 6.43
CA LYS A 277 16.43 46.25 5.44
C LYS A 277 17.31 47.48 5.59
N GLU A 278 17.53 47.92 6.83
CA GLU A 278 18.36 49.11 7.07
C GLU A 278 19.80 48.85 6.66
N PHE A 279 20.32 47.65 6.97
CA PHE A 279 21.68 47.32 6.53
C PHE A 279 21.78 47.31 5.01
N LEU A 280 20.84 46.63 4.32
CA LEU A 280 20.95 46.49 2.88
C LEU A 280 20.72 47.81 2.15
N GLU A 281 19.71 48.58 2.57
CA GLU A 281 19.36 49.80 1.84
C GLU A 281 20.30 50.96 2.17
N ASN A 282 20.66 51.13 3.43
CA ASN A 282 21.38 52.35 3.82
C ASN A 282 22.86 52.13 4.06
N TYR A 283 23.32 50.90 4.15
CA TYR A 283 24.75 50.66 4.32
C TYR A 283 25.34 49.94 3.12
N LEU A 284 24.78 48.81 2.69
CA LEU A 284 25.41 48.07 1.60
C LEU A 284 25.16 48.74 0.25
N LEU A 285 23.91 49.03 -0.09
CA LEU A 285 23.61 49.57 -1.41
C LEU A 285 23.87 51.07 -1.51
N THR A 286 25.10 51.42 -1.20
CA THR A 286 25.62 52.76 -1.31
C THR A 286 26.98 52.70 -1.99
N ASP A 287 27.40 53.84 -2.52
CA ASP A 287 28.69 53.88 -3.19
C ASP A 287 29.79 53.37 -2.27
N GLU A 288 29.76 53.80 -1.01
CA GLU A 288 30.83 53.41 -0.09
C GLU A 288 30.67 51.96 0.34
N GLY A 289 29.43 51.49 0.46
CA GLY A 289 29.23 50.10 0.82
C GLY A 289 29.66 49.16 -0.29
N LEU A 290 29.20 49.42 -1.53
CA LEU A 290 29.63 48.60 -2.65
C LEU A 290 31.13 48.72 -2.91
N GLU A 291 31.75 49.88 -2.65
CA GLU A 291 33.20 50.00 -2.82
C GLU A 291 33.98 49.09 -1.88
N ALA A 292 33.54 48.99 -0.62
CA ALA A 292 34.25 48.11 0.29
C ALA A 292 34.18 46.65 -0.16
N VAL A 293 33.03 46.19 -0.64
CA VAL A 293 32.91 44.82 -1.10
C VAL A 293 33.74 44.63 -2.38
N ASN A 294 33.61 45.57 -3.31
CA ASN A 294 34.32 45.49 -4.59
C ASN A 294 35.83 45.48 -4.41
N LYS A 295 36.36 46.25 -3.45
CA LYS A 295 37.79 46.22 -3.25
C LYS A 295 38.30 44.89 -2.74
N ASP A 296 37.44 44.13 -2.05
CA ASP A 296 37.82 42.78 -1.64
C ASP A 296 37.82 41.85 -2.84
N LYS A 297 36.64 41.66 -3.45
CA LYS A 297 36.49 40.84 -4.64
C LYS A 297 35.55 41.56 -5.61
N PRO A 298 35.96 41.82 -6.85
CA PRO A 298 35.10 42.60 -7.75
C PRO A 298 33.75 41.95 -7.90
N LEU A 299 32.73 42.80 -7.84
CA LEU A 299 31.35 42.37 -7.90
C LEU A 299 30.83 42.23 -9.31
N GLY A 300 31.48 42.84 -10.29
CA GLY A 300 30.91 42.99 -11.62
C GLY A 300 30.28 44.34 -11.87
N ALA A 301 29.16 44.36 -12.60
CA ALA A 301 28.41 45.58 -12.85
C ALA A 301 27.34 45.72 -11.76
N VAL A 302 27.53 46.64 -10.83
CA VAL A 302 26.61 46.71 -9.69
C VAL A 302 25.24 47.23 -10.13
N ALA A 303 24.23 46.91 -9.31
CA ALA A 303 22.86 47.32 -9.55
C ALA A 303 22.59 48.79 -9.27
N LEU A 304 23.42 49.41 -8.43
CA LEU A 304 23.27 50.82 -8.06
C LEU A 304 23.82 51.74 -9.15
N LYS A 305 22.93 52.53 -9.73
CA LYS A 305 23.29 53.33 -10.90
C LYS A 305 24.49 54.24 -10.62
N SER A 306 24.45 54.93 -9.47
CA SER A 306 25.51 55.89 -9.17
C SER A 306 26.88 55.23 -9.21
N TYR A 307 27.04 54.10 -8.55
CA TYR A 307 28.36 53.48 -8.46
C TYR A 307 28.74 52.74 -9.73
N GLU A 308 27.77 52.16 -10.44
CA GLU A 308 28.10 51.53 -11.70
C GLU A 308 28.62 52.54 -12.72
N GLU A 309 28.12 53.78 -12.68
CA GLU A 309 28.69 54.80 -13.58
C GLU A 309 30.17 55.01 -13.28
N GLU A 310 30.54 54.94 -11.98
CA GLU A 310 31.94 55.17 -11.61
C GLU A 310 32.83 54.05 -12.13
N LEU A 311 32.40 52.79 -11.97
CA LEU A 311 33.23 51.68 -12.41
C LEU A 311 33.16 51.39 -13.89
N ALA A 312 32.21 51.98 -14.61
CA ALA A 312 31.88 51.45 -15.93
C ALA A 312 33.02 51.65 -16.92
N LYS A 313 33.92 52.57 -16.64
CA LYS A 313 35.12 52.76 -17.44
C LYS A 313 36.08 51.59 -17.35
N ASP A 314 35.96 50.75 -16.34
CA ASP A 314 36.89 49.63 -16.18
C ASP A 314 36.73 48.71 -17.38
N PRO A 315 37.78 48.50 -18.20
CA PRO A 315 37.63 47.64 -19.39
C PRO A 315 37.25 46.21 -19.05
N ARG A 316 37.64 45.73 -17.87
CA ARG A 316 37.24 44.39 -17.44
C ARG A 316 35.74 44.31 -17.23
N ILE A 317 35.12 45.37 -16.70
CA ILE A 317 33.66 45.42 -16.55
C ILE A 317 33.00 45.49 -17.91
N ALA A 318 33.59 46.27 -18.84
CA ALA A 318 33.04 46.34 -20.20
C ALA A 318 33.00 44.98 -20.87
N ALA A 319 34.07 44.18 -20.71
CA ALA A 319 34.08 42.83 -21.25
C ALA A 319 33.02 41.96 -20.59
N THR A 320 32.87 42.08 -19.27
CA THR A 320 31.81 41.36 -18.57
C THR A 320 30.44 41.67 -19.16
N MET A 321 30.18 42.96 -19.41
CA MET A 321 28.87 43.33 -19.93
C MET A 321 28.73 42.91 -21.39
N GLU A 322 29.83 42.75 -22.12
CA GLU A 322 29.68 42.31 -23.49
C GLU A 322 29.38 40.81 -23.55
N ASN A 323 30.03 40.03 -22.71
CA ASN A 323 29.64 38.63 -22.58
C ASN A 323 28.23 38.51 -22.05
N ALA A 324 27.86 39.36 -21.08
CA ALA A 324 26.50 39.31 -20.56
C ALA A 324 25.47 39.57 -21.64
N GLN A 325 25.71 40.56 -22.52
CA GLN A 325 24.72 40.85 -23.57
C GLN A 325 24.60 39.71 -24.58
N LYS A 326 25.66 38.93 -24.76
CA LYS A 326 25.64 37.73 -25.61
C LYS A 326 24.90 36.56 -24.90
N GLY A 327 24.77 36.63 -23.61
CA GLY A 327 24.17 35.55 -22.87
C GLY A 327 22.74 35.81 -22.53
N GLU A 328 22.29 35.17 -21.46
CA GLU A 328 20.88 35.20 -21.09
C GLU A 328 20.77 35.22 -19.57
N ILE A 329 19.87 36.07 -19.06
CA ILE A 329 19.57 36.06 -17.63
C ILE A 329 18.97 34.72 -17.19
N MET A 330 19.48 34.21 -16.10
CA MET A 330 19.00 32.93 -15.61
C MET A 330 17.52 33.04 -15.23
N PRO A 331 16.73 32.03 -15.54
CA PRO A 331 15.42 31.92 -14.92
C PRO A 331 15.58 31.81 -13.42
N ASN A 332 14.53 32.16 -12.69
CA ASN A 332 14.52 32.00 -11.24
C ASN A 332 13.45 31.02 -10.78
N ILE A 333 12.88 30.22 -11.68
CA ILE A 333 11.78 29.35 -11.29
C ILE A 333 12.28 28.27 -10.35
N PRO A 334 11.40 27.70 -9.54
CA PRO A 334 11.84 26.72 -8.52
C PRO A 334 12.46 25.48 -9.13
N GLN A 335 12.19 25.15 -10.39
CA GLN A 335 12.85 24.03 -11.06
C GLN A 335 14.33 24.26 -11.33
N MET A 336 14.87 25.46 -11.15
CA MET A 336 16.26 25.71 -11.49
C MET A 336 17.23 24.85 -10.68
N SER A 337 16.95 24.59 -9.41
CA SER A 337 17.86 23.77 -8.63
CA SER A 337 17.87 23.77 -8.63
C SER A 337 17.98 22.36 -9.22
N ALA A 338 16.85 21.77 -9.62
CA ALA A 338 16.87 20.41 -10.13
C ALA A 338 17.48 20.37 -11.52
N PHE A 339 17.25 21.43 -12.29
CA PHE A 339 17.91 21.61 -13.59
C PHE A 339 19.43 21.54 -13.43
N TRP A 340 19.96 22.32 -12.50
CA TRP A 340 21.39 22.35 -12.30
C TRP A 340 21.92 21.01 -11.82
N TYR A 341 21.17 20.34 -10.92
CA TYR A 341 21.56 18.99 -10.50
C TYR A 341 21.74 18.07 -11.72
N ALA A 342 20.77 18.09 -12.63
CA ALA A 342 20.75 17.18 -13.76
C ALA A 342 21.82 17.54 -14.78
N VAL A 343 22.02 18.82 -15.05
CA VAL A 343 23.00 19.26 -16.03
C VAL A 343 24.42 19.04 -15.50
N ARG A 344 24.61 19.26 -14.20
CA ARG A 344 25.92 18.94 -13.61
C ARG A 344 26.28 17.46 -13.82
N THR A 345 25.32 16.55 -13.56
CA THR A 345 25.58 15.13 -13.77
C THR A 345 25.86 14.84 -15.24
N ALA A 346 25.06 15.41 -16.15
CA ALA A 346 25.30 15.17 -17.58
C ALA A 346 26.70 15.64 -17.98
N VAL A 347 27.10 16.83 -17.54
CA VAL A 347 28.40 17.33 -18.00
C VAL A 347 29.53 16.45 -17.45
N ILE A 348 29.45 16.08 -16.17
CA ILE A 348 30.47 15.26 -15.55
C ILE A 348 30.48 13.87 -16.13
N ASN A 349 29.31 13.34 -16.43
CA ASN A 349 29.27 12.00 -17.01
C ASN A 349 29.88 11.97 -18.41
N ALA A 350 29.58 12.97 -19.24
CA ALA A 350 30.13 13.01 -20.59
C ALA A 350 31.63 13.24 -20.53
N ALA A 351 32.08 14.19 -19.68
CA ALA A 351 33.50 14.51 -19.63
C ALA A 351 34.32 13.29 -19.23
N SER A 352 33.81 12.49 -18.30
CA SER A 352 34.52 11.37 -17.74
C SER A 352 34.36 10.10 -18.58
N GLY A 353 33.46 10.12 -19.56
CA GLY A 353 33.14 8.93 -20.35
C GLY A 353 32.18 7.95 -19.72
N ARG A 354 31.63 8.25 -18.54
CA ARG A 354 30.61 7.35 -17.98
C ARG A 354 29.43 7.15 -18.94
N GLN A 355 29.06 8.20 -19.65
CA GLN A 355 28.03 8.16 -20.69
C GLN A 355 28.60 8.84 -21.95
N THR A 356 27.99 8.56 -23.09
CA THR A 356 28.22 9.38 -24.26
C THR A 356 27.54 10.73 -24.07
N VAL A 357 27.96 11.70 -24.90
CA VAL A 357 27.35 13.03 -24.86
C VAL A 357 25.86 12.94 -25.07
N ASP A 358 25.45 12.17 -26.07
CA ASP A 358 24.04 12.09 -26.43
C ASP A 358 23.20 11.47 -25.32
N GLU A 359 23.64 10.35 -24.77
CA GLU A 359 22.95 9.73 -23.64
C GLU A 359 22.90 10.64 -22.42
N ALA A 360 24.02 11.34 -22.15
CA ALA A 360 24.10 12.17 -20.97
C ALA A 360 23.10 13.33 -21.01
N LEU A 361 22.94 13.98 -22.17
CA LEU A 361 22.01 15.11 -22.27
C LEU A 361 20.56 14.63 -22.44
N LYS A 362 20.36 13.52 -23.13
CA LYS A 362 19.03 12.92 -23.17
C LYS A 362 18.49 12.58 -21.78
N ASP A 363 19.34 12.19 -20.84
CA ASP A 363 18.83 11.88 -19.49
C ASP A 363 18.46 13.09 -18.66
N ALA A 364 18.97 14.28 -19.02
CA ALA A 364 18.98 15.39 -18.07
C ALA A 364 17.56 15.82 -17.67
N GLN A 365 16.64 15.92 -18.62
CA GLN A 365 15.32 16.42 -18.27
C GLN A 365 14.63 15.52 -17.21
N THR A 366 14.42 14.24 -17.52
CA THR A 366 13.81 13.35 -16.55
C THR A 366 14.62 13.23 -15.26
N GLY A 367 15.94 13.35 -15.34
CA GLY A 367 16.72 13.34 -14.14
C GLY A 367 16.34 14.50 -13.24
N SER A 368 16.10 15.66 -13.84
CA SER A 368 15.76 16.82 -13.04
C SER A 368 14.38 16.66 -12.42
N GLU A 369 13.43 16.10 -13.19
CA GLU A 369 12.08 15.93 -12.68
C GLU A 369 12.01 14.86 -11.61
N LEU A 370 12.74 13.76 -11.79
CA LEU A 370 12.83 12.73 -10.76
C LEU A 370 13.55 13.24 -9.53
N TYR A 371 14.60 14.03 -9.74
CA TYR A 371 15.32 14.52 -8.57
C TYR A 371 14.41 15.38 -7.70
N ARG A 372 13.73 16.31 -8.34
CA ARG A 372 12.90 17.24 -7.59
C ARG A 372 11.80 16.50 -6.82
N GLN A 373 11.10 15.60 -7.49
CA GLN A 373 10.05 14.83 -6.85
C GLN A 373 10.60 13.92 -5.76
N SER A 374 11.70 13.21 -6.04
CA SER A 374 12.27 12.31 -5.04
C SER A 374 12.76 13.06 -3.82
N LEU A 375 13.43 14.18 -4.05
CA LEU A 375 14.02 14.93 -2.94
C LEU A 375 12.96 15.37 -1.95
N GLU A 376 11.84 15.87 -2.44
CA GLU A 376 10.73 16.28 -1.61
C GLU A 376 10.13 15.12 -0.85
N ILE A 377 9.87 13.98 -1.51
CA ILE A 377 9.28 12.84 -0.80
C ILE A 377 10.24 12.36 0.28
N ILE A 378 11.49 12.14 -0.10
CA ILE A 378 12.41 11.52 0.84
C ILE A 378 12.75 12.49 1.96
N SER A 379 12.87 13.75 1.64
CA SER A 379 13.18 14.73 2.68
CA SER A 379 13.17 14.74 2.67
C SER A 379 12.02 14.88 3.66
N ARG A 380 10.79 14.86 3.16
CA ARG A 380 9.63 14.98 4.04
C ARG A 380 9.55 13.80 4.99
N TYR A 381 9.72 12.60 4.47
CA TYR A 381 9.66 11.39 5.29
C TYR A 381 10.73 11.42 6.40
N LEU A 382 11.97 11.72 6.04
CA LEU A 382 13.04 11.68 7.03
C LEU A 382 12.82 12.73 8.12
N ARG A 383 12.28 13.89 7.75
CA ARG A 383 12.06 14.96 8.72
C ARG A 383 10.91 14.63 9.66
N GLU A 384 9.76 14.23 9.12
CA GLU A 384 8.66 13.84 9.97
C GLU A 384 9.03 12.64 10.84
N GLN A 385 9.83 11.69 10.34
CA GLN A 385 10.27 10.60 11.18
C GLN A 385 11.08 11.11 12.35
N ALA A 386 11.94 12.09 12.09
CA ALA A 386 12.85 12.57 13.13
C ALA A 386 12.15 13.45 14.16
N THR A 387 11.16 14.22 13.74
CA THR A 387 10.56 15.21 14.61
C THR A 387 9.25 14.76 15.21
N GLY A 388 8.61 13.75 14.63
CA GLY A 388 7.33 13.28 15.12
C GLY A 388 6.15 14.02 14.55
N ALA A 389 6.39 15.06 13.76
CA ALA A 389 5.37 15.98 13.29
C ALA A 389 5.37 16.04 11.78
N ALA A 390 4.18 15.97 11.20
CA ALA A 390 3.99 16.09 9.77
C ALA A 390 4.15 17.53 9.29
N ASP A 391 4.81 17.69 8.14
CA ASP A 391 4.96 18.98 7.49
C ASP A 391 3.63 19.38 6.85
N THR A 392 3.11 20.56 7.21
CA THR A 392 1.80 20.96 6.71
C THR A 392 1.86 21.74 5.39
N ALA A 393 3.03 22.26 4.98
CA ALA A 393 3.17 23.01 3.73
C ALA A 393 2.72 22.17 2.54
N PRO A 394 2.32 22.82 1.44
CA PRO A 394 1.75 22.10 0.29
C PRO A 394 2.78 21.29 -0.48
N MET A 395 2.27 20.54 -1.46
CA MET A 395 3.10 19.82 -2.43
C MET A 395 3.05 20.52 -3.81
N SER A 398 2.58 17.39 -9.28
CA SER A 398 2.95 15.98 -9.07
C SER A 398 2.44 15.51 -7.71
N GLY A 399 1.56 16.33 -7.13
CA GLY A 399 1.32 16.28 -5.69
C GLY A 399 0.56 15.09 -5.17
N ALA A 400 -0.38 14.57 -5.97
CA ALA A 400 -1.12 13.38 -5.57
C ALA A 400 -0.17 12.21 -5.31
N THR A 401 0.68 11.90 -6.30
CA THR A 401 1.65 10.81 -6.19
C THR A 401 2.58 10.99 -5.00
N SER A 402 3.12 12.20 -4.82
CA SER A 402 4.01 12.43 -3.70
C SER A 402 3.29 12.24 -2.37
N ARG A 403 2.01 12.62 -2.33
CA ARG A 403 1.21 12.36 -1.12
C ARG A 403 1.03 10.85 -0.91
N LYS A 404 0.71 10.09 -1.97
CA LYS A 404 0.57 8.66 -1.80
C LYS A 404 1.90 8.01 -1.47
N ALA A 405 2.98 8.47 -2.08
CA ALA A 405 4.26 7.87 -1.77
C ALA A 405 4.59 8.03 -0.30
N LEU A 406 4.28 9.21 0.27
CA LEU A 406 4.60 9.45 1.67
C LEU A 406 3.70 8.63 2.59
N GLU A 407 2.42 8.47 2.23
CA GLU A 407 1.55 7.55 2.96
C GLU A 407 2.12 6.14 2.93
N THR A 408 2.64 5.71 1.77
CA THR A 408 3.24 4.38 1.64
C THR A 408 4.43 4.22 2.59
N LEU A 409 5.28 5.24 2.66
CA LEU A 409 6.47 5.17 3.52
C LEU A 409 6.11 5.06 5.01
N ARG A 410 5.07 5.81 5.44
CA ARG A 410 4.63 5.75 6.84
C ARG A 410 4.23 4.34 7.23
N ARG A 411 3.74 3.56 6.27
CA ARG A 411 3.39 2.16 6.48
C ARG A 411 4.62 1.26 6.28
N VAL A 412 5.22 1.32 5.09
CA VAL A 412 6.26 0.37 4.68
C VAL A 412 7.59 0.71 5.30
N GLY A 413 7.99 1.97 5.24
CA GLY A 413 9.25 2.34 5.84
C GLY A 413 9.22 2.21 7.35
N ASP A 414 8.11 2.62 7.98
CA ASP A 414 7.94 2.35 9.41
C ASP A 414 7.99 0.85 9.67
N GLY A 415 7.37 0.07 8.80
CA GLY A 415 7.41 -1.37 8.96
C GLY A 415 8.82 -1.94 8.94
N VAL A 416 9.66 -1.49 7.98
CA VAL A 416 11.04 -1.97 7.90
C VAL A 416 11.78 -1.66 9.17
N GLN A 417 11.62 -0.44 9.67
CA GLN A 417 12.31 -0.06 10.88
C GLN A 417 11.80 -0.85 12.11
N ARG A 418 10.55 -1.30 12.07
CA ARG A 418 10.09 -2.15 13.17
C ARG A 418 10.70 -3.54 13.04
N ASN A 419 10.48 -4.18 11.91
CA ASN A 419 10.91 -5.57 11.74
C ASN A 419 12.41 -5.76 11.83
N HIS A 420 13.21 -4.78 11.40
CA HIS A 420 14.67 -4.92 11.29
C HIS A 420 15.37 -3.98 12.24
N GLU A 421 14.71 -3.63 13.36
CA GLU A 421 15.28 -2.71 14.33
C GLU A 421 16.59 -3.23 14.88
N THR A 422 16.66 -4.53 15.17
CA THR A 422 17.90 -5.07 15.74
C THR A 422 19.05 -4.90 14.73
N ALA A 423 18.80 -5.24 13.46
CA ALA A 423 19.81 -5.01 12.41
C ALA A 423 20.16 -3.54 12.26
N PHE A 424 19.12 -2.67 12.19
CA PHE A 424 19.36 -1.25 11.99
C PHE A 424 20.15 -0.69 13.17
N GLN A 425 19.85 -1.12 14.40
CA GLN A 425 20.62 -0.62 15.56
C GLN A 425 22.08 -1.03 15.50
N GLY A 426 22.37 -2.28 15.14
CA GLY A 426 23.76 -2.67 15.01
C GLY A 426 24.50 -1.93 13.90
N MET A 427 23.78 -1.65 12.80
CA MET A 427 24.36 -0.89 11.66
C MET A 427 24.73 0.51 12.15
N LEU A 428 23.86 1.18 12.90
CA LEU A 428 24.13 2.51 13.43
C LEU A 428 25.28 2.50 14.42
N ARG A 429 25.33 1.49 15.28
CA ARG A 429 26.42 1.42 16.25
C ARG A 429 27.74 1.26 15.54
N LYS A 430 27.77 0.38 14.54
CA LYS A 430 28.96 0.06 13.77
C LYS A 430 29.45 1.27 12.99
N LEU A 431 28.55 2.12 12.52
CA LEU A 431 28.97 3.27 11.73
C LEU A 431 29.44 4.42 12.61
N ASP A 432 28.94 4.49 13.85
CA ASP A 432 29.36 5.50 14.82
C ASP A 432 29.34 6.89 14.20
N ILE A 433 28.12 7.34 13.90
CA ILE A 433 27.89 8.65 13.30
C ILE A 433 27.92 9.72 14.39
N LYS A 434 28.81 10.67 14.24
CA LYS A 434 28.97 11.71 15.24
C LYS A 434 28.80 13.10 14.68
N ASN A 435 29.25 13.34 13.45
CA ASN A 435 29.43 14.68 12.94
C ASN A 435 29.03 14.75 11.47
N GLU A 436 29.24 15.93 10.89
CA GLU A 436 28.82 16.16 9.52
C GLU A 436 29.60 15.30 8.54
N ASP A 437 30.90 15.09 8.80
CA ASP A 437 31.68 14.28 7.88
C ASP A 437 31.18 12.83 7.89
N ASP A 438 30.87 12.29 9.08
CA ASP A 438 30.26 10.98 9.19
C ASP A 438 29.06 10.82 8.28
N VAL A 439 28.16 11.80 8.29
CA VAL A 439 26.94 11.72 7.50
C VAL A 439 27.27 11.76 6.00
N LYS A 440 28.15 12.68 5.59
CA LYS A 440 28.58 12.75 4.20
C LYS A 440 29.13 11.40 3.71
N SER A 441 29.89 10.72 4.57
CA SER A 441 30.52 9.46 4.18
C SER A 441 29.52 8.33 3.99
N LEU A 442 28.28 8.47 4.48
CA LEU A 442 27.32 7.39 4.30
C LEU A 442 26.95 7.14 2.83
N SER A 443 27.25 8.07 1.93
CA SER A 443 27.00 7.83 0.51
C SER A 443 27.74 6.59 0.04
N ARG A 444 28.87 6.25 0.69
CA ARG A 444 29.56 5.01 0.36
C ARG A 444 28.73 3.80 0.77
N VAL A 445 28.03 3.88 1.92
CA VAL A 445 27.12 2.81 2.28
C VAL A 445 26.06 2.65 1.19
N MET A 446 25.50 3.78 0.71
CA MET A 446 24.35 3.69 -0.19
C MET A 446 24.73 3.01 -1.50
N ILE A 447 25.90 3.35 -2.04
CA ILE A 447 26.34 2.70 -3.25
C ILE A 447 26.52 1.21 -3.00
N HIS A 448 27.05 0.85 -1.82
CA HIS A 448 27.23 -0.59 -1.56
C HIS A 448 25.90 -1.36 -1.52
N VAL A 449 24.76 -0.68 -1.31
CA VAL A 449 23.48 -1.38 -1.36
C VAL A 449 23.26 -2.01 -2.73
N PHE A 450 23.80 -1.40 -3.79
CA PHE A 450 23.47 -1.77 -5.15
C PHE A 450 24.65 -2.36 -5.91
N SER A 451 25.76 -2.62 -5.24
CA SER A 451 26.99 -2.97 -5.90
C SER A 451 27.00 -4.37 -6.49
N ASP A 452 26.14 -5.26 -6.03
CA ASP A 452 26.01 -6.55 -6.72
C ASP A 452 25.22 -6.42 -8.04
N GLY A 453 24.79 -5.23 -8.41
CA GLY A 453 24.11 -5.02 -9.68
C GLY A 453 22.61 -5.20 -9.67
N VAL A 454 22.02 -5.52 -8.54
CA VAL A 454 20.58 -5.75 -8.43
C VAL A 454 19.89 -4.48 -7.94
N THR A 455 18.75 -4.17 -8.54
CA THR A 455 17.89 -3.08 -8.11
C THR A 455 16.49 -3.63 -7.95
N ASN A 456 15.84 -3.34 -6.82
CA ASN A 456 14.41 -3.63 -6.71
C ASN A 456 13.80 -2.67 -5.68
N TRP A 457 12.47 -2.60 -5.66
CA TRP A 457 11.81 -1.64 -4.78
C TRP A 457 12.09 -1.92 -3.31
N GLY A 458 12.29 -3.19 -2.94
CA GLY A 458 12.62 -3.51 -1.57
C GLY A 458 13.91 -2.89 -1.10
N ARG A 459 14.96 -2.98 -1.92
CA ARG A 459 16.21 -2.32 -1.51
C ARG A 459 16.04 -0.81 -1.45
N ILE A 460 15.27 -0.24 -2.39
CA ILE A 460 15.08 1.20 -2.40
C ILE A 460 14.37 1.65 -1.14
N VAL A 461 13.27 0.98 -0.78
CA VAL A 461 12.53 1.42 0.41
C VAL A 461 13.35 1.15 1.67
N THR A 462 14.16 0.09 1.68
CA THR A 462 14.98 -0.19 2.85
C THR A 462 16.01 0.89 3.08
N LEU A 463 16.64 1.36 1.99
CA LEU A 463 17.60 2.43 2.11
C LEU A 463 16.92 3.71 2.63
N ILE A 464 15.76 4.04 2.10
CA ILE A 464 15.08 5.22 2.64
C ILE A 464 14.68 4.98 4.11
N SER A 465 14.26 3.75 4.44
CA SER A 465 13.91 3.44 5.83
C SER A 465 15.10 3.60 6.76
N PHE A 466 16.28 3.11 6.33
CA PHE A 466 17.48 3.30 7.14
C PHE A 466 17.84 4.78 7.24
N GLY A 467 17.60 5.54 6.16
CA GLY A 467 17.76 6.99 6.23
C GLY A 467 16.89 7.61 7.31
N ALA A 468 15.63 7.23 7.37
CA ALA A 468 14.79 7.69 8.49
C ALA A 468 15.34 7.24 9.86
N PHE A 469 15.84 6.01 9.95
CA PHE A 469 16.41 5.53 11.20
C PHE A 469 17.62 6.35 11.62
N VAL A 470 18.50 6.68 10.67
CA VAL A 470 19.65 7.53 10.96
C VAL A 470 19.20 8.95 11.31
N ALA A 471 18.21 9.47 10.62
CA ALA A 471 17.71 10.81 10.90
C ALA A 471 17.17 10.92 12.33
N LYS A 472 16.43 9.91 12.80
CA LYS A 472 15.98 9.97 14.19
C LYS A 472 17.17 10.10 15.15
N HIS A 473 18.22 9.33 14.87
CA HIS A 473 19.45 9.40 15.66
C HIS A 473 20.10 10.78 15.55
N LEU A 474 20.04 11.41 14.39
CA LEU A 474 20.71 12.71 14.25
C LEU A 474 20.06 13.78 15.14
N LYS A 475 18.73 13.85 15.18
CA LYS A 475 18.08 14.75 16.14
C LYS A 475 18.50 14.44 17.57
N THR A 476 18.58 13.16 17.91
CA THR A 476 19.00 12.74 19.24
C THR A 476 20.36 13.30 19.63
N ILE A 477 21.30 13.40 18.69
CA ILE A 477 22.65 13.92 19.02
C ILE A 477 22.82 15.39 18.60
N ASN A 478 21.72 16.14 18.44
CA ASN A 478 21.81 17.57 18.15
C ASN A 478 22.56 17.82 16.83
N GLN A 479 22.26 17.03 15.82
CA GLN A 479 22.75 17.19 14.45
C GLN A 479 21.58 17.20 13.48
N GLU A 480 20.47 17.82 13.88
CA GLU A 480 19.25 17.78 13.10
C GLU A 480 19.43 18.44 11.76
N SER A 481 20.38 19.37 11.65
CA SER A 481 20.60 20.05 10.38
C SER A 481 21.15 19.11 9.32
N CYS A 482 21.70 17.96 9.73
CA CYS A 482 22.22 16.96 8.83
C CYS A 482 21.15 16.08 8.21
N ILE A 483 19.88 16.26 8.56
CA ILE A 483 18.89 15.32 8.05
C ILE A 483 18.69 15.51 6.55
N GLU A 484 18.54 16.75 6.10
CA GLU A 484 18.21 16.89 4.70
CA GLU A 484 18.23 16.98 4.70
C GLU A 484 19.42 16.70 3.80
N PRO A 485 20.66 16.97 4.23
CA PRO A 485 21.79 16.51 3.40
C PRO A 485 21.78 15.01 3.20
N LEU A 486 21.38 14.28 4.25
CA LEU A 486 21.23 12.83 4.13
C LEU A 486 20.17 12.47 3.09
N ALA A 487 19.02 13.11 3.16
CA ALA A 487 17.97 12.85 2.21
C ALA A 487 18.45 13.18 0.81
N GLU A 488 19.24 14.23 0.68
CA GLU A 488 19.73 14.62 -0.64
C GLU A 488 20.69 13.58 -1.18
N SER A 489 21.58 13.03 -0.34
CA SER A 489 22.52 12.03 -0.85
C SER A 489 21.80 10.73 -1.20
N ILE A 490 20.78 10.35 -0.45
CA ILE A 490 19.99 9.20 -0.86
C ILE A 490 19.34 9.45 -2.20
N THR A 491 18.75 10.63 -2.34
CA THR A 491 18.09 10.98 -3.58
C THR A 491 19.08 10.97 -4.73
N ASP A 492 20.27 11.50 -4.51
CA ASP A 492 21.30 11.54 -5.57
C ASP A 492 21.71 10.15 -6.05
N VAL A 493 22.02 9.24 -5.12
CA VAL A 493 22.39 7.88 -5.51
C VAL A 493 21.29 7.24 -6.34
N LEU A 494 20.03 7.43 -5.96
CA LEU A 494 18.92 6.84 -6.71
C LEU A 494 18.78 7.46 -8.09
N VAL A 495 18.81 8.77 -8.18
CA VAL A 495 18.56 9.39 -9.49
C VAL A 495 19.79 9.28 -10.37
N ARG A 496 20.99 9.42 -9.80
CA ARG A 496 22.19 9.41 -10.65
C ARG A 496 22.48 8.02 -11.21
N THR A 497 22.28 6.96 -10.42
CA THR A 497 22.63 5.61 -10.86
C THR A 497 21.44 4.74 -11.21
N LYS A 498 20.22 5.09 -10.80
CA LYS A 498 19.09 4.19 -11.04
C LYS A 498 17.99 4.86 -11.83
N ARG A 499 18.30 6.00 -12.49
CA ARG A 499 17.32 6.69 -13.30
C ARG A 499 16.61 5.76 -14.26
N ASP A 500 17.36 4.91 -14.98
CA ASP A 500 16.73 4.07 -16.01
C ASP A 500 15.72 3.11 -15.39
N TRP A 501 16.12 2.48 -14.30
CA TRP A 501 15.24 1.55 -13.62
C TRP A 501 14.00 2.26 -13.08
N LEU A 502 14.17 3.43 -12.47
CA LEU A 502 13.02 4.15 -11.94
C LEU A 502 12.02 4.51 -13.04
N VAL A 503 12.51 4.91 -14.21
CA VAL A 503 11.65 5.28 -15.32
C VAL A 503 10.90 4.06 -15.84
N LYS A 504 11.62 2.98 -16.07
CA LYS A 504 10.97 1.75 -16.51
C LYS A 504 9.88 1.28 -15.53
N GLN A 505 10.10 1.47 -14.25
CA GLN A 505 9.18 1.03 -13.22
C GLN A 505 8.14 2.08 -12.87
N ARG A 506 8.06 3.16 -13.66
CA ARG A 506 7.03 4.20 -13.51
C ARG A 506 7.24 5.03 -12.25
N GLY A 507 8.50 5.17 -11.86
CA GLY A 507 8.80 6.10 -10.81
C GLY A 507 7.95 5.90 -9.54
N TRP A 508 7.54 7.01 -8.95
CA TRP A 508 6.85 6.96 -7.68
C TRP A 508 5.43 6.44 -7.78
N ASP A 509 4.79 6.51 -8.95
CA ASP A 509 3.53 5.80 -9.11
C ASP A 509 3.73 4.28 -9.03
N GLY A 510 4.79 3.78 -9.66
CA GLY A 510 5.12 2.37 -9.53
C GLY A 510 5.48 1.97 -8.11
N PHE A 511 6.18 2.86 -7.40
CA PHE A 511 6.47 2.64 -5.99
C PHE A 511 5.19 2.46 -5.17
N VAL A 512 4.21 3.35 -5.37
CA VAL A 512 2.99 3.25 -4.61
C VAL A 512 2.25 1.95 -4.96
N GLU A 513 2.16 1.67 -6.24
CA GLU A 513 1.55 0.45 -6.74
C GLU A 513 2.19 -0.79 -6.17
N PHE A 514 3.53 -0.86 -6.18
CA PHE A 514 4.19 -2.07 -5.76
C PHE A 514 3.87 -2.42 -4.32
N PHE A 515 3.81 -1.40 -3.46
CA PHE A 515 3.64 -1.55 -2.03
C PHE A 515 2.19 -1.42 -1.62
N HIS A 516 1.26 -1.49 -2.57
CA HIS A 516 -0.15 -1.39 -2.24
C HIS A 516 -0.61 -2.56 -1.38
N VAL A 517 -1.49 -2.28 -0.42
CA VAL A 517 -1.93 -3.30 0.53
C VAL A 517 -2.53 -4.52 -0.14
N ALA B 1 -31.20 -0.96 57.85
CA ALA B 1 -29.73 -0.75 57.74
C ALA B 1 -29.48 0.66 57.21
N ILE B 2 -28.23 1.00 56.89
CA ILE B 2 -27.87 2.33 56.30
C ILE B 2 -27.93 3.42 57.37
N GLU B 3 -26.78 3.99 57.73
CA GLU B 3 -26.68 5.02 58.79
C GLU B 3 -27.41 6.31 58.39
N GLU B 4 -28.21 6.88 59.30
CA GLU B 4 -29.04 8.05 59.08
C GLU B 4 -28.39 9.40 59.25
N GLY B 5 -27.08 9.51 59.44
CA GLY B 5 -26.47 10.83 59.47
C GLY B 5 -25.18 10.94 58.67
N LYS B 6 -25.05 10.13 57.61
CA LYS B 6 -23.80 9.88 56.92
C LYS B 6 -24.12 9.50 55.50
N LEU B 7 -23.14 9.65 54.61
CA LEU B 7 -23.30 9.21 53.21
C LEU B 7 -22.29 8.12 52.90
N VAL B 8 -22.76 7.04 52.29
CA VAL B 8 -21.90 5.98 51.82
C VAL B 8 -22.01 5.90 50.30
N ILE B 9 -20.87 5.97 49.62
CA ILE B 9 -20.86 6.05 48.16
C ILE B 9 -20.07 4.89 47.56
N TRP B 10 -20.65 4.24 46.55
CA TRP B 10 -19.97 3.21 45.79
C TRP B 10 -19.72 3.68 44.36
N ILE B 11 -18.49 3.50 43.91
CA ILE B 11 -18.08 3.81 42.56
C ILE B 11 -17.05 2.76 42.15
N ASN B 12 -16.98 2.47 40.86
CA ASN B 12 -16.07 1.40 40.46
C ASN B 12 -14.61 1.80 40.65
N GLY B 13 -13.77 0.77 40.86
CA GLY B 13 -12.39 0.95 41.23
C GLY B 13 -11.49 1.51 40.13
N ASP B 14 -11.96 1.57 38.88
CA ASP B 14 -11.20 2.24 37.83
C ASP B 14 -11.47 3.73 37.74
N LYS B 15 -12.42 4.27 38.51
CA LYS B 15 -12.77 5.68 38.44
C LYS B 15 -12.02 6.46 39.53
N GLY B 16 -12.19 7.79 39.53
CA GLY B 16 -11.49 8.65 40.47
C GLY B 16 -12.11 8.71 41.85
N TYR B 17 -12.13 7.57 42.54
CA TYR B 17 -12.78 7.51 43.85
C TYR B 17 -12.03 8.32 44.91
N ASN B 18 -10.70 8.50 44.75
CA ASN B 18 -9.98 9.34 45.69
C ASN B 18 -10.32 10.81 45.46
N GLY B 19 -10.50 11.20 44.21
CA GLY B 19 -10.98 12.55 43.94
C GLY B 19 -12.38 12.75 44.48
N LEU B 20 -13.24 11.75 44.31
CA LEU B 20 -14.59 11.84 44.81
C LEU B 20 -14.59 12.01 46.33
N ALA B 21 -13.75 11.25 47.01
CA ALA B 21 -13.60 11.37 48.45
C ALA B 21 -13.09 12.73 48.86
N GLU B 22 -12.32 13.41 48.00
CA GLU B 22 -11.93 14.78 48.27
C GLU B 22 -13.14 15.71 48.26
N VAL B 23 -14.08 15.50 47.34
CA VAL B 23 -15.31 16.26 47.38
C VAL B 23 -16.05 15.94 48.68
N GLY B 24 -16.04 14.66 49.07
CA GLY B 24 -16.68 14.26 50.31
C GLY B 24 -16.10 14.93 51.53
N LYS B 25 -14.78 15.13 51.56
CA LYS B 25 -14.15 15.81 52.67
C LYS B 25 -14.60 17.26 52.73
N LYS B 26 -14.85 17.88 51.59
CA LYS B 26 -15.38 19.23 51.52
C LYS B 26 -16.83 19.32 51.98
N PHE B 27 -17.64 18.34 51.60
CA PHE B 27 -18.98 18.25 52.14
C PHE B 27 -18.94 18.11 53.66
N GLU B 28 -17.99 17.30 54.16
CA GLU B 28 -17.89 17.08 55.60
C GLU B 28 -17.50 18.37 56.27
N LYS B 29 -16.57 19.15 55.69
CA LYS B 29 -16.23 20.45 56.31
C LYS B 29 -17.45 21.35 56.51
N ASP B 30 -18.20 21.55 55.45
CA ASP B 30 -19.33 22.44 55.43
C ASP B 30 -20.53 21.98 56.23
N THR B 31 -20.67 20.68 56.47
CA THR B 31 -21.91 20.14 57.03
C THR B 31 -21.76 19.30 58.27
N GLY B 32 -20.57 18.79 58.56
CA GLY B 32 -20.41 17.80 59.59
C GLY B 32 -20.71 16.38 59.15
N ILE B 33 -21.25 16.19 57.94
CA ILE B 33 -21.67 14.86 57.49
C ILE B 33 -20.46 14.13 56.90
N LYS B 34 -20.15 12.95 57.45
CA LYS B 34 -19.03 12.14 56.95
C LYS B 34 -19.45 11.43 55.66
N VAL B 35 -18.55 11.42 54.67
CA VAL B 35 -18.77 10.79 53.37
C VAL B 35 -17.71 9.70 53.20
N THR B 36 -18.17 8.46 53.07
CA THR B 36 -17.31 7.29 52.88
C THR B 36 -17.44 6.83 51.43
N VAL B 37 -16.32 6.80 50.71
CA VAL B 37 -16.32 6.29 49.34
C VAL B 37 -15.68 4.91 49.32
N GLU B 38 -16.37 3.97 48.70
CA GLU B 38 -15.89 2.61 48.55
C GLU B 38 -16.00 2.19 47.09
N HIS B 39 -15.19 1.22 46.71
CA HIS B 39 -15.21 0.65 45.37
C HIS B 39 -15.21 -0.86 45.50
N PRO B 40 -16.33 -1.44 45.96
CA PRO B 40 -16.41 -2.89 46.09
C PRO B 40 -16.20 -3.55 44.75
N ASP B 41 -15.67 -4.77 44.76
CA ASP B 41 -15.60 -5.51 43.52
C ASP B 41 -17.02 -5.91 43.09
N LYS B 42 -17.24 -5.92 41.78
CA LYS B 42 -18.50 -6.35 41.19
C LYS B 42 -19.71 -5.56 41.70
N LEU B 43 -19.54 -4.24 41.90
CA LEU B 43 -20.58 -3.48 42.60
C LEU B 43 -21.86 -3.40 41.78
N GLU B 44 -21.78 -3.48 40.44
CA GLU B 44 -23.00 -3.39 39.63
C GLU B 44 -23.87 -4.64 39.79
N GLU B 45 -23.29 -5.75 40.27
CA GLU B 45 -24.06 -6.94 40.65
C GLU B 45 -24.39 -6.95 42.15
N LYS B 46 -23.47 -6.47 43.00
CA LYS B 46 -23.75 -6.46 44.44
C LYS B 46 -24.82 -5.43 44.79
N PHE B 47 -24.79 -4.27 44.18
CA PHE B 47 -25.73 -3.25 44.61
C PHE B 47 -27.18 -3.71 44.57
N PRO B 48 -27.67 -4.28 43.47
CA PRO B 48 -29.07 -4.73 43.51
C PRO B 48 -29.28 -5.84 44.54
N GLN B 49 -28.24 -6.63 44.84
CA GLN B 49 -28.35 -7.65 45.87
C GLN B 49 -28.55 -7.01 47.24
N VAL B 50 -27.61 -6.16 47.66
CA VAL B 50 -27.73 -5.61 49.01
C VAL B 50 -28.89 -4.64 49.09
N ALA B 51 -29.13 -3.87 48.03
CA ALA B 51 -30.22 -2.90 48.07
C ALA B 51 -31.57 -3.61 48.14
N THR B 53 -32.27 -6.11 49.97
CA THR B 53 -32.49 -6.34 51.39
C THR B 53 -32.59 -5.02 52.17
N GLY B 54 -32.70 -3.89 51.48
CA GLY B 54 -32.78 -2.60 52.14
C GLY B 54 -31.46 -2.07 52.70
N ASP B 55 -30.33 -2.64 52.31
CA ASP B 55 -29.00 -2.18 52.71
C ASP B 55 -28.26 -1.52 51.52
N GLY B 56 -26.96 -1.34 51.68
CA GLY B 56 -26.12 -0.84 50.62
C GLY B 56 -25.79 0.62 50.77
N PRO B 57 -25.23 1.22 49.72
CA PRO B 57 -24.84 2.62 49.78
C PRO B 57 -26.04 3.54 49.65
N ASP B 58 -25.84 4.78 50.10
CA ASP B 58 -26.79 5.84 49.83
C ASP B 58 -26.78 6.22 48.35
N ILE B 59 -25.58 6.23 47.76
CA ILE B 59 -25.38 6.66 46.37
C ILE B 59 -24.61 5.59 45.61
N ILE B 60 -25.08 5.21 44.43
CA ILE B 60 -24.38 4.21 43.61
C ILE B 60 -23.99 4.87 42.28
N PHE B 61 -22.74 4.76 41.90
CA PHE B 61 -22.24 5.25 40.63
C PHE B 61 -22.00 4.11 39.63
N TRP B 62 -22.60 4.18 38.44
CA TRP B 62 -22.31 3.23 37.37
C TRP B 62 -22.77 3.86 36.06
N ALA B 63 -22.30 3.30 34.93
CA ALA B 63 -22.87 3.70 33.65
C ALA B 63 -24.37 3.46 33.70
N HIS B 64 -25.11 4.25 32.95
CA HIS B 64 -26.56 4.28 33.02
C HIS B 64 -27.24 3.00 32.56
N ASP B 65 -26.53 2.09 31.88
CA ASP B 65 -27.23 0.96 31.28
C ASP B 65 -27.83 0.03 32.32
N ARG B 66 -27.25 -0.04 33.51
CA ARG B 66 -27.75 -0.92 34.57
C ARG B 66 -28.87 -0.29 35.39
N PHE B 67 -29.12 1.02 35.24
CA PHE B 67 -30.01 1.70 36.18
C PHE B 67 -31.48 1.38 35.93
N GLY B 68 -31.85 1.07 34.70
CA GLY B 68 -33.23 0.67 34.46
C GLY B 68 -33.67 -0.56 35.23
N GLY B 69 -32.82 -1.59 35.28
CA GLY B 69 -33.14 -2.75 36.05
C GLY B 69 -33.18 -2.46 37.54
N TYR B 70 -32.29 -1.59 38.01
CA TYR B 70 -32.36 -1.17 39.39
C TYR B 70 -33.70 -0.49 39.67
N ALA B 71 -34.09 0.43 38.81
CA ALA B 71 -35.33 1.16 39.02
C ALA B 71 -36.53 0.21 38.95
N GLN B 72 -36.57 -0.68 37.95
CA GLN B 72 -37.67 -1.63 37.85
C GLN B 72 -37.80 -2.45 39.14
N SER B 73 -36.70 -2.79 39.78
CA SER B 73 -36.80 -3.52 41.04
C SER B 73 -37.13 -2.62 42.23
N GLY B 74 -37.42 -1.34 42.00
CA GLY B 74 -37.72 -0.43 43.08
C GLY B 74 -36.55 -0.04 43.93
N LEU B 75 -35.30 -0.18 43.44
CA LEU B 75 -34.13 0.05 44.25
C LEU B 75 -33.59 1.47 44.19
N LEU B 76 -34.14 2.34 43.37
CA LEU B 76 -33.65 3.69 43.22
C LEU B 76 -34.73 4.69 43.59
N ALA B 77 -34.33 5.78 44.22
CA ALA B 77 -35.24 6.89 44.44
C ALA B 77 -35.36 7.70 43.17
N GLU B 78 -36.57 8.17 42.89
CA GLU B 78 -36.74 9.19 41.88
C GLU B 78 -36.06 10.47 42.34
N ILE B 79 -35.22 11.05 41.52
CA ILE B 79 -34.48 12.23 41.93
C ILE B 79 -35.29 13.45 41.62
N THR B 80 -34.96 14.57 42.24
CA THR B 80 -35.83 15.75 42.27
C THR B 80 -35.10 17.04 41.91
N PRO B 81 -34.32 17.09 40.85
CA PRO B 81 -33.70 18.34 40.42
C PRO B 81 -34.76 19.29 39.91
N ASP B 82 -34.62 20.57 40.25
CA ASP B 82 -35.54 21.57 39.73
C ASP B 82 -35.11 22.00 38.32
N LYS B 83 -35.94 22.84 37.69
CA LYS B 83 -35.71 23.20 36.28
C LYS B 83 -34.36 23.86 36.09
N ALA B 84 -33.99 24.75 37.01
CA ALA B 84 -32.72 25.45 36.86
C ALA B 84 -31.55 24.48 36.96
N PHE B 85 -31.66 23.46 37.82
CA PHE B 85 -30.54 22.54 37.89
C PHE B 85 -30.44 21.70 36.61
N GLN B 86 -31.59 21.19 36.12
CA GLN B 86 -31.60 20.41 34.90
C GLN B 86 -30.97 21.18 33.77
N ASP B 87 -31.12 22.50 33.77
CA ASP B 87 -30.57 23.27 32.66
C ASP B 87 -29.05 23.33 32.67
N LYS B 88 -28.43 22.98 33.79
CA LYS B 88 -26.98 23.03 33.83
C LYS B 88 -26.33 21.84 33.13
N LEU B 89 -27.09 20.81 32.81
CA LEU B 89 -26.53 19.60 32.23
C LEU B 89 -27.15 19.39 30.85
N TYR B 90 -26.39 18.74 29.98
CA TYR B 90 -26.84 18.54 28.61
C TYR B 90 -28.12 17.72 28.57
N PRO B 91 -29.08 18.08 27.71
CA PRO B 91 -30.32 17.30 27.68
C PRO B 91 -30.13 15.84 27.29
N PHE B 92 -29.15 15.50 26.46
CA PHE B 92 -29.05 14.09 26.08
C PHE B 92 -28.55 13.23 27.24
N THR B 93 -27.87 13.82 28.22
CA THR B 93 -27.51 13.06 29.40
C THR B 93 -28.68 12.82 30.34
N TRP B 94 -29.62 13.77 30.44
CA TRP B 94 -30.83 13.48 31.19
C TRP B 94 -31.61 12.35 30.55
N ASP B 95 -31.66 12.31 29.22
CA ASP B 95 -32.40 11.25 28.55
C ASP B 95 -31.86 9.87 28.88
N ALA B 96 -30.55 9.76 29.10
CA ALA B 96 -29.94 8.47 29.40
C ALA B 96 -30.37 7.94 30.78
N VAL B 97 -30.74 8.84 31.70
CA VAL B 97 -31.10 8.44 33.07
C VAL B 97 -32.61 8.55 33.31
N ARG B 98 -33.40 8.50 32.26
CA ARG B 98 -34.85 8.48 32.33
C ARG B 98 -35.34 7.06 32.14
N TYR B 99 -36.25 6.63 33.01
CA TYR B 99 -36.82 5.30 32.97
C TYR B 99 -38.32 5.39 33.28
N ASN B 100 -39.14 4.85 32.40
CA ASN B 100 -40.61 5.00 32.53
C ASN B 100 -40.98 6.44 32.86
N GLY B 101 -40.38 7.39 32.14
CA GLY B 101 -40.70 8.80 32.26
C GLY B 101 -40.11 9.51 33.46
N LYS B 102 -39.39 8.83 34.34
CA LYS B 102 -38.86 9.43 35.56
C LYS B 102 -37.34 9.46 35.52
N LEU B 103 -36.78 10.54 36.07
CA LEU B 103 -35.34 10.61 36.27
C LEU B 103 -34.96 9.75 37.46
N ILE B 104 -34.03 8.82 37.25
CA ILE B 104 -33.63 7.88 38.27
C ILE B 104 -32.18 8.04 38.67
N ALA B 105 -31.48 9.04 38.14
CA ALA B 105 -30.07 9.15 38.49
C ALA B 105 -29.57 10.50 37.97
N TYR B 106 -28.48 10.96 38.55
CA TYR B 106 -27.84 12.18 38.07
C TYR B 106 -26.77 11.80 37.06
N PRO B 107 -26.81 12.33 35.83
CA PRO B 107 -25.72 12.06 34.89
C PRO B 107 -24.46 12.82 35.29
N ILE B 108 -23.31 12.19 35.08
CA ILE B 108 -22.03 12.78 35.45
C ILE B 108 -21.15 13.02 34.23
N ALA B 109 -20.97 11.98 33.38
CA ALA B 109 -20.07 12.12 32.25
C ALA B 109 -20.35 11.07 31.17
N VAL B 110 -20.00 11.43 29.95
CA VAL B 110 -20.15 10.56 28.80
C VAL B 110 -18.80 9.91 28.55
N GLU B 111 -18.81 8.60 28.39
CA GLU B 111 -17.63 7.76 28.21
C GLU B 111 -17.77 7.00 26.90
N ALA B 112 -16.65 6.85 26.19
CA ALA B 112 -16.56 5.94 25.07
C ALA B 112 -15.14 5.43 25.00
N LEU B 113 -14.97 4.25 24.43
CA LEU B 113 -13.63 3.74 24.22
C LEU B 113 -12.96 4.42 23.01
N SER B 114 -11.64 4.57 23.10
CA SER B 114 -10.80 5.02 21.98
C SER B 114 -9.60 4.10 21.80
N LEU B 115 -8.93 4.26 20.66
CA LEU B 115 -7.65 3.61 20.44
C LEU B 115 -6.59 4.47 21.09
N ILE B 116 -5.75 3.85 21.91
CA ILE B 116 -4.64 4.52 22.56
C ILE B 116 -3.36 3.90 21.99
N TYR B 117 -2.43 4.75 21.58
CA TYR B 117 -1.22 4.24 20.96
C TYR B 117 0.03 4.93 21.49
N ASN B 118 1.10 4.18 21.46
CA ASN B 118 2.41 4.62 21.93
C ASN B 118 3.14 5.29 20.75
N LYS B 119 3.35 6.62 20.87
CA LYS B 119 3.87 7.41 19.75
C LYS B 119 5.32 7.08 19.42
N ASP B 120 6.10 6.63 20.41
CA ASP B 120 7.49 6.30 20.13
C ASP B 120 7.61 4.94 19.42
N LEU B 121 6.77 3.97 19.77
CA LEU B 121 6.77 2.70 19.10
C LEU B 121 6.07 2.80 17.75
N LEU B 122 5.13 3.74 17.59
CA LEU B 122 4.13 3.67 16.52
C LEU B 122 3.63 5.08 16.21
N PRO B 123 4.47 5.88 15.55
CA PRO B 123 4.05 7.23 15.18
C PRO B 123 2.94 7.22 14.15
N ASN B 124 2.79 6.15 13.38
CA ASN B 124 1.75 6.04 12.36
C ASN B 124 0.91 4.79 12.62
N PRO B 125 -0.05 4.88 13.53
CA PRO B 125 -0.83 3.72 13.89
C PRO B 125 -1.77 3.35 12.72
N PRO B 126 -2.15 2.08 12.63
CA PRO B 126 -3.04 1.66 11.53
C PRO B 126 -4.41 2.27 11.66
N LYS B 127 -5.06 2.47 10.52
CA LYS B 127 -6.45 2.94 10.48
C LYS B 127 -7.47 1.80 10.44
N THR B 128 -7.03 0.58 10.17
CA THR B 128 -7.93 -0.54 9.97
C THR B 128 -7.53 -1.69 10.88
N TRP B 129 -8.53 -2.41 11.36
CA TRP B 129 -8.22 -3.66 12.06
C TRP B 129 -7.44 -4.65 11.18
N GLU B 130 -7.73 -4.64 9.88
CA GLU B 130 -7.10 -5.62 8.97
C GLU B 130 -5.59 -5.52 8.94
N GLU B 131 -5.02 -4.34 9.30
CA GLU B 131 -3.58 -4.18 9.31
C GLU B 131 -2.87 -4.74 10.54
N ILE B 132 -3.60 -5.08 11.60
CA ILE B 132 -2.96 -5.37 12.88
C ILE B 132 -2.15 -6.67 12.80
N PRO B 133 -2.61 -7.72 12.10
CA PRO B 133 -1.77 -8.95 12.05
C PRO B 133 -0.39 -8.70 11.44
N ALA B 134 -0.35 -8.07 10.27
CA ALA B 134 0.96 -7.75 9.67
C ALA B 134 1.77 -6.82 10.58
N LEU B 135 1.10 -5.84 11.24
CA LEU B 135 1.82 -4.98 12.16
C LEU B 135 2.35 -5.76 13.36
N ASP B 136 1.56 -6.68 13.88
CA ASP B 136 2.04 -7.42 15.05
C ASP B 136 3.26 -8.29 14.70
N LYS B 137 3.27 -8.91 13.51
CA LYS B 137 4.45 -9.69 13.11
C LYS B 137 5.70 -8.81 13.10
N GLU B 138 5.58 -7.57 12.60
CA GLU B 138 6.73 -6.67 12.59
C GLU B 138 7.22 -6.34 13.99
N LEU B 139 6.29 -6.06 14.91
CA LEU B 139 6.69 -5.71 16.27
C LEU B 139 7.20 -6.92 17.04
N LYS B 140 6.69 -8.11 16.73
CA LYS B 140 7.25 -9.28 17.40
C LYS B 140 8.73 -9.42 17.09
N ALA B 141 9.15 -9.12 15.84
CA ALA B 141 10.56 -9.23 15.47
C ALA B 141 11.42 -8.30 16.27
N LYS B 142 10.78 -7.32 16.91
CA LYS B 142 11.36 -6.31 17.78
C LYS B 142 11.17 -6.58 19.27
N GLY B 143 10.53 -7.67 19.65
CA GLY B 143 10.27 -7.92 21.06
C GLY B 143 9.08 -7.17 21.64
N LYS B 144 8.11 -6.82 20.80
CA LYS B 144 6.92 -6.12 21.24
C LYS B 144 5.68 -6.73 20.60
N SER B 145 4.52 -6.14 20.88
CA SER B 145 3.30 -6.56 20.21
C SER B 145 2.48 -5.34 19.77
N ALA B 146 1.59 -5.55 18.82
CA ALA B 146 0.79 -4.46 18.29
C ALA B 146 -0.26 -3.96 19.28
N LEU B 147 -1.05 -4.87 19.88
CA LEU B 147 -2.26 -4.48 20.58
C LEU B 147 -2.62 -5.44 21.72
N MET B 148 -2.87 -4.89 22.91
CA MET B 148 -3.44 -5.63 24.04
C MET B 148 -4.57 -4.84 24.65
N PHE B 149 -5.71 -5.51 24.86
CA PHE B 149 -6.85 -4.90 25.52
C PHE B 149 -7.65 -6.01 26.21
N ASN B 150 -8.53 -5.57 27.11
CA ASN B 150 -9.35 -6.48 27.89
C ASN B 150 -10.26 -7.33 27.02
N LEU B 151 -9.98 -8.62 26.91
CA LEU B 151 -10.87 -9.54 26.21
C LEU B 151 -11.88 -10.23 27.15
N GLN B 152 -11.91 -9.90 28.45
CA GLN B 152 -12.80 -10.61 29.35
C GLN B 152 -14.16 -9.93 29.51
N GLU B 153 -14.29 -8.69 29.07
CA GLU B 153 -15.50 -7.88 29.21
C GLU B 153 -15.97 -7.50 27.82
N PRO B 154 -17.18 -7.91 27.44
CA PRO B 154 -17.64 -7.65 26.06
C PRO B 154 -17.76 -6.16 25.73
N TYR B 155 -17.75 -5.27 26.74
CA TYR B 155 -17.70 -3.82 26.50
C TYR B 155 -16.53 -3.45 25.57
N PHE B 156 -15.39 -4.13 25.73
CA PHE B 156 -14.20 -3.77 24.98
C PHE B 156 -14.11 -4.42 23.59
N THR B 157 -14.79 -5.54 23.38
CA THR B 157 -14.79 -6.21 22.10
C THR B 157 -16.00 -5.84 21.27
N TRP B 158 -17.00 -5.27 21.91
CA TRP B 158 -18.20 -4.88 21.20
C TRP B 158 -17.97 -3.93 20.04
N PRO B 159 -17.11 -2.92 20.13
CA PRO B 159 -16.93 -2.02 18.97
C PRO B 159 -16.62 -2.74 17.67
N LEU B 160 -15.75 -3.76 17.74
CA LEU B 160 -15.34 -4.53 16.54
C LEU B 160 -16.49 -5.44 16.10
N ILE B 161 -17.22 -6.06 17.06
CA ILE B 161 -18.37 -6.91 16.75
C ILE B 161 -19.48 -6.10 16.10
N ALA B 162 -19.66 -4.86 16.53
CA ALA B 162 -20.76 -4.07 16.00
C ALA B 162 -20.41 -3.40 14.67
N ALA B 163 -19.12 -3.33 14.32
CA ALA B 163 -18.69 -2.54 13.15
C ALA B 163 -19.43 -2.90 11.87
N ASP B 164 -19.46 -4.20 11.55
CA ASP B 164 -20.11 -4.71 10.35
C ASP B 164 -21.55 -5.15 10.60
N GLY B 165 -22.14 -4.85 11.78
CA GLY B 165 -23.58 -5.03 11.94
C GLY B 165 -24.22 -5.60 13.20
N GLY B 166 -23.44 -5.95 14.22
CA GLY B 166 -24.05 -6.40 15.47
C GLY B 166 -24.83 -5.28 16.15
N TYR B 167 -25.83 -5.69 16.94
CA TYR B 167 -26.56 -4.73 17.78
C TYR B 167 -27.21 -5.45 18.97
N ALA B 168 -27.65 -4.66 19.95
CA ALA B 168 -28.23 -5.21 21.18
C ALA B 168 -29.73 -5.53 21.16
N PHE B 169 -30.54 -4.55 20.77
CA PHE B 169 -31.98 -4.74 20.58
C PHE B 169 -32.37 -3.64 19.60
N LYS B 170 -33.19 -3.97 18.59
CA LYS B 170 -33.72 -2.98 17.68
C LYS B 170 -34.79 -2.11 18.36
N TYR B 171 -34.75 -0.79 18.12
CA TYR B 171 -35.80 0.11 18.58
C TYR B 171 -36.74 0.56 17.43
N LYS B 175 -39.75 2.39 22.15
CA LYS B 175 -39.60 1.08 22.77
C LYS B 175 -38.55 0.21 22.08
N TYR B 176 -37.64 -0.36 22.88
CA TYR B 176 -36.76 -1.43 22.39
C TYR B 176 -37.50 -2.76 22.32
N ASP B 177 -37.19 -3.57 21.31
CA ASP B 177 -37.80 -4.92 21.15
C ASP B 177 -36.84 -5.93 21.78
N ILE B 178 -37.19 -6.49 22.94
CA ILE B 178 -36.28 -7.44 23.67
C ILE B 178 -36.24 -8.79 22.93
N LYS B 179 -37.20 -9.04 22.01
CA LYS B 179 -37.28 -10.30 21.24
C LYS B 179 -36.47 -10.22 19.94
N ASP B 180 -35.69 -9.15 19.71
CA ASP B 180 -34.83 -9.03 18.54
C ASP B 180 -33.43 -8.63 19.02
N VAL B 181 -32.66 -9.61 19.44
CA VAL B 181 -31.29 -9.40 19.89
C VAL B 181 -30.45 -9.45 18.62
N GLY B 182 -29.36 -8.69 18.60
CA GLY B 182 -28.69 -8.46 17.33
C GLY B 182 -27.28 -9.00 17.22
N VAL B 183 -27.01 -10.14 17.85
CA VAL B 183 -25.66 -10.73 17.76
C VAL B 183 -25.59 -11.93 16.83
N ASP B 184 -26.72 -12.45 16.34
CA ASP B 184 -26.73 -13.67 15.52
C ASP B 184 -26.91 -13.32 14.04
N ASN B 185 -26.02 -12.49 13.52
CA ASN B 185 -26.04 -12.05 12.13
C ASN B 185 -24.63 -12.00 11.60
N ALA B 186 -24.55 -11.77 10.29
CA ALA B 186 -23.27 -11.94 9.59
C ALA B 186 -22.24 -10.92 10.07
N GLY B 187 -22.65 -9.70 10.37
CA GLY B 187 -21.69 -8.68 10.73
C GLY B 187 -21.07 -8.96 12.08
N ALA B 188 -21.91 -9.33 13.06
CA ALA B 188 -21.39 -9.75 14.35
C ALA B 188 -20.45 -10.93 14.19
N LYS B 189 -20.82 -11.90 13.36
CA LYS B 189 -19.96 -13.05 13.18
C LYS B 189 -18.66 -12.66 12.50
N ALA B 190 -18.71 -11.71 11.57
CA ALA B 190 -17.48 -11.31 10.89
C ALA B 190 -16.50 -10.68 11.87
N GLY B 191 -17.01 -9.77 12.69
CA GLY B 191 -16.16 -9.11 13.66
C GLY B 191 -15.57 -10.08 14.67
N LEU B 192 -16.43 -10.93 15.25
CA LEU B 192 -15.94 -11.81 16.29
C LEU B 192 -14.97 -12.82 15.70
N THR B 193 -15.25 -13.28 14.49
CA THR B 193 -14.30 -14.15 13.78
C THR B 193 -12.93 -13.48 13.64
N PHE B 194 -12.92 -12.17 13.34
CA PHE B 194 -11.65 -11.47 13.21
C PHE B 194 -10.91 -11.44 14.54
N LEU B 195 -11.63 -11.19 15.61
CA LEU B 195 -11.02 -11.22 16.94
C LEU B 195 -10.45 -12.61 17.26
N VAL B 196 -11.22 -13.66 17.04
CA VAL B 196 -10.76 -15.01 17.36
C VAL B 196 -9.60 -15.43 16.47
N ASP B 197 -9.61 -14.98 15.20
CA ASP B 197 -8.46 -15.22 14.33
C ASP B 197 -7.21 -14.55 14.87
N LEU B 198 -7.32 -13.32 15.41
CA LEU B 198 -6.14 -12.72 16.01
C LEU B 198 -5.56 -13.61 17.12
N ILE B 199 -6.43 -14.19 17.95
CA ILE B 199 -5.98 -15.02 19.05
C ILE B 199 -5.38 -16.31 18.53
N LYS B 200 -6.04 -16.92 17.56
CA LYS B 200 -5.58 -18.16 16.98
C LYS B 200 -4.23 -18.02 16.32
N ASN B 201 -3.93 -16.84 15.76
CA ASN B 201 -2.65 -16.60 15.12
C ASN B 201 -1.64 -15.99 16.08
N LYS B 202 -1.95 -15.95 17.37
CA LYS B 202 -1.07 -15.49 18.44
C LYS B 202 -0.80 -13.98 18.43
N HIS B 203 -1.59 -13.19 17.74
CA HIS B 203 -1.52 -11.74 17.85
C HIS B 203 -2.14 -11.22 19.14
N MET B 204 -3.01 -12.00 19.77
CA MET B 204 -3.57 -11.68 21.07
C MET B 204 -3.70 -12.97 21.88
N ASN B 205 -3.89 -12.84 23.18
CA ASN B 205 -4.02 -13.95 24.10
C ASN B 205 -5.41 -13.90 24.73
N ALA B 206 -6.15 -15.00 24.62
CA ALA B 206 -7.54 -15.07 25.09
C ALA B 206 -7.70 -14.73 26.58
N ASP B 207 -6.65 -14.87 27.36
CA ASP B 207 -6.67 -14.60 28.78
C ASP B 207 -6.38 -13.15 29.13
N THR B 208 -6.09 -12.30 28.16
CA THR B 208 -5.77 -10.92 28.52
C THR B 208 -7.00 -10.27 29.16
N ASP B 209 -6.76 -9.60 30.28
CA ASP B 209 -7.76 -8.88 31.03
C ASP B 209 -7.34 -7.42 31.17
N TYR B 210 -8.13 -6.68 31.93
CA TYR B 210 -7.90 -5.25 32.07
C TYR B 210 -6.50 -5.00 32.63
N SER B 211 -6.15 -5.71 33.70
CA SER B 211 -4.91 -5.41 34.39
CA SER B 211 -4.90 -5.44 34.39
C SER B 211 -3.70 -5.76 33.52
N ILE B 212 -3.75 -6.88 32.79
CA ILE B 212 -2.62 -7.30 31.98
C ILE B 212 -2.37 -6.32 30.83
N ALA B 213 -3.44 -5.89 30.15
CA ALA B 213 -3.33 -4.99 29.02
C ALA B 213 -2.82 -3.64 29.45
N GLU B 214 -3.33 -3.14 30.57
CA GLU B 214 -2.88 -1.84 31.08
C GLU B 214 -1.40 -1.86 31.45
N ALA B 215 -0.96 -2.91 32.14
CA ALA B 215 0.46 -2.97 32.51
C ALA B 215 1.33 -3.08 31.26
N ALA B 216 0.92 -3.88 30.28
CA ALA B 216 1.73 -4.04 29.09
C ALA B 216 1.87 -2.72 28.37
N PHE B 217 0.79 -1.95 28.28
CA PHE B 217 0.88 -0.72 27.52
C PHE B 217 1.66 0.32 28.29
N ASN B 218 1.43 0.41 29.59
CA ASN B 218 2.10 1.41 30.40
C ASN B 218 3.56 1.07 30.66
N LYS B 219 3.98 -0.19 30.40
CA LYS B 219 5.39 -0.59 30.48
C LYS B 219 6.07 -0.55 29.11
N GLY B 220 5.36 -0.12 28.07
CA GLY B 220 5.93 -0.03 26.74
C GLY B 220 6.13 -1.33 26.03
N GLU B 221 5.35 -2.35 26.37
CA GLU B 221 5.49 -3.65 25.74
C GLU B 221 4.58 -3.84 24.54
N THR B 222 3.51 -3.07 24.44
CA THR B 222 2.56 -3.23 23.36
C THR B 222 2.31 -1.82 22.84
N ALA B 223 2.12 -1.73 21.52
CA ALA B 223 2.07 -0.43 20.88
C ALA B 223 0.70 0.22 20.97
N MET B 224 -0.35 -0.55 21.20
CA MET B 224 -1.68 -0.02 21.25
C MET B 224 -2.49 -0.72 22.35
N THR B 225 -3.50 -0.01 22.84
CA THR B 225 -4.51 -0.58 23.71
C THR B 225 -5.84 0.07 23.36
N ILE B 226 -6.93 -0.49 23.87
CA ILE B 226 -8.28 0.08 23.74
C ILE B 226 -8.82 0.35 25.14
N ASN B 227 -9.17 1.61 25.41
CA ASN B 227 -9.59 1.94 26.76
C ASN B 227 -10.28 3.29 26.80
N GLY B 228 -10.84 3.60 27.98
CA GLY B 228 -11.61 4.80 28.15
C GLY B 228 -10.83 5.84 28.88
N PRO B 229 -11.45 7.00 29.09
CA PRO B 229 -10.71 8.14 29.66
C PRO B 229 -10.13 7.91 31.05
N TRP B 230 -10.80 7.11 31.92
CA TRP B 230 -10.28 6.83 33.26
C TRP B 230 -8.84 6.33 33.21
N ALA B 231 -8.44 5.69 32.10
CA ALA B 231 -7.12 5.09 32.00
C ALA B 231 -6.01 6.07 31.68
N TRP B 232 -6.32 7.31 31.27
CA TRP B 232 -5.27 8.21 30.78
C TRP B 232 -4.31 8.62 31.91
N SER B 233 -4.82 8.73 33.14
CA SER B 233 -4.00 9.26 34.21
C SER B 233 -2.85 8.31 34.53
N ASN B 234 -3.12 6.99 34.54
CA ASN B 234 -2.04 6.04 34.76
C ASN B 234 -1.04 6.05 33.59
N ILE B 235 -1.49 6.34 32.38
CA ILE B 235 -0.54 6.43 31.27
C ILE B 235 0.32 7.66 31.45
N ASP B 236 -0.28 8.76 31.92
CA ASP B 236 0.49 9.98 32.21
C ASP B 236 1.64 9.69 33.16
N THR B 237 1.35 8.98 34.24
CA THR B 237 2.39 8.64 35.22
C THR B 237 3.48 7.76 34.61
N SER B 238 3.12 6.91 33.63
CA SER B 238 4.13 6.00 33.06
C SER B 238 5.15 6.72 32.19
N LYS B 239 4.87 7.96 31.79
CA LYS B 239 5.73 8.67 30.85
C LYS B 239 5.89 7.93 29.52
N VAL B 240 4.97 7.01 29.20
CA VAL B 240 4.75 6.66 27.79
C VAL B 240 4.15 7.86 27.11
N ASN B 241 4.69 8.23 25.94
N ASN B 241 4.69 8.21 25.93
CA ASN B 241 4.14 9.34 25.15
CA ASN B 241 4.16 9.27 25.08
C ASN B 241 3.08 8.73 24.24
C ASN B 241 3.06 8.66 24.24
N TYR B 242 1.81 9.05 24.51
CA TYR B 242 0.67 8.38 23.92
C TYR B 242 -0.24 9.35 23.21
N GLY B 243 -0.97 8.83 22.24
CA GLY B 243 -2.06 9.58 21.65
C GLY B 243 -3.37 8.82 21.75
N VAL B 244 -4.47 9.53 21.60
CA VAL B 244 -5.80 8.95 21.67
C VAL B 244 -6.53 9.29 20.39
N THR B 245 -7.06 8.28 19.70
CA THR B 245 -7.59 8.49 18.36
C THR B 245 -8.79 7.59 18.10
N VAL B 246 -9.34 7.74 16.90
CA VAL B 246 -10.51 6.98 16.47
C VAL B 246 -10.18 5.50 16.38
N LEU B 247 -11.16 4.66 16.78
CA LEU B 247 -10.94 3.22 16.72
C LEU B 247 -10.68 2.78 15.28
N PRO B 248 -10.01 1.66 15.11
CA PRO B 248 -9.80 1.17 13.75
C PRO B 248 -11.12 0.81 13.10
N THR B 249 -11.15 0.93 11.77
CA THR B 249 -12.29 0.48 10.98
C THR B 249 -12.14 -1.01 10.74
N PHE B 250 -13.28 -1.64 10.46
CA PHE B 250 -13.33 -3.05 10.14
C PHE B 250 -14.23 -3.16 8.94
N LYS B 251 -13.79 -3.87 7.90
CA LYS B 251 -14.54 -3.94 6.65
C LYS B 251 -15.00 -2.55 6.17
N GLY B 252 -14.11 -1.55 6.30
CA GLY B 252 -14.32 -0.20 5.84
C GLY B 252 -15.31 0.60 6.64
N GLN B 253 -15.83 0.05 7.75
CA GLN B 253 -16.80 0.65 8.64
C GLN B 253 -16.20 0.95 10.00
N PRO B 254 -16.67 2.04 10.60
CA PRO B 254 -16.16 2.44 11.91
C PRO B 254 -16.48 1.39 12.97
N SER B 255 -15.53 1.17 13.87
CA SER B 255 -15.87 0.51 15.11
C SER B 255 -16.91 1.35 15.84
N LYS B 256 -17.83 0.68 16.54
CA LYS B 256 -19.00 1.33 17.13
C LYS B 256 -19.09 1.06 18.63
N PRO B 257 -18.40 1.88 19.43
CA PRO B 257 -18.38 1.64 20.88
C PRO B 257 -19.74 1.93 21.48
N PHE B 258 -20.04 1.23 22.59
CA PHE B 258 -21.27 1.52 23.38
C PHE B 258 -20.97 2.75 24.20
N VAL B 259 -21.80 3.79 24.11
CA VAL B 259 -21.60 5.02 24.85
C VAL B 259 -22.33 4.88 26.18
N GLY B 260 -21.62 5.06 27.26
CA GLY B 260 -22.20 5.04 28.60
C GLY B 260 -22.15 6.40 29.25
N VAL B 261 -23.20 6.74 29.99
CA VAL B 261 -23.22 7.93 30.83
C VAL B 261 -23.01 7.49 32.28
N LEU B 262 -21.83 7.78 32.81
CA LEU B 262 -21.58 7.57 34.23
C LEU B 262 -22.63 8.35 35.01
N SER B 263 -23.25 7.69 35.98
CA SER B 263 -24.42 8.26 36.63
C SER B 263 -24.48 7.89 38.11
N ALA B 264 -25.14 8.75 38.88
CA ALA B 264 -25.20 8.61 40.33
C ALA B 264 -26.65 8.45 40.77
N GLY B 265 -26.97 7.27 41.27
CA GLY B 265 -28.32 7.00 41.72
C GLY B 265 -28.43 7.00 43.23
N ILE B 266 -29.63 7.20 43.77
CA ILE B 266 -29.87 7.24 45.20
C ILE B 266 -30.69 6.02 45.59
N ASN B 267 -30.16 5.24 46.52
CA ASN B 267 -30.80 4.07 47.07
C ASN B 267 -32.18 4.48 47.61
N ALA B 268 -33.21 3.74 47.22
CA ALA B 268 -34.61 4.02 47.64
C ALA B 268 -34.80 3.61 49.10
N ALA B 269 -33.83 2.93 49.71
CA ALA B 269 -33.85 2.52 51.13
C ALA B 269 -33.05 3.52 51.94
N SER B 270 -32.37 4.47 51.27
CA SER B 270 -31.48 5.45 51.94
C SER B 270 -32.20 6.33 52.97
N PRO B 271 -31.67 6.54 54.20
CA PRO B 271 -32.27 7.48 55.14
C PRO B 271 -31.73 8.87 54.88
N ASN B 272 -30.73 9.01 53.99
CA ASN B 272 -30.12 10.32 53.63
C ASN B 272 -30.26 10.53 52.12
N LYS B 273 -31.51 10.68 51.64
CA LYS B 273 -31.76 10.96 50.22
C LYS B 273 -31.69 12.47 49.99
N GLU B 274 -31.97 13.28 51.03
CA GLU B 274 -31.90 14.76 50.92
C GLU B 274 -30.43 15.19 51.06
N LEU B 275 -29.68 14.59 51.98
CA LEU B 275 -28.25 14.88 52.01
C LEU B 275 -27.56 14.45 50.70
N ALA B 276 -27.96 13.29 50.17
CA ALA B 276 -27.37 12.81 48.92
C ALA B 276 -27.62 13.82 47.80
N LYS B 277 -28.83 14.38 47.77
CA LYS B 277 -29.16 15.36 46.76
C LYS B 277 -28.26 16.58 46.88
N GLU B 278 -28.04 17.03 48.10
CA GLU B 278 -27.22 18.20 48.35
C GLU B 278 -25.78 17.96 47.95
N PHE B 279 -25.26 16.78 48.24
CA PHE B 279 -23.89 16.48 47.83
C PHE B 279 -23.75 16.47 46.32
N LEU B 280 -24.68 15.80 45.62
CA LEU B 280 -24.52 15.62 44.19
C LEU B 280 -24.72 16.92 43.45
N GLU B 281 -25.77 17.68 43.82
CA GLU B 281 -26.13 18.87 43.08
C GLU B 281 -25.22 20.05 43.38
N ASN B 282 -24.81 20.22 44.64
CA ASN B 282 -24.09 21.41 45.08
C ASN B 282 -22.61 21.22 45.35
N TYR B 283 -22.12 19.98 45.41
CA TYR B 283 -20.70 19.72 45.61
C TYR B 283 -20.10 18.99 44.41
N LEU B 284 -20.69 17.86 44.01
CA LEU B 284 -20.09 17.07 42.94
C LEU B 284 -20.30 17.72 41.58
N LEU B 285 -21.56 18.01 41.24
CA LEU B 285 -21.88 18.55 39.91
C LEU B 285 -21.66 20.05 39.86
N THR B 286 -20.42 20.43 40.18
CA THR B 286 -19.90 21.78 40.06
C THR B 286 -18.54 21.71 39.36
N ASP B 287 -18.10 22.84 38.82
CA ASP B 287 -16.80 22.87 38.17
C ASP B 287 -15.72 22.34 39.10
N GLU B 288 -15.74 22.77 40.37
CA GLU B 288 -14.70 22.37 41.30
C GLU B 288 -14.84 20.89 41.70
N GLY B 289 -16.09 20.41 41.81
CA GLY B 289 -16.29 19.01 42.16
C GLY B 289 -15.83 18.08 41.06
N LEU B 290 -16.26 18.36 39.82
CA LEU B 290 -15.87 17.54 38.68
C LEU B 290 -14.37 17.62 38.44
N GLU B 291 -13.76 18.78 38.67
CA GLU B 291 -12.30 18.90 38.53
C GLU B 291 -11.55 17.96 39.48
N ALA B 292 -11.99 17.91 40.74
CA ALA B 292 -11.29 17.05 41.70
C ALA B 292 -11.35 15.60 41.25
N VAL B 293 -12.50 15.15 40.77
CA VAL B 293 -12.63 13.78 40.28
C VAL B 293 -11.80 13.59 39.01
N ASN B 294 -11.95 14.54 38.07
CA ASN B 294 -11.27 14.47 36.78
C ASN B 294 -9.75 14.42 36.93
N LYS B 295 -9.19 15.17 37.89
CA LYS B 295 -7.75 15.13 38.09
C LYS B 295 -7.27 13.79 38.60
N ASP B 296 -8.13 13.07 39.34
CA ASP B 296 -7.79 11.72 39.77
C ASP B 296 -7.80 10.79 38.57
N LYS B 297 -8.95 10.57 37.94
CA LYS B 297 -9.08 9.73 36.77
C LYS B 297 -10.00 10.49 35.83
N PRO B 298 -9.61 10.80 34.60
CA PRO B 298 -10.50 11.60 33.71
C PRO B 298 -11.84 10.93 33.52
N LEU B 299 -12.89 11.77 33.54
CA LEU B 299 -14.27 11.35 33.40
C LEU B 299 -14.75 11.21 31.98
N GLY B 300 -14.09 11.85 31.02
CA GLY B 300 -14.61 11.96 29.68
C GLY B 300 -15.26 13.29 29.41
N ALA B 301 -16.35 13.31 28.66
CA ALA B 301 -17.09 14.54 28.39
C ALA B 301 -18.12 14.71 29.50
N VAL B 302 -17.88 15.62 30.45
CA VAL B 302 -18.77 15.69 31.61
C VAL B 302 -20.13 16.25 31.19
N ALA B 303 -21.14 15.92 32.00
CA ALA B 303 -22.51 16.34 31.74
C ALA B 303 -22.77 17.81 32.06
N LEU B 304 -21.95 18.43 32.90
CA LEU B 304 -22.12 19.81 33.30
C LEU B 304 -21.58 20.74 32.22
N LYS B 305 -22.47 21.55 31.63
CA LYS B 305 -22.12 22.37 30.47
C LYS B 305 -20.92 23.27 30.75
N SER B 306 -20.95 23.97 31.88
CA SER B 306 -19.90 24.92 32.22
C SER B 306 -18.53 24.27 32.19
N TYR B 307 -18.38 23.11 32.83
CA TYR B 307 -17.07 22.48 32.88
C TYR B 307 -16.74 21.77 31.57
N GLU B 308 -17.74 21.20 30.88
CA GLU B 308 -17.45 20.50 29.63
C GLU B 308 -16.88 21.45 28.58
N GLU B 309 -17.36 22.70 28.55
CA GLU B 309 -16.82 23.67 27.60
C GLU B 309 -15.35 23.92 27.84
N GLU B 310 -14.95 23.94 29.11
CA GLU B 310 -13.56 24.20 29.47
C GLU B 310 -12.67 23.04 29.07
N LEU B 311 -13.10 21.81 29.32
CA LEU B 311 -12.27 20.67 28.94
C LEU B 311 -12.34 20.33 27.46
N ALA B 312 -13.27 20.93 26.72
CA ALA B 312 -13.56 20.40 25.39
C ALA B 312 -12.39 20.61 24.44
N LYS B 313 -11.46 21.52 24.77
CA LYS B 313 -10.26 21.70 23.96
C LYS B 313 -9.33 20.50 24.01
N ASP B 314 -9.47 19.63 24.98
CA ASP B 314 -8.57 18.50 25.12
C ASP B 314 -8.71 17.56 23.93
N PRO B 315 -7.64 17.33 23.15
CA PRO B 315 -7.75 16.43 22.01
C PRO B 315 -8.15 15.00 22.38
N ARG B 316 -7.79 14.52 23.57
CA ARG B 316 -8.22 13.19 24.01
C ARG B 316 -9.74 13.14 24.15
N ILE B 317 -10.35 14.22 24.66
CA ILE B 317 -11.79 14.30 24.77
C ILE B 317 -12.43 14.38 23.40
N ALA B 318 -11.83 15.16 22.48
CA ALA B 318 -12.32 15.20 21.11
C ALA B 318 -12.31 13.81 20.48
N ALA B 319 -11.24 13.05 20.69
CA ALA B 319 -11.21 11.69 20.16
C ALA B 319 -12.28 10.83 20.80
N THR B 320 -12.45 10.95 22.13
CA THR B 320 -13.52 10.24 22.83
C THR B 320 -14.88 10.55 22.20
N MET B 321 -15.15 11.82 21.94
CA MET B 321 -16.45 12.19 21.39
C MET B 321 -16.61 11.81 19.91
N GLU B 322 -15.51 11.70 19.17
CA GLU B 322 -15.60 11.24 17.79
C GLU B 322 -15.93 9.75 17.75
N ASN B 323 -15.35 8.95 18.65
CA ASN B 323 -15.77 7.56 18.76
C ASN B 323 -17.19 7.44 19.27
N ALA B 324 -17.56 8.28 20.23
CA ALA B 324 -18.93 8.27 20.76
C ALA B 324 -19.94 8.49 19.66
N GLN B 325 -19.67 9.45 18.77
CA GLN B 325 -20.61 9.74 17.69
C GLN B 325 -20.75 8.55 16.74
N LYS B 326 -19.70 7.74 16.63
CA LYS B 326 -19.81 6.56 15.75
C LYS B 326 -20.59 5.44 16.40
N GLY B 327 -20.71 5.46 17.73
CA GLY B 327 -21.34 4.38 18.46
C GLY B 327 -22.79 4.65 18.71
N GLU B 328 -23.28 4.03 19.78
CA GLU B 328 -24.68 4.10 20.14
C GLU B 328 -24.76 4.19 21.66
N ILE B 329 -25.62 5.06 22.21
CA ILE B 329 -25.82 5.12 23.68
C ILE B 329 -26.49 3.80 24.08
N MET B 330 -26.01 3.16 25.15
CA MET B 330 -26.55 1.84 25.59
C MET B 330 -28.04 1.96 25.90
N PRO B 331 -28.85 0.87 25.82
CA PRO B 331 -30.23 0.93 26.28
C PRO B 331 -30.15 0.83 27.79
N ASN B 332 -31.11 1.36 28.56
CA ASN B 332 -31.13 1.13 30.00
C ASN B 332 -32.22 0.12 30.40
N ILE B 333 -32.69 -0.70 29.49
CA ILE B 333 -33.82 -1.57 29.79
C ILE B 333 -33.40 -2.62 30.81
N PRO B 334 -34.34 -3.16 31.57
CA PRO B 334 -33.96 -4.13 32.62
C PRO B 334 -33.31 -5.39 32.11
N GLN B 335 -33.56 -5.78 30.88
CA GLN B 335 -32.88 -6.96 30.33
C GLN B 335 -31.40 -6.76 30.05
N MET B 336 -30.84 -5.57 30.24
CA MET B 336 -29.45 -5.34 29.85
C MET B 336 -28.52 -6.24 30.64
N SER B 337 -28.84 -6.51 31.91
CA SER B 337 -28.00 -7.39 32.71
CA SER B 337 -27.99 -7.38 32.71
C SER B 337 -27.88 -8.77 32.06
N ALA B 338 -28.98 -9.31 31.62
CA ALA B 338 -28.94 -10.63 31.01
C ALA B 338 -28.34 -10.55 29.60
N PHE B 339 -28.56 -9.46 28.89
CA PHE B 339 -27.88 -9.28 27.59
C PHE B 339 -26.37 -9.43 27.77
N TRP B 340 -25.83 -8.71 28.76
CA TRP B 340 -24.40 -8.73 28.98
C TRP B 340 -23.89 -10.08 29.43
N TYR B 341 -24.63 -10.79 30.31
CA TYR B 341 -24.27 -12.14 30.71
C TYR B 341 -24.03 -13.00 29.49
N ALA B 342 -24.98 -12.97 28.55
CA ALA B 342 -24.96 -13.84 27.39
C ALA B 342 -23.84 -13.47 26.42
N VAL B 343 -23.63 -12.18 26.17
CA VAL B 343 -22.60 -11.75 25.24
C VAL B 343 -21.23 -11.96 25.84
N ARG B 344 -21.07 -11.70 27.14
CA ARG B 344 -19.81 -12.03 27.80
C ARG B 344 -19.47 -13.51 27.64
N THR B 345 -20.43 -14.40 27.91
CA THR B 345 -20.18 -15.83 27.72
C THR B 345 -19.88 -16.17 26.26
N ALA B 346 -20.65 -15.63 25.33
CA ALA B 346 -20.38 -15.93 23.92
C ALA B 346 -18.96 -15.51 23.51
N VAL B 347 -18.52 -14.30 23.90
CA VAL B 347 -17.21 -13.85 23.46
C VAL B 347 -16.10 -14.67 24.08
N ILE B 348 -16.24 -14.98 25.38
CA ILE B 348 -15.24 -15.75 26.10
C ILE B 348 -15.18 -17.16 25.55
N ASN B 349 -16.36 -17.72 25.22
CA ASN B 349 -16.40 -19.06 24.63
C ASN B 349 -15.74 -19.10 23.26
N ALA B 350 -16.05 -18.13 22.39
CA ALA B 350 -15.47 -18.11 21.04
C ALA B 350 -13.98 -17.85 21.10
N ALA B 351 -13.57 -16.89 21.94
CA ALA B 351 -12.16 -16.57 22.03
C ALA B 351 -11.35 -17.78 22.46
N SER B 352 -11.90 -18.56 23.40
CA SER B 352 -11.18 -19.69 23.98
C SER B 352 -11.34 -20.97 23.17
N GLY B 353 -12.27 -21.00 22.23
CA GLY B 353 -12.53 -22.23 21.50
C GLY B 353 -13.49 -23.22 22.15
N ARG B 354 -14.10 -22.91 23.29
CA ARG B 354 -15.15 -23.79 23.82
C ARG B 354 -16.28 -23.94 22.83
N GLN B 355 -16.56 -22.88 22.08
CA GLN B 355 -17.53 -22.91 21.00
C GLN B 355 -16.90 -22.31 19.76
N THR B 356 -17.49 -22.62 18.61
CA THR B 356 -17.22 -21.85 17.40
C THR B 356 -17.89 -20.47 17.50
N VAL B 357 -17.41 -19.55 16.67
CA VAL B 357 -18.01 -18.22 16.65
C VAL B 357 -19.50 -18.34 16.36
N ASP B 358 -19.83 -19.15 15.37
CA ASP B 358 -21.22 -19.27 14.95
C ASP B 358 -22.11 -19.86 16.06
N GLU B 359 -21.65 -20.93 16.73
CA GLU B 359 -22.41 -21.49 17.84
C GLU B 359 -22.56 -20.51 19.01
N ALA B 360 -21.47 -19.82 19.34
CA ALA B 360 -21.52 -18.93 20.49
C ALA B 360 -22.52 -17.82 20.28
N LEU B 361 -22.59 -17.23 19.08
CA LEU B 361 -23.44 -16.07 18.93
C LEU B 361 -24.88 -16.50 18.79
N LYS B 362 -25.11 -17.67 18.17
CA LYS B 362 -26.47 -18.15 18.03
C LYS B 362 -27.05 -18.55 19.37
N ASP B 363 -26.21 -19.00 20.28
CA ASP B 363 -26.70 -19.27 21.61
C ASP B 363 -27.01 -18.02 22.42
N ALA B 364 -26.52 -16.85 22.02
CA ALA B 364 -26.50 -15.73 22.95
C ALA B 364 -27.91 -15.32 23.34
N GLN B 365 -28.80 -15.17 22.34
CA GLN B 365 -30.15 -14.68 22.68
C GLN B 365 -30.87 -15.66 23.61
N THR B 366 -31.13 -16.88 23.13
CA THR B 366 -31.80 -17.84 23.99
C THR B 366 -31.12 -17.92 25.35
N GLY B 367 -29.81 -17.66 25.38
CA GLY B 367 -29.10 -17.60 26.64
C GLY B 367 -29.56 -16.46 27.54
N SER B 368 -29.79 -15.27 26.95
CA SER B 368 -30.14 -14.12 27.77
C SER B 368 -31.54 -14.26 28.36
N GLU B 369 -32.48 -14.82 27.58
CA GLU B 369 -33.84 -15.04 28.03
C GLU B 369 -33.92 -16.21 29.01
N LEU B 370 -33.17 -17.27 28.75
CA LEU B 370 -33.11 -18.34 29.71
C LEU B 370 -32.45 -17.88 31.01
N TYR B 371 -31.41 -17.07 30.90
CA TYR B 371 -30.74 -16.62 32.10
C TYR B 371 -31.69 -15.79 32.94
N ARG B 372 -32.37 -14.83 32.31
CA ARG B 372 -33.26 -13.95 33.05
C ARG B 372 -34.38 -14.74 33.73
N GLN B 373 -35.01 -15.63 32.98
CA GLN B 373 -36.06 -16.47 33.54
C GLN B 373 -35.52 -17.33 34.66
N SER B 374 -34.42 -18.06 34.40
CA SER B 374 -33.92 -18.99 35.39
C SER B 374 -33.49 -18.27 36.65
N LEU B 375 -32.79 -17.15 36.52
CA LEU B 375 -32.37 -16.43 37.72
C LEU B 375 -33.56 -15.98 38.54
N GLU B 376 -34.62 -15.57 37.86
CA GLU B 376 -35.85 -15.14 38.52
C GLU B 376 -36.49 -16.28 39.31
N ILE B 377 -36.65 -17.45 38.71
CA ILE B 377 -37.23 -18.57 39.42
C ILE B 377 -36.33 -18.99 40.58
N ILE B 378 -35.03 -19.17 40.31
CA ILE B 378 -34.15 -19.76 41.31
C ILE B 378 -33.89 -18.76 42.42
N SER B 379 -33.77 -17.49 42.08
CA SER B 379 -33.51 -16.48 43.11
C SER B 379 -34.72 -16.28 44.01
N ARG B 380 -35.93 -16.28 43.44
CA ARG B 380 -37.13 -16.18 44.25
C ARG B 380 -37.23 -17.36 45.21
N TYR B 381 -36.99 -18.59 44.72
CA TYR B 381 -37.11 -19.75 45.59
C TYR B 381 -36.13 -19.67 46.74
N LEU B 382 -34.86 -19.32 46.46
CA LEU B 382 -33.90 -19.31 47.57
C LEU B 382 -34.21 -18.21 48.59
N ARG B 383 -34.58 -17.02 48.12
CA ARG B 383 -34.81 -15.92 49.05
C ARG B 383 -36.01 -16.18 49.97
N GLU B 384 -37.14 -16.60 49.40
CA GLU B 384 -38.30 -16.96 50.22
C GLU B 384 -38.02 -18.13 51.14
N GLN B 385 -37.21 -19.11 50.73
CA GLN B 385 -36.87 -20.21 51.62
C GLN B 385 -36.11 -19.73 52.84
N ALA B 386 -35.19 -18.82 52.64
CA ALA B 386 -34.37 -18.37 53.75
C ALA B 386 -35.12 -17.46 54.71
N THR B 387 -36.03 -16.62 54.20
CA THR B 387 -36.65 -15.59 55.03
C THR B 387 -38.05 -15.96 55.51
N GLY B 388 -38.73 -16.88 54.84
CA GLY B 388 -40.08 -17.26 55.24
C GLY B 388 -41.18 -16.46 54.58
N ALA B 389 -40.84 -15.49 53.75
CA ALA B 389 -41.83 -14.58 53.18
C ALA B 389 -41.80 -14.66 51.67
N ALA B 390 -42.97 -14.91 51.08
CA ALA B 390 -43.08 -14.94 49.63
C ALA B 390 -42.93 -13.50 49.17
N ASP B 391 -42.08 -13.27 48.18
CA ASP B 391 -41.91 -11.91 47.68
C ASP B 391 -43.13 -11.53 46.86
N ALA B 400 -45.95 -16.68 33.16
CA ALA B 400 -46.84 -17.81 33.51
C ALA B 400 -46.03 -19.08 33.72
N THR B 401 -45.19 -19.44 32.74
CA THR B 401 -44.32 -20.60 32.95
C THR B 401 -43.50 -20.39 34.22
N SER B 402 -43.04 -19.18 34.45
CA SER B 402 -42.23 -18.91 35.63
C SER B 402 -43.04 -19.09 36.92
N ARG B 403 -44.30 -18.68 36.93
CA ARG B 403 -45.10 -18.86 38.15
C ARG B 403 -45.35 -20.33 38.42
N LYS B 404 -45.73 -21.09 37.39
CA LYS B 404 -45.94 -22.51 37.54
C LYS B 404 -44.64 -23.26 37.84
N ALA B 405 -43.50 -22.80 37.29
CA ALA B 405 -42.22 -23.41 37.61
C ALA B 405 -41.87 -23.17 39.07
N LEU B 406 -42.15 -21.96 39.57
CA LEU B 406 -41.87 -21.67 40.96
C LEU B 406 -42.77 -22.46 41.87
N GLU B 407 -44.02 -22.66 41.47
CA GLU B 407 -44.92 -23.48 42.28
C GLU B 407 -44.45 -24.93 42.37
N THR B 408 -44.01 -25.49 41.24
CA THR B 408 -43.47 -26.84 41.18
C THR B 408 -42.21 -26.95 42.02
N LEU B 409 -41.34 -25.95 41.94
CA LEU B 409 -40.12 -25.96 42.74
C LEU B 409 -40.44 -25.97 44.22
N ARG B 410 -41.44 -25.19 44.63
CA ARG B 410 -41.84 -25.19 46.03
C ARG B 410 -42.31 -26.55 46.50
N ARG B 411 -43.06 -27.26 45.66
CA ARG B 411 -43.60 -28.55 46.05
C ARG B 411 -42.52 -29.61 46.11
N VAL B 412 -41.77 -29.78 45.01
CA VAL B 412 -40.78 -30.83 44.92
C VAL B 412 -39.61 -30.52 45.83
N GLY B 413 -39.15 -29.26 45.80
CA GLY B 413 -37.97 -28.87 46.55
C GLY B 413 -38.15 -28.88 48.06
N ASP B 414 -39.31 -28.41 48.55
CA ASP B 414 -39.62 -28.54 49.97
C ASP B 414 -39.61 -30.01 50.38
N GLY B 415 -40.12 -30.88 49.50
CA GLY B 415 -40.07 -32.30 49.76
C GLY B 415 -38.66 -32.84 49.82
N VAL B 416 -37.81 -32.44 48.86
CA VAL B 416 -36.43 -32.90 48.83
C VAL B 416 -35.72 -32.54 50.11
N GLN B 417 -35.92 -31.30 50.57
CA GLN B 417 -35.25 -30.83 51.77
C GLN B 417 -35.74 -31.54 53.04
N ARG B 418 -36.98 -32.02 53.07
CA ARG B 418 -37.42 -32.86 54.21
C ARG B 418 -36.80 -34.26 54.09
N ASN B 419 -37.02 -34.92 52.96
CA ASN B 419 -36.60 -36.31 52.82
C ASN B 419 -35.09 -36.50 52.93
N HIS B 420 -34.29 -35.53 52.47
CA HIS B 420 -32.83 -35.64 52.46
C HIS B 420 -32.20 -34.65 53.42
N GLU B 421 -32.97 -34.24 54.44
CA GLU B 421 -32.47 -33.22 55.36
C GLU B 421 -31.17 -33.65 56.02
N THR B 422 -31.10 -34.92 56.43
CA THR B 422 -29.94 -35.42 57.15
C THR B 422 -28.71 -35.51 56.25
N ALA B 423 -28.89 -36.00 55.01
CA ALA B 423 -27.80 -35.96 54.03
C ALA B 423 -27.34 -34.53 53.79
N PHE B 424 -28.30 -33.60 53.63
CA PHE B 424 -27.98 -32.21 53.38
C PHE B 424 -27.21 -31.61 54.53
N GLN B 425 -27.57 -31.92 55.79
CA GLN B 425 -26.84 -31.36 56.95
C GLN B 425 -25.40 -31.88 56.97
N GLY B 426 -25.23 -33.16 56.68
CA GLY B 426 -23.87 -33.71 56.57
C GLY B 426 -23.05 -33.01 55.50
N MET B 427 -23.69 -32.62 54.41
CA MET B 427 -22.93 -31.90 53.39
C MET B 427 -22.52 -30.53 53.91
N LEU B 428 -23.47 -29.80 54.50
CA LEU B 428 -23.19 -28.46 55.00
C LEU B 428 -22.09 -28.51 56.04
N ARG B 429 -22.12 -29.50 56.94
CA ARG B 429 -21.08 -29.61 57.95
C ARG B 429 -19.71 -29.84 57.32
N LYS B 430 -19.65 -30.72 56.30
CA LYS B 430 -18.39 -30.98 55.65
C LYS B 430 -17.88 -29.79 54.84
N LEU B 431 -18.76 -28.97 54.29
CA LEU B 431 -18.32 -27.84 53.49
C LEU B 431 -17.83 -26.70 54.37
N ASP B 432 -18.35 -26.62 55.60
CA ASP B 432 -17.92 -25.63 56.59
C ASP B 432 -17.92 -24.24 55.98
N ILE B 433 -19.11 -23.82 55.58
CA ILE B 433 -19.29 -22.52 54.94
C ILE B 433 -19.29 -21.44 56.02
N LYS B 434 -18.33 -20.53 55.93
CA LYS B 434 -18.14 -19.49 56.94
C LYS B 434 -18.28 -18.10 56.38
N ASN B 435 -17.79 -17.85 55.17
CA ASN B 435 -17.66 -16.48 54.72
C ASN B 435 -17.99 -16.31 53.24
N GLU B 436 -18.02 -15.05 52.84
CA GLU B 436 -18.38 -14.64 51.47
C GLU B 436 -17.19 -14.93 50.58
N ASP B 437 -16.99 -16.21 50.28
CA ASP B 437 -15.87 -16.68 49.47
C ASP B 437 -15.68 -18.19 49.57
N ASP B 438 -16.21 -18.77 50.67
CA ASP B 438 -16.64 -20.15 50.77
C ASP B 438 -17.83 -20.37 49.86
N VAL B 439 -18.73 -19.38 49.81
CA VAL B 439 -19.93 -19.49 48.98
C VAL B 439 -19.53 -19.51 47.51
N LYS B 440 -18.64 -18.58 47.11
CA LYS B 440 -18.12 -18.57 45.75
C LYS B 440 -17.57 -19.94 45.36
N SER B 441 -16.93 -20.62 46.30
CA SER B 441 -16.30 -21.88 45.98
C SER B 441 -17.30 -22.98 45.69
N LEU B 442 -18.55 -22.84 46.11
CA LEU B 442 -19.52 -23.92 45.91
C LEU B 442 -19.83 -24.19 44.45
N SER B 443 -19.48 -23.26 43.55
CA SER B 443 -19.63 -23.62 42.13
C SER B 443 -18.86 -24.89 41.79
N ARG B 444 -17.83 -25.20 42.52
CA ARG B 444 -17.14 -26.47 42.35
C ARG B 444 -18.06 -27.66 42.68
N VAL B 445 -18.91 -27.49 43.74
CA VAL B 445 -19.85 -28.57 44.04
C VAL B 445 -20.77 -28.73 42.86
N MET B 446 -21.30 -27.62 42.33
CA MET B 446 -22.36 -27.68 41.33
C MET B 446 -21.90 -28.39 40.07
N ILE B 447 -20.69 -28.05 39.62
CA ILE B 447 -20.08 -28.74 38.48
C ILE B 447 -19.98 -30.24 38.75
N HIS B 448 -19.57 -30.61 39.95
CA HIS B 448 -19.41 -32.03 40.26
C HIS B 448 -20.73 -32.79 40.28
N VAL B 449 -21.87 -32.12 40.45
CA VAL B 449 -23.15 -32.78 40.27
C VAL B 449 -23.28 -33.41 38.88
N PHE B 450 -22.68 -32.82 37.87
CA PHE B 450 -22.90 -33.24 36.49
C PHE B 450 -21.65 -33.81 35.82
N SER B 451 -20.56 -34.03 36.55
CA SER B 451 -19.28 -34.33 35.93
C SER B 451 -19.21 -35.73 35.34
N ASP B 452 -20.07 -36.64 35.75
CA ASP B 452 -20.15 -37.93 35.08
C ASP B 452 -20.86 -37.86 33.72
N GLY B 453 -21.23 -36.68 33.25
CA GLY B 453 -21.82 -36.56 31.95
C GLY B 453 -23.32 -36.71 31.90
N VAL B 454 -24.00 -37.02 33.07
CA VAL B 454 -25.45 -37.20 33.11
C VAL B 454 -26.12 -35.90 33.50
N THR B 455 -27.20 -35.57 32.81
CA THR B 455 -28.06 -34.44 33.12
C THR B 455 -29.48 -34.96 33.19
N ASN B 456 -30.21 -34.68 34.29
CA ASN B 456 -31.66 -34.94 34.30
C ASN B 456 -32.33 -33.99 35.28
N TRP B 457 -33.66 -33.91 35.20
CA TRP B 457 -34.36 -32.96 36.06
C TRP B 457 -34.20 -33.28 37.56
N GLY B 458 -33.99 -34.54 37.93
CA GLY B 458 -33.81 -34.85 39.34
C GLY B 458 -32.58 -34.19 39.93
N ARG B 459 -31.47 -34.31 39.23
CA ARG B 459 -30.23 -33.64 39.68
C ARG B 459 -30.38 -32.14 39.71
N ILE B 460 -31.05 -31.56 38.71
CA ILE B 460 -31.22 -30.10 38.71
C ILE B 460 -32.05 -29.65 39.91
N VAL B 461 -33.19 -30.29 40.15
CA VAL B 461 -34.02 -29.86 41.29
C VAL B 461 -33.31 -30.13 42.61
N THR B 462 -32.52 -31.20 42.68
CA THR B 462 -31.80 -31.48 43.91
C THR B 462 -30.76 -30.41 44.17
N LEU B 463 -30.03 -30.00 43.11
CA LEU B 463 -29.07 -28.93 43.27
C LEU B 463 -29.74 -27.65 43.74
N ILE B 464 -30.87 -27.29 43.15
CA ILE B 464 -31.53 -26.08 43.59
C ILE B 464 -32.06 -26.24 45.03
N SER B 465 -32.58 -27.43 45.35
CA SER B 465 -33.07 -27.68 46.72
C SER B 465 -31.94 -27.56 47.72
N PHE B 466 -30.77 -28.10 47.38
CA PHE B 466 -29.62 -27.91 48.24
C PHE B 466 -29.22 -26.44 48.32
N GLY B 467 -29.38 -25.70 47.22
CA GLY B 467 -29.13 -24.24 47.25
C GLY B 467 -30.01 -23.52 48.26
N ALA B 468 -31.31 -23.85 48.29
CA ALA B 468 -32.21 -23.30 49.31
C ALA B 468 -31.76 -23.68 50.73
N PHE B 469 -31.29 -24.92 50.91
CA PHE B 469 -30.81 -25.38 52.21
C PHE B 469 -29.59 -24.59 52.65
N VAL B 470 -28.67 -24.33 51.74
CA VAL B 470 -27.53 -23.48 52.04
C VAL B 470 -27.96 -22.05 52.31
N ALA B 471 -28.93 -21.55 51.53
CA ALA B 471 -29.39 -20.16 51.73
C ALA B 471 -29.99 -19.97 53.13
N LYS B 472 -30.77 -20.95 53.60
CA LYS B 472 -31.30 -20.86 54.96
C LYS B 472 -30.17 -20.73 55.97
N HIS B 473 -29.13 -21.55 55.80
CA HIS B 473 -27.97 -21.48 56.69
C HIS B 473 -27.24 -20.15 56.61
N LEU B 474 -27.20 -19.53 55.44
CA LEU B 474 -26.46 -18.29 55.30
C LEU B 474 -27.10 -17.18 56.13
N LYS B 475 -28.43 -17.06 56.07
CA LYS B 475 -29.12 -16.09 56.93
C LYS B 475 -28.81 -16.35 58.40
N THR B 476 -28.76 -17.62 58.77
CA THR B 476 -28.46 -17.98 60.15
C THR B 476 -27.14 -17.40 60.60
N ILE B 477 -26.15 -17.38 59.72
CA ILE B 477 -24.81 -16.94 60.10
C ILE B 477 -24.55 -15.49 59.63
N ASN B 478 -25.61 -14.72 59.39
CA ASN B 478 -25.46 -13.31 59.07
C ASN B 478 -24.62 -13.13 57.80
N GLN B 479 -24.90 -13.94 56.79
CA GLN B 479 -24.32 -13.79 55.46
C GLN B 479 -25.42 -13.73 54.41
N GLU B 480 -26.56 -13.12 54.72
CA GLU B 480 -27.70 -13.10 53.80
C GLU B 480 -27.40 -12.42 52.46
N SER B 481 -26.39 -11.55 52.40
CA SER B 481 -26.07 -10.90 51.13
C SER B 481 -25.53 -11.90 50.10
N CYS B 482 -25.01 -13.04 50.54
CA CYS B 482 -24.49 -14.09 49.69
C CYS B 482 -25.57 -14.99 49.08
N ILE B 483 -26.85 -14.81 49.42
CA ILE B 483 -27.86 -15.73 48.90
C ILE B 483 -28.07 -15.52 47.41
N GLU B 484 -28.24 -14.28 46.98
CA GLU B 484 -28.45 -13.98 45.57
C GLU B 484 -27.21 -14.32 44.71
N PRO B 485 -25.99 -14.05 45.17
CA PRO B 485 -24.84 -14.61 44.44
C PRO B 485 -24.90 -16.12 44.30
N LEU B 486 -25.34 -16.81 45.36
CA LEU B 486 -25.49 -18.26 45.29
C LEU B 486 -26.47 -18.66 44.21
N ALA B 487 -27.62 -18.00 44.15
CA ALA B 487 -28.58 -18.28 43.09
C ALA B 487 -27.99 -17.97 41.71
N GLU B 488 -27.18 -16.91 41.61
CA GLU B 488 -26.62 -16.54 40.32
C GLU B 488 -25.62 -17.59 39.84
N SER B 489 -24.80 -18.11 40.74
CA SER B 489 -23.88 -19.18 40.33
C SER B 489 -24.62 -20.46 39.97
N ILE B 490 -25.73 -20.78 40.65
CA ILE B 490 -26.48 -21.97 40.24
C ILE B 490 -27.06 -21.78 38.85
N THR B 491 -27.64 -20.60 38.61
CA THR B 491 -28.22 -20.29 37.29
C THR B 491 -27.16 -20.32 36.20
N ASP B 492 -25.98 -19.78 36.50
CA ASP B 492 -24.89 -19.77 35.54
C ASP B 492 -24.50 -21.19 35.17
N VAL B 493 -24.36 -22.09 36.16
CA VAL B 493 -23.94 -23.45 35.84
C VAL B 493 -24.94 -24.09 34.89
N LEU B 494 -26.22 -23.89 35.16
CA LEU B 494 -27.26 -24.48 34.31
C LEU B 494 -27.30 -23.83 32.93
N VAL B 495 -27.29 -22.50 32.87
CA VAL B 495 -27.50 -21.85 31.58
C VAL B 495 -26.24 -21.96 30.73
N ARG B 496 -25.06 -21.83 31.33
CA ARG B 496 -23.83 -21.89 30.54
C ARG B 496 -23.46 -23.29 30.09
N THR B 497 -23.67 -24.30 30.93
CA THR B 497 -23.20 -25.65 30.62
C THR B 497 -24.28 -26.63 30.22
N LYS B 498 -25.55 -26.30 30.45
CA LYS B 498 -26.64 -27.25 30.21
C LYS B 498 -27.61 -26.66 29.23
N ARG B 499 -27.13 -25.69 28.43
CA ARG B 499 -27.98 -25.02 27.45
C ARG B 499 -28.70 -25.98 26.51
N ASP B 500 -27.95 -26.87 25.85
CA ASP B 500 -28.56 -27.76 24.86
C ASP B 500 -29.63 -28.65 25.49
N TRP B 501 -29.34 -29.21 26.65
CA TRP B 501 -30.31 -30.07 27.31
C TRP B 501 -31.57 -29.29 27.66
N LEU B 502 -31.40 -28.10 28.21
CA LEU B 502 -32.56 -27.29 28.58
C LEU B 502 -33.41 -26.97 27.37
N VAL B 503 -32.77 -26.76 26.21
CA VAL B 503 -33.52 -26.48 24.98
C VAL B 503 -34.23 -27.73 24.49
N LYS B 504 -33.54 -28.86 24.41
CA LYS B 504 -34.21 -30.09 24.03
C LYS B 504 -35.41 -30.36 24.94
N GLN B 505 -35.29 -30.02 26.25
CA GLN B 505 -36.33 -30.35 27.22
C GLN B 505 -37.37 -29.25 27.36
N ARG B 506 -37.29 -28.19 26.53
CA ARG B 506 -38.24 -27.10 26.51
C ARG B 506 -38.16 -26.28 27.78
N GLY B 507 -36.95 -26.15 28.31
CA GLY B 507 -36.73 -25.26 29.41
C GLY B 507 -37.65 -25.53 30.57
N TRP B 508 -38.13 -24.45 31.17
CA TRP B 508 -38.93 -24.56 32.37
C TRP B 508 -40.29 -25.16 32.14
N ASP B 509 -40.80 -25.10 30.91
CA ASP B 509 -41.99 -25.90 30.63
C ASP B 509 -41.71 -27.39 30.81
N GLY B 510 -40.56 -27.87 30.36
CA GLY B 510 -40.23 -29.26 30.58
C GLY B 510 -40.10 -29.59 32.05
N PHE B 511 -39.57 -28.65 32.84
CA PHE B 511 -39.51 -28.81 34.29
C PHE B 511 -40.90 -28.99 34.89
N VAL B 512 -41.85 -28.16 34.47
CA VAL B 512 -43.22 -28.25 34.98
C VAL B 512 -43.81 -29.57 34.56
N GLU B 513 -43.66 -29.92 33.28
CA GLU B 513 -44.17 -31.18 32.75
C GLU B 513 -43.58 -32.38 33.49
N PHE B 514 -42.26 -32.39 33.75
CA PHE B 514 -41.64 -33.57 34.32
C PHE B 514 -42.19 -33.89 35.72
N PHE B 515 -42.41 -32.85 36.53
CA PHE B 515 -42.76 -32.98 37.94
C PHE B 515 -44.24 -32.87 38.16
N HIS B 516 -45.04 -32.88 37.08
CA HIS B 516 -46.48 -32.84 37.19
C HIS B 516 -47.01 -34.10 37.84
N VAL B 517 -48.02 -33.92 38.69
CA VAL B 517 -48.65 -35.03 39.40
C VAL B 517 -50.15 -34.93 39.22
N ILE C 2 -35.17 -13.69 -13.58
CA ILE C 2 -33.96 -13.78 -14.40
C ILE C 2 -33.69 -15.21 -14.91
N GLU C 3 -33.41 -15.32 -16.21
CA GLU C 3 -33.27 -16.61 -16.87
C GLU C 3 -31.95 -17.29 -16.52
N GLU C 4 -32.05 -18.56 -16.12
CA GLU C 4 -30.86 -19.37 -15.88
C GLU C 4 -30.30 -19.87 -17.22
N GLY C 5 -28.98 -19.93 -17.32
CA GLY C 5 -28.31 -20.48 -18.49
C GLY C 5 -28.03 -19.51 -19.63
N LYS C 6 -28.10 -18.22 -19.39
CA LYS C 6 -27.87 -17.23 -20.43
C LYS C 6 -27.39 -15.99 -19.69
N LEU C 7 -26.74 -15.08 -20.40
CA LEU C 7 -26.30 -13.84 -19.78
C LEU C 7 -26.94 -12.65 -20.45
N VAL C 8 -27.52 -11.78 -19.64
CA VAL C 8 -28.05 -10.51 -20.09
C VAL C 8 -27.18 -9.43 -19.50
N ILE C 9 -26.66 -8.54 -20.35
CA ILE C 9 -25.74 -7.48 -19.95
C ILE C 9 -26.35 -6.13 -20.29
N TRP C 10 -26.25 -5.19 -19.37
CA TRP C 10 -26.66 -3.81 -19.58
C TRP C 10 -25.43 -2.89 -19.58
N ILE C 11 -25.35 -2.02 -20.57
CA ILE C 11 -24.28 -1.02 -20.66
C ILE C 11 -24.86 0.23 -21.30
N ASN C 12 -24.26 1.37 -20.99
CA ASN C 12 -24.77 2.65 -21.43
C ASN C 12 -24.63 2.81 -22.94
N GLY C 13 -25.59 3.51 -23.52
CA GLY C 13 -25.69 3.54 -24.96
C GLY C 13 -24.60 4.34 -25.65
N ASP C 14 -23.84 5.15 -24.92
CA ASP C 14 -22.70 5.87 -25.47
C ASP C 14 -21.43 5.02 -25.49
N LYS C 15 -21.48 3.81 -24.92
CA LYS C 15 -20.32 2.93 -24.89
C LYS C 15 -20.38 1.87 -25.98
N GLY C 16 -19.33 1.06 -26.06
CA GLY C 16 -19.20 0.10 -27.15
C GLY C 16 -20.02 -1.17 -26.98
N TYR C 17 -21.34 -1.04 -26.97
CA TYR C 17 -22.15 -2.23 -26.75
C TYR C 17 -22.04 -3.21 -27.93
N ASN C 18 -21.73 -2.74 -29.14
CA ASN C 18 -21.59 -3.67 -30.24
C ASN C 18 -20.30 -4.48 -30.14
N GLY C 19 -19.19 -3.86 -29.76
CA GLY C 19 -17.98 -4.62 -29.52
C GLY C 19 -18.12 -5.60 -28.36
N LEU C 20 -18.78 -5.16 -27.27
CA LEU C 20 -19.03 -6.08 -26.15
C LEU C 20 -19.81 -7.29 -26.65
N ALA C 21 -20.83 -7.04 -27.48
CA ALA C 21 -21.61 -8.12 -28.05
C ALA C 21 -20.76 -9.04 -28.92
N GLU C 22 -19.68 -8.52 -29.54
CA GLU C 22 -18.81 -9.44 -30.29
C GLU C 22 -18.11 -10.41 -29.33
N VAL C 23 -17.66 -9.91 -28.19
CA VAL C 23 -17.10 -10.78 -27.16
C VAL C 23 -18.17 -11.76 -26.69
N GLY C 24 -19.41 -11.28 -26.56
CA GLY C 24 -20.51 -12.16 -26.25
C GLY C 24 -20.72 -13.24 -27.30
N LYS C 25 -20.53 -12.89 -28.58
CA LYS C 25 -20.69 -13.89 -29.63
C LYS C 25 -19.59 -14.95 -29.56
N LYS C 26 -18.37 -14.56 -29.17
CA LYS C 26 -17.31 -15.54 -29.02
C LYS C 26 -17.54 -16.45 -27.81
N PHE C 27 -18.05 -15.90 -26.72
CA PHE C 27 -18.43 -16.73 -25.56
C PHE C 27 -19.48 -17.77 -25.97
N GLU C 28 -20.50 -17.34 -26.72
CA GLU C 28 -21.53 -18.30 -27.16
C GLU C 28 -20.92 -19.41 -28.02
N LYS C 29 -20.00 -19.05 -28.89
CA LYS C 29 -19.27 -20.01 -29.70
C LYS C 29 -18.66 -21.09 -28.82
N ASP C 30 -17.87 -20.66 -27.83
CA ASP C 30 -17.02 -21.58 -27.09
C ASP C 30 -17.79 -22.37 -26.06
N THR C 31 -18.91 -21.86 -25.59
CA THR C 31 -19.54 -22.41 -24.41
C THR C 31 -20.98 -22.79 -24.66
N GLY C 32 -21.56 -22.33 -25.74
CA GLY C 32 -22.98 -22.50 -25.99
C GLY C 32 -23.89 -21.51 -25.32
N ILE C 33 -23.39 -20.67 -24.41
CA ILE C 33 -24.27 -19.75 -23.69
C ILE C 33 -24.48 -18.48 -24.51
N LYS C 34 -25.74 -18.10 -24.71
CA LYS C 34 -26.06 -16.87 -25.42
C LYS C 34 -25.86 -15.66 -24.51
N VAL C 35 -25.28 -14.60 -25.07
CA VAL C 35 -25.05 -13.34 -24.38
C VAL C 35 -25.83 -12.23 -25.08
N THR C 36 -26.74 -11.58 -24.34
CA THR C 36 -27.55 -10.51 -24.86
C THR C 36 -27.08 -9.20 -24.27
N VAL C 37 -26.61 -8.30 -25.11
CA VAL C 37 -26.19 -6.98 -24.69
C VAL C 37 -27.32 -6.01 -25.00
N GLU C 38 -27.73 -5.24 -24.01
CA GLU C 38 -28.79 -4.25 -24.12
C GLU C 38 -28.28 -2.93 -23.56
N HIS C 39 -28.88 -1.82 -23.99
CA HIS C 39 -28.49 -0.51 -23.50
C HIS C 39 -29.70 0.37 -23.18
N PRO C 40 -30.45 0.01 -22.15
CA PRO C 40 -31.59 0.84 -21.74
C PRO C 40 -31.24 2.27 -21.37
N ASP C 41 -32.22 3.15 -21.58
CA ASP C 41 -32.04 4.53 -21.15
C ASP C 41 -32.11 4.61 -19.63
N LYS C 42 -31.37 5.56 -19.06
CA LYS C 42 -31.34 5.82 -17.61
C LYS C 42 -31.03 4.53 -16.87
N LEU C 43 -30.11 3.74 -17.42
CA LEU C 43 -29.95 2.40 -16.87
C LEU C 43 -29.43 2.46 -15.43
N GLU C 44 -28.73 3.53 -15.09
CA GLU C 44 -28.19 3.67 -13.75
C GLU C 44 -29.28 3.90 -12.72
N GLU C 45 -30.44 4.35 -13.15
CA GLU C 45 -31.62 4.42 -12.29
C GLU C 45 -32.48 3.18 -12.44
N LYS C 46 -32.49 2.62 -13.63
CA LYS C 46 -33.34 1.48 -13.92
C LYS C 46 -32.82 0.23 -13.21
N PHE C 47 -31.49 0.06 -13.17
CA PHE C 47 -30.96 -1.16 -12.57
C PHE C 47 -31.38 -1.38 -11.13
N PRO C 48 -31.21 -0.43 -10.21
CA PRO C 48 -31.59 -0.72 -8.82
C PRO C 48 -33.08 -0.94 -8.69
N GLN C 49 -33.88 -0.34 -9.58
CA GLN C 49 -35.33 -0.53 -9.53
C GLN C 49 -35.70 -1.97 -9.80
N VAL C 50 -35.26 -2.52 -10.95
CA VAL C 50 -35.64 -3.86 -11.33
C VAL C 50 -34.87 -4.91 -10.53
N ALA C 51 -33.63 -4.60 -10.14
CA ALA C 51 -32.88 -5.55 -9.30
C ALA C 51 -33.49 -5.68 -7.91
N ALA C 52 -34.09 -4.61 -7.39
CA ALA C 52 -34.70 -4.67 -6.06
C ALA C 52 -35.83 -5.70 -6.02
N THR C 53 -36.45 -5.97 -7.16
CA THR C 53 -37.47 -7.00 -7.26
C THR C 53 -36.91 -8.37 -7.66
N GLY C 54 -35.59 -8.52 -7.69
CA GLY C 54 -35.00 -9.77 -8.13
C GLY C 54 -34.98 -9.98 -9.64
N ASP C 55 -35.20 -8.94 -10.44
CA ASP C 55 -35.16 -9.01 -11.89
C ASP C 55 -33.93 -8.20 -12.37
N GLY C 56 -33.88 -7.93 -13.67
CA GLY C 56 -32.80 -7.15 -14.26
C GLY C 56 -31.75 -7.99 -14.96
N PRO C 57 -30.60 -7.39 -15.31
CA PRO C 57 -29.56 -8.13 -16.02
C PRO C 57 -28.73 -8.97 -15.09
N ASP C 58 -28.00 -9.92 -15.67
CA ASP C 58 -26.97 -10.60 -14.92
C ASP C 58 -25.80 -9.68 -14.61
N ILE C 59 -25.41 -8.83 -15.56
CA ILE C 59 -24.21 -7.99 -15.45
C ILE C 59 -24.62 -6.56 -15.74
N ILE C 60 -24.19 -5.63 -14.90
CA ILE C 60 -24.44 -4.20 -15.07
C ILE C 60 -23.11 -3.47 -15.22
N PHE C 61 -22.99 -2.68 -16.29
CA PHE C 61 -21.82 -1.83 -16.54
C PHE C 61 -22.18 -0.39 -16.20
N TRP C 62 -21.38 0.26 -15.35
CA TRP C 62 -21.50 1.69 -15.10
C TRP C 62 -20.22 2.19 -14.44
N ALA C 63 -20.01 3.51 -14.43
CA ALA C 63 -18.97 4.07 -13.60
C ALA C 63 -19.18 3.68 -12.14
N HIS C 64 -18.09 3.55 -11.41
CA HIS C 64 -18.11 2.97 -10.09
C HIS C 64 -18.84 3.78 -9.03
N ASP C 65 -19.19 5.04 -9.28
CA ASP C 65 -19.75 5.85 -8.23
C ASP C 65 -21.11 5.33 -7.78
N ARG C 66 -21.82 4.61 -8.61
CA ARG C 66 -23.14 4.14 -8.30
C ARG C 66 -23.17 2.81 -7.58
N PHE C 67 -22.03 2.10 -7.51
CA PHE C 67 -22.02 0.71 -7.09
C PHE C 67 -22.14 0.55 -5.57
N GLY C 68 -21.61 1.51 -4.82
CA GLY C 68 -21.80 1.49 -3.38
C GLY C 68 -23.26 1.52 -2.98
N GLY C 69 -24.07 2.37 -3.62
CA GLY C 69 -25.48 2.37 -3.31
C GLY C 69 -26.13 1.06 -3.70
N TYR C 70 -25.74 0.53 -4.86
CA TYR C 70 -26.22 -0.79 -5.27
C TYR C 70 -25.85 -1.83 -4.23
N ALA C 71 -24.58 -1.85 -3.82
CA ALA C 71 -24.10 -2.85 -2.86
C ALA C 71 -24.78 -2.69 -1.50
N GLN C 72 -24.90 -1.46 -1.00
CA GLN C 72 -25.60 -1.21 0.26
C GLN C 72 -27.02 -1.75 0.22
N SER C 73 -27.71 -1.64 -0.91
CA SER C 73 -29.05 -2.19 -1.05
C SER C 73 -29.06 -3.69 -1.31
N GLY C 74 -27.90 -4.35 -1.28
CA GLY C 74 -27.82 -5.79 -1.50
C GLY C 74 -28.01 -6.30 -2.90
N LEU C 75 -27.84 -5.47 -3.93
CA LEU C 75 -28.16 -5.83 -5.31
C LEU C 75 -26.97 -6.38 -6.09
N LEU C 76 -25.79 -6.38 -5.50
CA LEU C 76 -24.60 -6.87 -6.17
C LEU C 76 -24.00 -8.06 -5.43
N ALA C 77 -23.54 -9.04 -6.20
CA ALA C 77 -22.79 -10.16 -5.67
C ALA C 77 -21.34 -9.75 -5.37
N GLU C 78 -20.79 -10.32 -4.30
CA GLU C 78 -19.37 -10.24 -4.07
C GLU C 78 -18.67 -11.03 -5.16
N ILE C 79 -17.65 -10.42 -5.80
CA ILE C 79 -16.90 -11.12 -6.81
C ILE C 79 -15.70 -11.80 -6.16
N THR C 80 -15.17 -12.84 -6.83
CA THR C 80 -14.20 -13.73 -6.20
C THR C 80 -12.98 -14.00 -7.11
N PRO C 81 -12.35 -12.95 -7.63
CA PRO C 81 -11.13 -13.19 -8.41
C PRO C 81 -10.01 -13.63 -7.48
N ASP C 82 -9.17 -14.56 -7.95
CA ASP C 82 -8.04 -14.94 -7.14
C ASP C 82 -6.91 -13.91 -7.25
N LYS C 83 -5.88 -14.09 -6.42
CA LYS C 83 -4.80 -13.11 -6.36
C LYS C 83 -4.09 -13.01 -7.70
N ALA C 84 -3.96 -14.12 -8.42
CA ALA C 84 -3.27 -14.05 -9.71
C ALA C 84 -4.05 -13.18 -10.71
N PHE C 85 -5.38 -13.26 -10.67
CA PHE C 85 -6.15 -12.40 -11.55
C PHE C 85 -6.10 -10.94 -11.09
N GLN C 86 -6.29 -10.70 -9.80
CA GLN C 86 -6.27 -9.33 -9.29
C GLN C 86 -5.00 -8.64 -9.71
N ASP C 87 -3.89 -9.37 -9.76
CA ASP C 87 -2.63 -8.70 -10.09
C ASP C 87 -2.54 -8.31 -11.56
N LYS C 88 -3.46 -8.77 -12.42
CA LYS C 88 -3.46 -8.35 -13.82
C LYS C 88 -4.01 -6.93 -14.03
N LEU C 89 -4.65 -6.34 -13.01
CA LEU C 89 -5.26 -5.03 -13.13
C LEU C 89 -4.58 -4.09 -12.15
N TYR C 90 -4.59 -2.81 -12.47
CA TYR C 90 -3.99 -1.82 -11.58
C TYR C 90 -4.68 -1.83 -10.21
N PRO C 91 -3.91 -1.77 -9.13
CA PRO C 91 -4.54 -1.88 -7.80
C PRO C 91 -5.53 -0.78 -7.51
N PHE C 92 -5.28 0.44 -7.99
CA PHE C 92 -6.20 1.53 -7.68
C PHE C 92 -7.54 1.35 -8.38
N THR C 93 -7.62 0.55 -9.45
CA THR C 93 -8.92 0.29 -10.04
C THR C 93 -9.69 -0.68 -9.17
N TRP C 94 -8.98 -1.61 -8.52
CA TRP C 94 -9.64 -2.45 -7.52
C TRP C 94 -10.16 -1.60 -6.36
N ASP C 95 -9.46 -0.54 -5.98
CA ASP C 95 -9.95 0.24 -4.86
C ASP C 95 -11.27 0.89 -5.23
N ALA C 96 -11.44 1.26 -6.49
CA ALA C 96 -12.64 1.98 -6.90
C ALA C 96 -13.88 1.12 -6.76
N VAL C 97 -13.73 -0.21 -6.83
CA VAL C 97 -14.83 -1.16 -6.72
C VAL C 97 -14.82 -1.94 -5.39
N ARG C 98 -14.18 -1.41 -4.37
CA ARG C 98 -14.23 -2.03 -3.07
C ARG C 98 -15.27 -1.29 -2.23
N TYR C 99 -16.20 -2.03 -1.61
CA TYR C 99 -17.18 -1.36 -0.76
C TYR C 99 -17.39 -2.21 0.50
N ASN C 100 -17.20 -1.58 1.67
CA ASN C 100 -17.32 -2.24 2.97
C ASN C 100 -16.53 -3.55 3.03
N GLY C 101 -15.26 -3.45 2.61
CA GLY C 101 -14.37 -4.57 2.67
C GLY C 101 -14.48 -5.62 1.58
N LYS C 102 -15.38 -5.47 0.62
CA LYS C 102 -15.62 -6.44 -0.42
C LYS C 102 -15.50 -5.81 -1.80
N LEU C 103 -14.97 -6.57 -2.75
CA LEU C 103 -15.02 -6.25 -4.17
C LEU C 103 -16.41 -6.56 -4.73
N ILE C 104 -17.07 -5.55 -5.30
CA ILE C 104 -18.45 -5.64 -5.77
C ILE C 104 -18.56 -5.45 -7.27
N ALA C 105 -17.45 -5.38 -7.98
CA ALA C 105 -17.46 -5.16 -9.43
C ALA C 105 -16.08 -5.46 -9.97
N TYR C 106 -16.03 -5.80 -11.26
CA TYR C 106 -14.77 -5.87 -11.97
C TYR C 106 -14.49 -4.52 -12.60
N PRO C 107 -13.36 -3.87 -12.30
CA PRO C 107 -13.00 -2.65 -13.04
C PRO C 107 -12.57 -2.92 -14.49
N ILE C 108 -12.95 -2.01 -15.38
CA ILE C 108 -12.73 -2.17 -16.81
C ILE C 108 -11.84 -1.06 -17.36
N ALA C 109 -12.16 0.19 -17.05
CA ALA C 109 -11.39 1.24 -17.68
C ALA C 109 -11.59 2.54 -16.93
N VAL C 110 -10.59 3.41 -17.05
CA VAL C 110 -10.57 4.69 -16.37
C VAL C 110 -10.94 5.77 -17.37
N GLU C 111 -11.90 6.61 -16.96
CA GLU C 111 -12.47 7.63 -17.82
C GLU C 111 -12.33 9.00 -17.19
N ALA C 112 -12.00 10.00 -18.00
CA ALA C 112 -12.10 11.39 -17.56
C ALA C 112 -12.41 12.25 -18.78
N LEU C 113 -13.04 13.37 -18.53
CA LEU C 113 -13.33 14.30 -19.59
C LEU C 113 -12.06 15.04 -20.04
N SER C 114 -12.00 15.33 -21.32
CA SER C 114 -10.96 16.20 -21.86
C SER C 114 -11.57 17.30 -22.74
N LEU C 115 -10.76 18.31 -23.06
CA LEU C 115 -11.16 19.28 -24.08
C LEU C 115 -10.85 18.70 -25.47
N ILE C 116 -11.87 18.70 -26.33
CA ILE C 116 -11.77 18.24 -27.70
C ILE C 116 -11.93 19.48 -28.58
N TYR C 117 -11.02 19.66 -29.53
CA TYR C 117 -11.09 20.87 -30.35
C TYR C 117 -10.90 20.56 -31.83
N ASN C 118 -11.53 21.41 -32.65
CA ASN C 118 -11.54 21.29 -34.08
C ASN C 118 -10.26 21.96 -34.61
N LYS C 119 -9.34 21.15 -35.14
CA LYS C 119 -8.02 21.64 -35.55
C LYS C 119 -8.09 22.63 -36.72
N ASP C 120 -9.07 22.53 -37.59
CA ASP C 120 -9.19 23.49 -38.66
C ASP C 120 -9.78 24.81 -38.20
N LEU C 121 -10.71 24.80 -37.24
CA LEU C 121 -11.28 26.07 -36.78
C LEU C 121 -10.40 26.77 -35.76
N LEU C 122 -9.58 26.02 -35.02
CA LEU C 122 -8.96 26.56 -33.83
C LEU C 122 -7.71 25.74 -33.60
N PRO C 123 -6.69 25.91 -34.44
CA PRO C 123 -5.45 25.13 -34.26
C PRO C 123 -4.74 25.38 -32.96
N ASN C 124 -4.97 26.52 -32.30
CA ASN C 124 -4.36 26.84 -31.00
C ASN C 124 -5.45 27.10 -29.96
N PRO C 125 -5.96 26.06 -29.33
CA PRO C 125 -7.10 26.25 -28.42
C PRO C 125 -6.68 27.05 -27.17
N PRO C 126 -7.64 27.77 -26.57
CA PRO C 126 -7.28 28.59 -25.40
C PRO C 126 -6.90 27.72 -24.22
N LYS C 127 -6.05 28.27 -23.37
CA LYS C 127 -5.63 27.61 -22.14
C LYS C 127 -6.53 27.92 -20.96
N THR C 128 -7.38 28.93 -21.05
CA THR C 128 -8.21 29.40 -19.96
C THR C 128 -9.66 29.50 -20.37
N TRP C 129 -10.54 29.21 -19.41
CA TRP C 129 -11.97 29.48 -19.58
C TRP C 129 -12.22 30.94 -19.90
N GLU C 130 -11.43 31.82 -19.26
CA GLU C 130 -11.60 33.26 -19.35
C GLU C 130 -11.46 33.79 -20.77
N GLU C 131 -10.70 33.11 -21.64
CA GLU C 131 -10.61 33.57 -23.04
C GLU C 131 -11.84 33.20 -23.86
N ILE C 132 -12.70 32.32 -23.36
CA ILE C 132 -13.72 31.73 -24.21
C ILE C 132 -14.75 32.78 -24.66
N PRO C 133 -15.17 33.73 -23.83
CA PRO C 133 -16.11 34.74 -24.37
C PRO C 133 -15.58 35.54 -25.57
N ALA C 134 -14.38 36.08 -25.49
CA ALA C 134 -13.88 36.85 -26.62
C ALA C 134 -13.76 35.96 -27.86
N LEU C 135 -13.34 34.71 -27.65
CA LEU C 135 -13.20 33.78 -28.78
C LEU C 135 -14.53 33.46 -29.43
N ASP C 136 -15.59 33.27 -28.64
CA ASP C 136 -16.91 32.99 -29.21
C ASP C 136 -17.48 34.17 -30.00
N LYS C 137 -17.28 35.39 -29.51
CA LYS C 137 -17.74 36.55 -30.28
C LYS C 137 -17.07 36.60 -31.66
N GLU C 138 -15.78 36.23 -31.73
CA GLU C 138 -15.07 36.18 -33.02
C GLU C 138 -15.64 35.11 -33.92
N LEU C 139 -15.89 33.90 -33.35
CA LEU C 139 -16.37 32.78 -34.17
C LEU C 139 -17.81 32.97 -34.62
N LYS C 140 -18.61 33.65 -33.81
CA LYS C 140 -19.99 33.97 -34.19
C LYS C 140 -20.01 34.87 -35.43
N ALA C 141 -19.03 35.78 -35.55
CA ALA C 141 -18.94 36.65 -36.74
C ALA C 141 -18.66 35.83 -37.99
N LYS C 142 -18.17 34.62 -37.80
CA LYS C 142 -17.86 33.62 -38.79
C LYS C 142 -18.96 32.58 -38.93
N GLY C 143 -20.06 32.72 -38.20
CA GLY C 143 -21.08 31.68 -38.23
C GLY C 143 -20.78 30.43 -37.43
N LYS C 144 -19.95 30.50 -36.41
CA LYS C 144 -19.58 29.37 -35.59
C LYS C 144 -19.71 29.74 -34.13
N SER C 145 -19.36 28.81 -33.25
CA SER C 145 -19.29 29.11 -31.84
C SER C 145 -18.02 28.50 -31.26
N ALA C 146 -17.63 28.99 -30.10
CA ALA C 146 -16.42 28.53 -29.45
C ALA C 146 -16.60 27.15 -28.81
N LEU C 147 -17.65 26.93 -28.02
CA LEU C 147 -17.72 25.74 -27.18
C LEU C 147 -19.16 25.34 -26.91
N MET C 148 -19.48 24.07 -27.15
CA MET C 148 -20.75 23.49 -26.74
C MET C 148 -20.48 22.16 -26.07
N PHE C 149 -21.14 21.91 -24.92
CA PHE C 149 -21.07 20.65 -24.21
C PHE C 149 -22.35 20.46 -23.38
N ASN C 150 -22.58 19.23 -22.96
CA ASN C 150 -23.80 18.87 -22.23
C ASN C 150 -23.95 19.70 -20.97
N LEU C 151 -24.96 20.56 -20.93
CA LEU C 151 -25.23 21.31 -19.73
C LEU C 151 -26.31 20.68 -18.85
N GLN C 152 -26.84 19.52 -19.22
CA GLN C 152 -27.93 18.93 -18.45
C GLN C 152 -27.44 17.95 -17.37
N GLU C 153 -26.19 17.52 -17.45
CA GLU C 153 -25.61 16.51 -16.57
C GLU C 153 -24.47 17.16 -15.83
N PRO C 154 -24.51 17.21 -14.51
CA PRO C 154 -23.48 17.96 -13.76
C PRO C 154 -22.09 17.37 -13.91
N TYR C 155 -21.98 16.13 -14.37
CA TYR C 155 -20.69 15.52 -14.68
C TYR C 155 -19.85 16.41 -15.59
N PHE C 156 -20.50 17.11 -16.53
CA PHE C 156 -19.78 17.87 -17.55
C PHE C 156 -19.41 19.27 -17.07
N THR C 157 -20.15 19.81 -16.11
CA THR C 157 -19.84 21.12 -15.54
CA THR C 157 -19.88 21.11 -15.51
C THR C 157 -19.01 21.03 -14.27
N TRP C 158 -18.91 19.85 -13.70
CA TRP C 158 -18.10 19.67 -12.50
C TRP C 158 -16.65 20.09 -12.67
N PRO C 159 -15.96 19.78 -13.77
CA PRO C 159 -14.54 20.21 -13.85
C PRO C 159 -14.37 21.71 -13.54
N LEU C 160 -15.28 22.55 -14.05
CA LEU C 160 -15.18 23.98 -13.80
C LEU C 160 -15.62 24.34 -12.39
N ILE C 161 -16.65 23.68 -11.87
CA ILE C 161 -17.09 23.96 -10.51
C ILE C 161 -16.01 23.59 -9.50
N ALA C 162 -15.30 22.50 -9.74
CA ALA C 162 -14.32 22.09 -8.75
C ALA C 162 -13.01 22.86 -8.84
N ALA C 163 -12.75 23.55 -9.96
CA ALA C 163 -11.44 24.12 -10.23
C ALA C 163 -10.93 25.01 -9.10
N ASP C 164 -11.77 25.94 -8.68
CA ASP C 164 -11.41 26.91 -7.68
C ASP C 164 -11.88 26.54 -6.28
N GLY C 165 -12.32 25.30 -6.07
CA GLY C 165 -12.56 24.82 -4.73
C GLY C 165 -13.78 23.98 -4.45
N GLY C 166 -14.62 23.71 -5.43
CA GLY C 166 -15.72 22.79 -5.21
C GLY C 166 -15.22 21.39 -4.90
N TYR C 167 -16.02 20.67 -4.10
CA TYR C 167 -15.81 19.24 -3.87
C TYR C 167 -17.13 18.59 -3.49
N ALA C 168 -17.15 17.25 -3.61
CA ALA C 168 -18.38 16.51 -3.34
C ALA C 168 -18.64 16.15 -1.89
N PHE C 169 -17.66 15.50 -1.26
CA PHE C 169 -17.73 15.14 0.15
C PHE C 169 -16.28 15.24 0.59
N LYS C 170 -16.04 15.90 1.72
CA LYS C 170 -14.68 16.06 2.21
C LYS C 170 -14.10 14.70 2.57
N TYR C 171 -12.91 14.41 2.03
CA TYR C 171 -12.13 13.22 2.32
C TYR C 171 -10.93 13.60 3.17
N GLU C 172 -10.85 13.09 4.40
CA GLU C 172 -9.68 13.23 5.26
C GLU C 172 -9.47 11.92 6.02
N ASN C 173 -8.22 11.68 6.44
CA ASN C 173 -7.89 10.56 7.33
C ASN C 173 -8.48 9.24 6.84
N GLY C 174 -8.62 9.11 5.52
CA GLY C 174 -9.06 7.87 4.90
C GLY C 174 -10.57 7.68 4.79
N LYS C 175 -11.37 8.64 5.24
CA LYS C 175 -12.82 8.50 5.37
C LYS C 175 -13.48 9.72 4.73
N TYR C 176 -14.65 9.49 4.10
CA TYR C 176 -15.53 10.58 3.67
C TYR C 176 -16.38 11.12 4.81
N ASP C 177 -16.51 12.45 4.89
CA ASP C 177 -17.41 13.08 5.85
C ASP C 177 -18.69 13.47 5.08
N ILE C 178 -19.75 12.67 5.24
CA ILE C 178 -20.95 12.89 4.45
C ILE C 178 -21.71 14.12 4.90
N LYS C 179 -21.33 14.70 6.03
CA LYS C 179 -21.91 15.95 6.47
C LYS C 179 -21.17 17.15 5.90
N ASP C 180 -20.05 16.93 5.20
CA ASP C 180 -19.21 18.03 4.71
C ASP C 180 -19.24 18.00 3.18
N VAL C 181 -20.29 18.57 2.61
CA VAL C 181 -20.48 18.72 1.17
C VAL C 181 -19.89 20.05 0.71
N GLY C 182 -19.31 20.06 -0.48
CA GLY C 182 -18.44 21.14 -0.86
C GLY C 182 -18.86 21.99 -2.03
N VAL C 183 -20.17 22.19 -2.23
CA VAL C 183 -20.65 23.05 -3.31
C VAL C 183 -21.13 24.41 -2.85
N ASP C 184 -21.29 24.60 -1.54
CA ASP C 184 -21.75 25.84 -0.95
C ASP C 184 -20.54 26.64 -0.49
N ASN C 185 -19.61 26.88 -1.39
CA ASN C 185 -18.41 27.61 -1.01
C ASN C 185 -18.06 28.55 -2.16
N ALA C 186 -17.12 29.45 -1.88
CA ALA C 186 -16.85 30.55 -2.82
C ALA C 186 -16.28 30.03 -4.13
N GLY C 187 -15.49 28.97 -4.08
CA GLY C 187 -14.88 28.48 -5.29
C GLY C 187 -15.90 27.84 -6.21
N ALA C 188 -16.77 26.99 -5.65
CA ALA C 188 -17.85 26.41 -6.45
C ALA C 188 -18.74 27.50 -7.02
N LYS C 189 -19.06 28.53 -6.22
CA LYS C 189 -19.91 29.60 -6.74
C LYS C 189 -19.22 30.36 -7.88
N ALA C 190 -17.91 30.57 -7.78
CA ALA C 190 -17.17 31.27 -8.84
C ALA C 190 -17.21 30.46 -10.13
N GLY C 191 -16.98 29.15 -10.01
CA GLY C 191 -17.02 28.32 -11.19
C GLY C 191 -18.39 28.34 -11.85
N LEU C 192 -19.45 28.13 -11.07
CA LEU C 192 -20.78 28.06 -11.65
C LEU C 192 -21.22 29.42 -12.16
N THR C 193 -20.86 30.48 -11.47
CA THR C 193 -21.15 31.83 -11.97
C THR C 193 -20.51 32.05 -13.35
N PHE C 194 -19.28 31.55 -13.55
CA PHE C 194 -18.67 31.72 -14.87
C PHE C 194 -19.48 31.00 -15.93
N LEU C 195 -19.97 29.80 -15.63
CA LEU C 195 -20.82 29.08 -16.56
C LEU C 195 -22.12 29.82 -16.83
N VAL C 196 -22.77 30.35 -15.79
CA VAL C 196 -24.05 31.04 -16.02
C VAL C 196 -23.86 32.34 -16.81
N ASP C 197 -22.76 33.03 -16.56
CA ASP C 197 -22.42 34.21 -17.35
C ASP C 197 -22.21 33.91 -18.84
N LEU C 198 -21.57 32.79 -19.16
CA LEU C 198 -21.52 32.40 -20.57
C LEU C 198 -22.93 32.29 -21.16
N ILE C 199 -23.87 31.73 -20.40
CA ILE C 199 -25.22 31.55 -20.93
C ILE C 199 -25.92 32.89 -21.09
N LYS C 200 -25.84 33.70 -20.05
CA LYS C 200 -26.47 35.01 -20.03
C LYS C 200 -25.94 35.89 -21.14
N ASN C 201 -24.66 35.77 -21.46
CA ASN C 201 -24.05 36.54 -22.53
C ASN C 201 -24.16 35.81 -23.85
N LYS C 202 -24.91 34.72 -23.91
CA LYS C 202 -25.20 33.98 -25.13
C LYS C 202 -23.97 33.32 -25.77
N HIS C 203 -22.90 33.12 -25.03
CA HIS C 203 -21.84 32.22 -25.50
C HIS C 203 -22.22 30.74 -25.41
N MET C 204 -23.22 30.40 -24.59
CA MET C 204 -23.77 29.04 -24.55
C MET C 204 -25.26 29.13 -24.31
N ASN C 205 -25.93 28.02 -24.54
CA ASN C 205 -27.37 27.94 -24.37
C ASN C 205 -27.73 26.92 -23.29
N ALA C 206 -28.60 27.34 -22.38
CA ALA C 206 -28.93 26.51 -21.21
C ALA C 206 -29.55 25.18 -21.58
N ASP C 207 -30.13 25.07 -22.75
CA ASP C 207 -30.76 23.84 -23.21
C ASP C 207 -29.80 22.86 -23.86
N THR C 208 -28.53 23.20 -24.02
CA THR C 208 -27.65 22.30 -24.75
C THR C 208 -27.50 20.99 -23.98
N ASP C 209 -27.67 19.88 -24.69
CA ASP C 209 -27.54 18.56 -24.10
C ASP C 209 -26.50 17.74 -24.89
N TYR C 210 -26.36 16.47 -24.51
CA TYR C 210 -25.30 15.62 -25.08
C TYR C 210 -25.41 15.55 -26.60
N SER C 211 -26.61 15.24 -27.12
CA SER C 211 -26.75 15.03 -28.55
CA SER C 211 -26.76 15.04 -28.55
C SER C 211 -26.60 16.34 -29.31
N ILE C 212 -27.20 17.43 -28.82
CA ILE C 212 -27.04 18.71 -29.51
C ILE C 212 -25.56 19.08 -29.61
N ALA C 213 -24.83 18.98 -28.49
CA ALA C 213 -23.41 19.34 -28.51
C ALA C 213 -22.62 18.41 -29.42
N GLU C 214 -22.88 17.10 -29.33
CA GLU C 214 -22.14 16.16 -30.17
C GLU C 214 -22.40 16.46 -31.65
N ALA C 215 -23.64 16.74 -32.02
CA ALA C 215 -23.96 17.04 -33.40
C ALA C 215 -23.29 18.33 -33.84
N ALA C 216 -23.32 19.38 -33.00
CA ALA C 216 -22.69 20.63 -33.42
C ALA C 216 -21.19 20.43 -33.62
N PHE C 217 -20.54 19.68 -32.75
CA PHE C 217 -19.10 19.52 -32.93
C PHE C 217 -18.79 18.64 -34.13
N ASN C 218 -19.52 17.53 -34.29
CA ASN C 218 -19.18 16.61 -35.37
C ASN C 218 -19.59 17.13 -36.76
N LYS C 219 -20.36 18.20 -36.83
CA LYS C 219 -20.68 18.91 -38.03
C LYS C 219 -19.82 20.14 -38.23
N GLY C 220 -18.84 20.36 -37.37
CA GLY C 220 -17.95 21.48 -37.54
C GLY C 220 -18.55 22.84 -37.27
N GLU C 221 -19.58 22.92 -36.43
CA GLU C 221 -20.22 24.19 -36.11
C GLU C 221 -19.67 24.86 -34.86
N THR C 222 -18.97 24.11 -34.02
CA THR C 222 -18.40 24.63 -32.79
C THR C 222 -16.95 24.18 -32.75
N ALA C 223 -16.10 25.04 -32.17
CA ALA C 223 -14.66 24.79 -32.21
C ALA C 223 -14.22 23.86 -31.09
N MET C 224 -15.01 23.75 -30.03
CA MET C 224 -14.64 22.91 -28.91
C MET C 224 -15.85 22.20 -28.34
N THR C 225 -15.57 21.07 -27.70
CA THR C 225 -16.53 20.40 -26.85
C THR C 225 -15.78 19.79 -25.69
N ILE C 226 -16.52 19.32 -24.70
CA ILE C 226 -15.97 18.61 -23.56
C ILE C 226 -16.62 17.24 -23.58
N ASN C 227 -15.82 16.21 -23.66
CA ASN C 227 -16.36 14.87 -23.72
C ASN C 227 -15.30 13.86 -23.35
N GLY C 228 -15.74 12.60 -23.25
CA GLY C 228 -14.88 11.53 -22.85
C GLY C 228 -14.43 10.62 -23.96
N PRO C 229 -13.57 9.64 -23.66
CA PRO C 229 -12.99 8.82 -24.72
C PRO C 229 -14.02 8.11 -25.57
N TRP C 230 -15.19 7.74 -25.02
CA TRP C 230 -16.23 7.08 -25.82
C TRP C 230 -16.65 7.91 -27.03
N ALA C 231 -16.53 9.24 -26.95
CA ALA C 231 -17.04 10.07 -28.04
C ALA C 231 -16.12 10.14 -29.24
N TRP C 232 -14.90 9.64 -29.10
CA TRP C 232 -13.92 9.82 -30.18
C TRP C 232 -14.29 9.08 -31.43
N SER C 233 -14.94 7.93 -31.30
CA SER C 233 -15.23 7.12 -32.47
C SER C 233 -16.17 7.86 -33.42
N ASN C 234 -17.18 8.55 -32.91
CA ASN C 234 -18.07 9.25 -33.81
C ASN C 234 -17.38 10.44 -34.47
N ILE C 235 -16.41 11.03 -33.79
CA ILE C 235 -15.70 12.14 -34.39
C ILE C 235 -14.82 11.65 -35.53
N ASP C 236 -14.20 10.47 -35.34
CA ASP C 236 -13.48 9.82 -36.43
C ASP C 236 -14.35 9.67 -37.66
N THR C 237 -15.57 9.18 -37.47
CA THR C 237 -16.48 9.03 -38.59
C THR C 237 -16.83 10.37 -39.23
N SER C 238 -16.82 11.45 -38.45
CA SER C 238 -17.23 12.73 -38.99
C SER C 238 -16.17 13.35 -39.91
N LYS C 239 -14.93 12.89 -39.83
CA LYS C 239 -13.81 13.51 -40.52
C LYS C 239 -13.63 14.99 -40.13
N VAL C 240 -14.07 15.36 -38.93
CA VAL C 240 -13.49 16.52 -38.27
C VAL C 240 -12.06 16.19 -37.83
N ASN C 241 -11.13 17.12 -38.05
CA ASN C 241 -9.74 16.91 -37.65
C ASN C 241 -9.63 17.48 -36.24
N TYR C 242 -9.62 16.61 -35.25
CA TYR C 242 -9.76 17.04 -33.86
C TYR C 242 -8.51 16.73 -33.06
N GLY C 243 -8.33 17.47 -31.97
CA GLY C 243 -7.30 17.15 -30.99
C GLY C 243 -7.96 16.92 -29.64
N VAL C 244 -7.27 16.24 -28.72
CA VAL C 244 -7.74 15.99 -27.37
C VAL C 244 -6.65 16.53 -26.44
N THR C 245 -7.05 17.39 -25.51
CA THR C 245 -6.08 18.13 -24.72
C THR C 245 -6.58 18.40 -23.31
N VAL C 246 -5.72 19.09 -22.56
CA VAL C 246 -6.03 19.43 -21.18
C VAL C 246 -7.19 20.42 -21.13
N LEU C 247 -8.07 20.27 -20.12
CA LEU C 247 -9.17 21.20 -19.96
C LEU C 247 -8.61 22.59 -19.70
N PRO C 248 -9.39 23.63 -20.00
CA PRO C 248 -8.95 25.01 -19.68
C PRO C 248 -8.80 25.22 -18.17
N THR C 249 -7.94 26.19 -17.82
CA THR C 249 -7.82 26.60 -16.42
C THR C 249 -8.89 27.65 -16.09
N PHE C 250 -9.23 27.74 -14.81
CA PHE C 250 -10.16 28.73 -14.31
C PHE C 250 -9.48 29.39 -13.12
N LYS C 251 -9.40 30.71 -13.18
CA LYS C 251 -8.61 31.50 -12.22
C LYS C 251 -7.21 30.92 -12.06
N GLY C 252 -6.63 30.47 -13.17
CA GLY C 252 -5.30 29.91 -13.14
C GLY C 252 -5.20 28.53 -12.53
N GLN C 253 -6.34 27.89 -12.22
CA GLN C 253 -6.38 26.60 -11.56
C GLN C 253 -6.78 25.54 -12.58
N PRO C 254 -6.24 24.33 -12.52
CA PRO C 254 -6.71 23.28 -13.43
C PRO C 254 -8.20 22.99 -13.21
N SER C 255 -8.93 22.78 -14.30
CA SER C 255 -10.22 22.13 -14.19
C SER C 255 -10.00 20.74 -13.61
N LYS C 256 -10.94 20.28 -12.79
CA LYS C 256 -10.78 19.06 -12.01
C LYS C 256 -11.94 18.12 -12.28
N PRO C 257 -11.89 17.36 -13.36
CA PRO C 257 -13.00 16.45 -13.67
C PRO C 257 -13.07 15.32 -12.65
N PHE C 258 -14.27 14.82 -12.42
CA PHE C 258 -14.41 13.59 -11.68
C PHE C 258 -13.92 12.45 -12.56
N VAL C 259 -13.17 11.51 -11.99
CA VAL C 259 -12.65 10.35 -12.67
C VAL C 259 -13.55 9.15 -12.36
N GLY C 260 -13.99 8.48 -13.42
CA GLY C 260 -14.84 7.31 -13.30
C GLY C 260 -14.08 6.07 -13.71
N VAL C 261 -14.32 4.98 -13.00
CA VAL C 261 -13.87 3.66 -13.41
C VAL C 261 -15.06 2.89 -13.91
N LEU C 262 -15.15 2.70 -15.22
CA LEU C 262 -16.18 1.83 -15.77
C LEU C 262 -16.04 0.45 -15.18
N SER C 263 -17.13 -0.07 -14.63
CA SER C 263 -17.08 -1.29 -13.82
C SER C 263 -18.23 -2.22 -14.16
N ALA C 264 -18.02 -3.51 -13.96
CA ALA C 264 -19.00 -4.52 -14.33
C ALA C 264 -19.38 -5.30 -13.08
N GLY C 265 -20.63 -5.15 -12.66
CA GLY C 265 -21.15 -5.83 -11.47
C GLY C 265 -22.06 -7.00 -11.81
N ILE C 266 -22.17 -7.92 -10.87
CA ILE C 266 -23.01 -9.11 -11.04
C ILE C 266 -24.23 -8.99 -10.15
N ASN C 267 -25.40 -9.12 -10.76
CA ASN C 267 -26.65 -9.03 -10.03
C ASN C 267 -26.69 -10.10 -8.94
N ALA C 268 -27.01 -9.66 -7.72
CA ALA C 268 -27.12 -10.61 -6.61
C ALA C 268 -28.23 -11.62 -6.88
N ALA C 269 -29.25 -11.23 -7.61
CA ALA C 269 -30.32 -12.15 -7.94
C ALA C 269 -30.03 -13.01 -9.15
N SER C 270 -28.84 -12.95 -9.72
CA SER C 270 -28.58 -13.73 -10.92
C SER C 270 -28.34 -15.19 -10.55
N PRO C 271 -28.96 -16.15 -11.25
CA PRO C 271 -28.54 -17.56 -11.15
C PRO C 271 -27.33 -17.93 -11.98
N ASN C 272 -26.62 -16.98 -12.55
CA ASN C 272 -25.54 -17.24 -13.49
C ASN C 272 -24.23 -16.62 -13.01
N LYS C 273 -24.10 -16.46 -11.69
CA LYS C 273 -22.93 -15.76 -11.16
C LYS C 273 -21.63 -16.35 -11.68
N GLU C 274 -21.57 -17.66 -11.83
CA GLU C 274 -20.33 -18.30 -12.21
C GLU C 274 -20.03 -18.09 -13.70
N LEU C 275 -21.08 -18.14 -14.53
CA LEU C 275 -20.91 -17.81 -15.94
C LEU C 275 -20.46 -16.37 -16.13
N ALA C 276 -21.04 -15.48 -15.33
CA ALA C 276 -20.67 -14.08 -15.38
C ALA C 276 -19.22 -13.91 -15.04
N LYS C 277 -18.75 -14.62 -14.01
CA LYS C 277 -17.33 -14.54 -13.67
C LYS C 277 -16.48 -15.06 -14.83
N GLU C 278 -16.90 -16.15 -15.45
CA GLU C 278 -16.09 -16.69 -16.53
C GLU C 278 -16.04 -15.73 -17.72
N PHE C 279 -17.18 -15.09 -18.03
CA PHE C 279 -17.22 -14.14 -19.13
C PHE C 279 -16.33 -12.94 -18.86
N LEU C 280 -16.48 -12.34 -17.68
CA LEU C 280 -15.75 -11.12 -17.37
C LEU C 280 -14.26 -11.40 -17.23
N GLU C 281 -13.90 -12.52 -16.58
CA GLU C 281 -12.48 -12.76 -16.30
C GLU C 281 -11.74 -13.34 -17.50
N ASN C 282 -12.34 -14.27 -18.21
CA ASN C 282 -11.61 -15.03 -19.21
C ASN C 282 -11.90 -14.55 -20.63
N TYR C 283 -12.93 -13.72 -20.82
CA TYR C 283 -13.25 -13.20 -22.15
C TYR C 283 -13.13 -11.68 -22.25
N LEU C 284 -13.78 -10.93 -21.38
CA LEU C 284 -13.74 -9.48 -21.55
C LEU C 284 -12.38 -8.94 -21.12
N LEU C 285 -11.93 -9.30 -19.93
CA LEU C 285 -10.70 -8.77 -19.34
C LEU C 285 -9.47 -9.53 -19.88
N THR C 286 -9.39 -9.55 -21.20
CA THR C 286 -8.27 -10.07 -21.98
C THR C 286 -7.89 -9.01 -23.00
N ASP C 287 -6.65 -9.06 -23.52
CA ASP C 287 -6.24 -8.08 -24.51
C ASP C 287 -7.21 -8.07 -25.70
N GLU C 288 -7.59 -9.25 -26.17
CA GLU C 288 -8.46 -9.31 -27.35
C GLU C 288 -9.88 -8.89 -27.00
N GLY C 289 -10.33 -9.16 -25.77
CA GLY C 289 -11.67 -8.75 -25.38
C GLY C 289 -11.80 -7.24 -25.27
N LEU C 290 -10.89 -6.60 -24.55
CA LEU C 290 -10.93 -5.15 -24.43
C LEU C 290 -10.75 -4.49 -25.80
N GLU C 291 -9.97 -5.11 -26.70
CA GLU C 291 -9.76 -4.53 -28.02
C GLU C 291 -11.08 -4.43 -28.80
N ALA C 292 -11.88 -5.50 -28.77
CA ALA C 292 -13.15 -5.47 -29.51
C ALA C 292 -14.06 -4.36 -28.99
N VAL C 293 -14.12 -4.17 -27.68
CA VAL C 293 -14.95 -3.08 -27.15
C VAL C 293 -14.35 -1.73 -27.54
N ASN C 294 -13.03 -1.57 -27.33
CA ASN C 294 -12.33 -0.31 -27.60
C ASN C 294 -12.43 0.09 -29.08
N LYS C 295 -12.38 -0.89 -30.00
CA LYS C 295 -12.48 -0.56 -31.41
C LYS C 295 -13.86 -0.04 -31.75
N ASP C 296 -14.89 -0.49 -31.03
CA ASP C 296 -16.22 0.07 -31.18
C ASP C 296 -16.28 1.48 -30.64
N LYS C 297 -16.10 1.65 -29.30
CA LYS C 297 -16.02 2.96 -28.68
C LYS C 297 -14.86 2.99 -27.70
N PRO C 298 -13.93 3.93 -27.82
CA PRO C 298 -12.75 3.90 -26.93
C PRO C 298 -13.12 3.92 -25.45
N LEU C 299 -12.43 3.07 -24.69
CA LEU C 299 -12.72 2.87 -23.28
C LEU C 299 -11.96 3.83 -22.37
N GLY C 300 -10.91 4.49 -22.88
CA GLY C 300 -10.02 5.26 -22.04
C GLY C 300 -8.77 4.50 -21.73
N ALA C 301 -8.27 4.64 -20.50
CA ALA C 301 -7.13 3.87 -20.02
C ALA C 301 -7.68 2.63 -19.30
N VAL C 302 -7.51 1.46 -19.91
CA VAL C 302 -8.11 0.25 -19.37
C VAL C 302 -7.38 -0.20 -18.09
N ALA C 303 -8.11 -0.95 -17.26
CA ALA C 303 -7.57 -1.46 -16.01
C ALA C 303 -6.62 -2.65 -16.19
N LEU C 304 -6.68 -3.36 -17.32
CA LEU C 304 -5.83 -4.51 -17.58
C LEU C 304 -4.44 -4.02 -17.99
N LYS C 305 -3.45 -4.30 -17.14
CA LYS C 305 -2.12 -3.72 -17.32
C LYS C 305 -1.56 -4.03 -18.69
N SER C 306 -1.64 -5.29 -19.12
CA SER C 306 -1.06 -5.69 -20.39
C SER C 306 -1.57 -4.81 -21.52
N TYR C 307 -2.89 -4.63 -21.61
CA TYR C 307 -3.45 -3.87 -22.73
C TYR C 307 -3.30 -2.36 -22.53
N GLU C 308 -3.31 -1.87 -21.29
CA GLU C 308 -3.14 -0.43 -21.08
C GLU C 308 -1.77 0.01 -21.56
N GLU C 309 -0.76 -0.86 -21.38
CA GLU C 309 0.59 -0.55 -21.84
C GLU C 309 0.65 -0.41 -23.35
N GLU C 310 -0.15 -1.21 -24.07
CA GLU C 310 -0.16 -1.08 -25.52
C GLU C 310 -0.79 0.24 -25.96
N LEU C 311 -1.92 0.59 -25.36
CA LEU C 311 -2.65 1.77 -25.78
C LEU C 311 -2.04 3.06 -25.26
N ALA C 312 -1.13 2.98 -24.29
CA ALA C 312 -0.76 4.19 -23.57
C ALA C 312 -0.01 5.15 -24.46
N LYS C 313 0.49 4.69 -25.60
CA LYS C 313 1.13 5.56 -26.59
C LYS C 313 0.17 6.56 -27.23
N ASP C 314 -1.12 6.30 -27.18
CA ASP C 314 -2.12 7.15 -27.82
C ASP C 314 -2.14 8.53 -27.18
N PRO C 315 -1.88 9.61 -27.92
CA PRO C 315 -1.90 10.94 -27.28
C PRO C 315 -3.26 11.32 -26.69
N ARG C 316 -4.36 10.80 -27.24
CA ARG C 316 -5.68 11.03 -26.68
C ARG C 316 -5.80 10.39 -25.29
N ILE C 317 -5.27 9.19 -25.12
CA ILE C 317 -5.25 8.58 -23.79
C ILE C 317 -4.35 9.39 -22.87
N ALA C 318 -3.21 9.86 -23.40
CA ALA C 318 -2.30 10.66 -22.60
C ALA C 318 -3.01 11.89 -22.06
N ALA C 319 -3.77 12.57 -22.91
CA ALA C 319 -4.53 13.73 -22.49
C ALA C 319 -5.57 13.36 -21.45
N THR C 320 -6.28 12.26 -21.68
CA THR C 320 -7.27 11.76 -20.74
C THR C 320 -6.64 11.58 -19.36
N MET C 321 -5.45 10.98 -19.33
CA MET C 321 -4.80 10.68 -18.06
C MET C 321 -4.20 11.93 -17.40
N GLU C 322 -3.88 12.94 -18.19
CA GLU C 322 -3.42 14.18 -17.61
C GLU C 322 -4.59 14.96 -17.00
N ASN C 323 -5.74 14.95 -17.65
CA ASN C 323 -6.92 15.53 -17.01
C ASN C 323 -7.32 14.72 -15.76
N ALA C 324 -7.20 13.39 -15.83
CA ALA C 324 -7.52 12.52 -14.70
C ALA C 324 -6.64 12.84 -13.51
N GLN C 325 -5.33 13.03 -13.72
CA GLN C 325 -4.40 13.31 -12.62
C GLN C 325 -4.73 14.64 -11.96
N LYS C 326 -5.33 15.58 -12.71
CA LYS C 326 -5.75 16.88 -12.18
C LYS C 326 -7.08 16.81 -11.43
N GLY C 327 -7.89 15.80 -11.65
CA GLY C 327 -9.17 15.66 -11.00
C GLY C 327 -9.11 14.74 -9.80
N GLU C 328 -10.26 14.12 -9.52
CA GLU C 328 -10.44 13.30 -8.34
C GLU C 328 -11.25 12.06 -8.68
N ILE C 329 -10.81 10.91 -8.18
CA ILE C 329 -11.64 9.72 -8.28
C ILE C 329 -12.97 9.96 -7.56
N MET C 330 -14.06 9.54 -8.19
CA MET C 330 -15.37 9.69 -7.56
C MET C 330 -15.47 8.82 -6.33
N PRO C 331 -16.14 9.30 -5.28
CA PRO C 331 -16.54 8.38 -4.21
C PRO C 331 -17.51 7.36 -4.75
N ASN C 332 -17.59 6.22 -4.05
CA ASN C 332 -18.58 5.19 -4.39
C ASN C 332 -19.61 5.08 -3.28
N ILE C 333 -19.63 6.03 -2.35
CA ILE C 333 -20.50 5.90 -1.18
C ILE C 333 -21.95 5.98 -1.62
N PRO C 334 -22.87 5.40 -0.84
CA PRO C 334 -24.27 5.37 -1.27
C PRO C 334 -24.92 6.73 -1.39
N GLN C 335 -24.39 7.76 -0.74
CA GLN C 335 -24.95 9.09 -0.90
C GLN C 335 -24.68 9.71 -2.26
N MET C 336 -23.89 9.08 -3.13
CA MET C 336 -23.55 9.72 -4.40
C MET C 336 -24.80 9.96 -5.25
N SER C 337 -25.74 9.03 -5.27
CA SER C 337 -26.89 9.20 -6.15
CA SER C 337 -26.88 9.21 -6.16
C SER C 337 -27.63 10.50 -5.82
N ALA C 338 -27.82 10.79 -4.53
CA ALA C 338 -28.55 11.98 -4.12
C ALA C 338 -27.71 13.24 -4.27
N PHE C 339 -26.40 13.13 -4.05
CA PHE C 339 -25.51 14.22 -4.40
C PHE C 339 -25.72 14.60 -5.87
N TRP C 340 -25.70 13.63 -6.76
CA TRP C 340 -25.86 13.99 -8.16
C TRP C 340 -27.22 14.58 -8.43
N TYR C 341 -28.27 14.05 -7.80
CA TYR C 341 -29.61 14.63 -7.94
C TYR C 341 -29.58 16.11 -7.62
N ALA C 342 -28.98 16.44 -6.50
CA ALA C 342 -29.02 17.81 -6.02
C ALA C 342 -28.14 18.74 -6.87
N VAL C 343 -26.98 18.27 -7.31
CA VAL C 343 -26.11 19.12 -8.10
C VAL C 343 -26.70 19.31 -9.50
N ARG C 344 -27.30 18.26 -10.04
CA ARG C 344 -27.96 18.37 -11.32
C ARG C 344 -29.01 19.48 -11.26
N THR C 345 -29.87 19.42 -10.22
CA THR C 345 -30.90 20.44 -10.04
C THR C 345 -30.30 21.82 -9.87
N ALA C 346 -29.24 21.94 -9.07
CA ALA C 346 -28.65 23.25 -8.81
C ALA C 346 -28.07 23.87 -10.10
N VAL C 347 -27.41 23.05 -10.92
CA VAL C 347 -26.78 23.58 -12.14
C VAL C 347 -27.87 24.02 -13.11
N ILE C 348 -28.89 23.18 -13.27
CA ILE C 348 -29.96 23.52 -14.21
C ILE C 348 -30.70 24.76 -13.73
N ASN C 349 -30.99 24.84 -12.43
CA ASN C 349 -31.71 26.01 -11.91
C ASN C 349 -30.89 27.28 -12.11
N ALA C 350 -29.58 27.22 -11.83
CA ALA C 350 -28.75 28.41 -11.98
C ALA C 350 -28.63 28.80 -13.45
N ALA C 351 -28.43 27.81 -14.32
CA ALA C 351 -28.26 28.05 -15.74
C ALA C 351 -29.48 28.70 -16.35
N SER C 352 -30.67 28.29 -15.91
CA SER C 352 -31.94 28.74 -16.48
C SER C 352 -32.45 30.00 -15.83
N GLY C 353 -31.85 30.42 -14.73
CA GLY C 353 -32.38 31.55 -14.00
C GLY C 353 -33.51 31.27 -13.02
N ARG C 354 -33.93 30.03 -12.84
CA ARG C 354 -34.94 29.72 -11.82
C ARG C 354 -34.45 30.15 -10.44
N GLN C 355 -33.16 30.00 -10.19
CA GLN C 355 -32.52 30.49 -8.99
C GLN C 355 -31.22 31.25 -9.34
N THR C 356 -30.76 32.08 -8.40
CA THR C 356 -29.40 32.59 -8.48
C THR C 356 -28.36 31.50 -8.18
N VAL C 357 -27.11 31.73 -8.61
CA VAL C 357 -26.05 30.77 -8.35
C VAL C 357 -25.96 30.49 -6.85
N ASP C 358 -25.94 31.56 -6.05
CA ASP C 358 -25.77 31.37 -4.62
C ASP C 358 -26.91 30.56 -4.00
N GLU C 359 -28.17 30.86 -4.37
CA GLU C 359 -29.30 30.10 -3.84
C GLU C 359 -29.24 28.63 -4.28
N ALA C 360 -28.91 28.40 -5.55
CA ALA C 360 -28.93 27.05 -6.09
C ALA C 360 -27.89 26.17 -5.39
N LEU C 361 -26.70 26.71 -5.15
CA LEU C 361 -25.67 25.90 -4.51
C LEU C 361 -25.89 25.78 -3.01
N LYS C 362 -26.41 26.83 -2.39
CA LYS C 362 -26.70 26.77 -0.97
C LYS C 362 -27.75 25.72 -0.68
N ASP C 363 -28.68 25.48 -1.61
CA ASP C 363 -29.70 24.47 -1.43
C ASP C 363 -29.20 23.03 -1.59
N ALA C 364 -28.06 22.80 -2.27
CA ALA C 364 -27.74 21.45 -2.75
C ALA C 364 -27.56 20.43 -1.60
N GLN C 365 -26.88 20.80 -0.52
CA GLN C 365 -26.65 19.80 0.52
C GLN C 365 -27.98 19.30 1.13
N THR C 366 -28.78 20.21 1.71
CA THR C 366 -30.04 19.74 2.28
C THR C 366 -30.90 19.08 1.21
N GLY C 367 -30.78 19.53 -0.04
CA GLY C 367 -31.54 18.88 -1.07
C GLY C 367 -31.15 17.42 -1.21
N SER C 368 -29.85 17.13 -1.16
CA SER C 368 -29.43 15.74 -1.34
C SER C 368 -29.85 14.89 -0.14
N GLU C 369 -29.76 15.47 1.07
CA GLU C 369 -30.15 14.76 2.28
C GLU C 369 -31.66 14.58 2.34
N LEU C 370 -32.41 15.64 2.04
CA LEU C 370 -33.86 15.53 1.99
C LEU C 370 -34.29 14.57 0.90
N TYR C 371 -33.61 14.57 -0.25
CA TYR C 371 -33.97 13.66 -1.33
C TYR C 371 -33.76 12.21 -0.92
N ARG C 372 -32.60 11.91 -0.33
CA ARG C 372 -32.29 10.52 0.03
C ARG C 372 -33.32 9.99 1.04
N GLN C 373 -33.60 10.76 2.08
CA GLN C 373 -34.56 10.37 3.10
C GLN C 373 -35.97 10.24 2.54
N SER C 374 -36.41 11.24 1.78
CA SER C 374 -37.78 11.17 1.27
C SER C 374 -37.97 9.99 0.32
N LEU C 375 -37.00 9.75 -0.57
CA LEU C 375 -37.13 8.65 -1.53
C LEU C 375 -37.24 7.30 -0.80
N GLU C 376 -36.48 7.13 0.26
CA GLU C 376 -36.53 5.90 1.04
C GLU C 376 -37.91 5.72 1.68
N ILE C 377 -38.43 6.78 2.30
CA ILE C 377 -39.75 6.71 2.94
C ILE C 377 -40.81 6.42 1.89
N ILE C 378 -40.84 7.22 0.83
CA ILE C 378 -41.96 7.18 -0.10
C ILE C 378 -41.92 5.91 -0.92
N SER C 379 -40.72 5.47 -1.31
CA SER C 379 -40.73 4.25 -2.12
C SER C 379 -40.95 3.02 -1.23
N ARG C 380 -40.61 3.12 0.07
CA ARG C 380 -40.91 2.04 1.03
C ARG C 380 -42.43 2.02 1.26
N TYR C 381 -43.08 3.20 1.31
CA TYR C 381 -44.55 3.30 1.51
C TYR C 381 -45.21 2.72 0.28
N LEU C 382 -45.01 3.32 -0.90
CA LEU C 382 -45.49 2.72 -2.17
C LEU C 382 -44.78 1.36 -2.26
N ARG C 383 -45.12 0.47 -3.19
CA ARG C 383 -44.37 -0.81 -3.35
C ARG C 383 -44.72 -1.74 -2.16
N GLU C 384 -44.60 -1.33 -0.89
CA GLU C 384 -45.08 -2.13 0.26
C GLU C 384 -46.60 -2.11 0.21
N GLN C 385 -47.17 -0.96 -0.14
CA GLN C 385 -48.64 -0.83 -0.29
C GLN C 385 -49.05 -1.69 -1.47
N ALA C 386 -48.17 -1.88 -2.46
CA ALA C 386 -48.52 -2.58 -3.69
C ALA C 386 -48.42 -4.10 -3.57
N THR C 387 -47.48 -4.59 -2.78
CA THR C 387 -47.20 -6.02 -2.68
C THR C 387 -47.82 -6.69 -1.46
N GLY C 388 -48.16 -5.92 -0.43
CA GLY C 388 -48.70 -6.47 0.80
C GLY C 388 -47.66 -6.87 1.81
N ALA C 389 -46.37 -6.72 1.48
CA ALA C 389 -45.27 -7.22 2.29
C ALA C 389 -44.30 -6.12 2.58
N ALA C 390 -43.90 -5.98 3.85
CA ALA C 390 -42.94 -4.97 4.26
C ALA C 390 -41.49 -5.35 3.99
N ASP C 391 -40.72 -4.41 3.42
CA ASP C 391 -39.26 -4.61 3.19
C ASP C 391 -38.58 -4.81 4.55
N THR C 392 -37.74 -5.83 4.70
CA THR C 392 -37.07 -6.15 5.99
C THR C 392 -35.76 -5.42 6.10
N ALA C 393 -35.23 -4.88 5.00
CA ALA C 393 -33.92 -4.18 4.98
C ALA C 393 -33.89 -3.09 6.06
N PRO C 394 -32.72 -2.78 6.68
CA PRO C 394 -32.65 -1.66 7.64
C PRO C 394 -32.62 -0.28 6.97
N GLY C 399 -32.76 4.69 10.55
CA GLY C 399 -34.00 5.44 10.27
C GLY C 399 -34.85 5.60 11.51
N ALA C 400 -34.56 6.60 12.34
CA ALA C 400 -35.41 6.92 13.51
C ALA C 400 -36.62 7.67 12.98
N THR C 401 -36.41 8.77 12.26
CA THR C 401 -37.47 9.56 11.65
C THR C 401 -38.15 8.79 10.53
N SER C 402 -37.36 8.09 9.71
CA SER C 402 -37.93 7.39 8.56
C SER C 402 -38.84 6.26 8.99
N ARG C 403 -38.45 5.54 10.04
CA ARG C 403 -39.34 4.50 10.57
C ARG C 403 -40.65 5.12 11.05
N LYS C 404 -40.57 6.23 11.79
CA LYS C 404 -41.80 6.85 12.28
C LYS C 404 -42.65 7.42 11.16
N ALA C 405 -42.03 7.97 10.10
CA ALA C 405 -42.81 8.48 8.99
C ALA C 405 -43.55 7.37 8.28
N LEU C 406 -42.91 6.21 8.15
CA LEU C 406 -43.55 5.08 7.52
C LEU C 406 -44.69 4.55 8.41
N GLU C 407 -44.50 4.53 9.72
CA GLU C 407 -45.60 4.17 10.62
C GLU C 407 -46.77 5.14 10.46
N THR C 408 -46.48 6.44 10.35
CA THR C 408 -47.53 7.44 10.13
C THR C 408 -48.26 7.19 8.83
N LEU C 409 -47.54 6.89 7.74
CA LEU C 409 -48.18 6.67 6.44
C LEU C 409 -49.09 5.45 6.49
N ARG C 410 -48.67 4.39 7.19
CA ARG C 410 -49.55 3.22 7.37
C ARG C 410 -50.88 3.60 8.00
N ARG C 411 -50.89 4.59 8.88
CA ARG C 411 -52.14 5.05 9.45
C ARG C 411 -52.83 6.10 8.58
N VAL C 412 -52.15 7.24 8.37
CA VAL C 412 -52.76 8.40 7.70
C VAL C 412 -52.92 8.13 6.21
N GLY C 413 -51.89 7.61 5.57
CA GLY C 413 -51.98 7.36 4.14
C GLY C 413 -52.98 6.29 3.78
N ASP C 414 -53.01 5.19 4.55
CA ASP C 414 -54.10 4.24 4.35
C ASP C 414 -55.46 4.89 4.63
N GLY C 415 -55.53 5.76 5.64
CA GLY C 415 -56.81 6.43 5.92
C GLY C 415 -57.31 7.25 4.76
N VAL C 416 -56.41 8.02 4.12
CA VAL C 416 -56.82 8.81 2.94
C VAL C 416 -57.40 7.89 1.87
N GLN C 417 -56.73 6.75 1.64
CA GLN C 417 -57.18 5.83 0.61
C GLN C 417 -58.52 5.19 0.95
N ARG C 418 -58.81 5.06 2.25
CA ARG C 418 -60.11 4.57 2.68
C ARG C 418 -61.17 5.65 2.49
N ASN C 419 -60.95 6.78 3.15
CA ASN C 419 -61.94 7.84 3.17
C ASN C 419 -62.25 8.37 1.77
N HIS C 420 -61.27 8.41 0.86
CA HIS C 420 -61.50 9.01 -0.45
C HIS C 420 -61.38 7.97 -1.55
N GLU C 421 -61.70 6.72 -1.22
CA GLU C 421 -61.54 5.65 -2.19
C GLU C 421 -62.33 5.91 -3.47
N THR C 422 -63.57 6.33 -3.34
CA THR C 422 -64.38 6.45 -4.54
C THR C 422 -63.79 7.51 -5.47
N ALA C 423 -63.33 8.63 -4.90
CA ALA C 423 -62.68 9.69 -5.68
C ALA C 423 -61.37 9.20 -6.31
N PHE C 424 -60.53 8.51 -5.51
CA PHE C 424 -59.27 7.97 -6.07
C PHE C 424 -59.54 7.00 -7.23
N GLN C 425 -60.51 6.10 -7.05
CA GLN C 425 -61.09 5.41 -8.18
C GLN C 425 -61.69 6.48 -9.06
N GLY C 426 -61.64 6.29 -10.35
CA GLY C 426 -62.28 7.34 -11.13
C GLY C 426 -61.31 8.49 -11.45
N MET C 427 -60.43 8.90 -10.50
CA MET C 427 -59.20 9.57 -10.92
C MET C 427 -58.34 8.61 -11.71
N LEU C 428 -58.13 7.41 -11.17
CA LEU C 428 -57.35 6.41 -11.86
C LEU C 428 -57.95 6.05 -13.21
N ARG C 429 -59.27 5.96 -13.27
CA ARG C 429 -59.96 5.65 -14.50
C ARG C 429 -59.82 6.79 -15.50
N LYS C 430 -59.99 8.03 -15.04
CA LYS C 430 -59.86 9.16 -15.95
C LYS C 430 -58.45 9.24 -16.51
N LEU C 431 -57.45 8.78 -15.75
CA LEU C 431 -56.06 8.85 -16.20
C LEU C 431 -55.66 7.69 -17.10
N ASP C 432 -56.35 6.55 -17.02
CA ASP C 432 -56.10 5.40 -17.90
C ASP C 432 -54.62 5.04 -17.95
N ILE C 433 -54.10 4.63 -16.80
CA ILE C 433 -52.69 4.25 -16.69
C ILE C 433 -52.53 2.83 -17.21
N LYS C 434 -51.68 2.66 -18.24
CA LYS C 434 -51.44 1.36 -18.89
C LYS C 434 -49.98 0.93 -18.92
N ASN C 435 -49.04 1.86 -19.07
CA ASN C 435 -47.65 1.55 -19.40
C ASN C 435 -46.71 2.54 -18.72
N GLU C 436 -45.40 2.46 -19.02
CA GLU C 436 -44.44 3.33 -18.35
C GLU C 436 -44.58 4.79 -18.78
N ASP C 437 -45.05 5.04 -20.01
CA ASP C 437 -45.22 6.41 -20.46
C ASP C 437 -46.37 7.08 -19.73
N ASP C 438 -47.48 6.38 -19.55
CA ASP C 438 -48.56 6.86 -18.70
C ASP C 438 -48.05 7.25 -17.31
N VAL C 439 -47.18 6.43 -16.72
CA VAL C 439 -46.70 6.67 -15.36
C VAL C 439 -45.77 7.89 -15.32
N LYS C 440 -44.84 7.98 -16.27
CA LYS C 440 -43.94 9.13 -16.33
C LYS C 440 -44.71 10.44 -16.35
N SER C 441 -45.86 10.44 -17.05
CA SER C 441 -46.68 11.68 -17.20
C SER C 441 -47.49 11.96 -15.92
N LEU C 442 -47.61 10.98 -15.01
CA LEU C 442 -48.30 11.23 -13.71
C LEU C 442 -47.61 12.42 -13.03
N SER C 443 -46.35 12.69 -13.36
CA SER C 443 -45.60 13.85 -12.80
C SER C 443 -46.37 15.16 -13.02
N ARG C 444 -47.10 15.28 -14.13
CA ARG C 444 -47.87 16.51 -14.45
C ARG C 444 -48.96 16.72 -13.39
N VAL C 445 -49.65 15.65 -12.98
CA VAL C 445 -50.73 15.74 -11.95
C VAL C 445 -50.09 16.24 -10.64
N MET C 446 -48.87 15.80 -10.30
CA MET C 446 -48.26 16.15 -9.02
C MET C 446 -48.01 17.63 -8.95
N ILE C 447 -47.58 18.23 -10.07
CA ILE C 447 -47.38 19.69 -10.13
C ILE C 447 -48.69 20.41 -9.87
N HIS C 448 -49.77 19.94 -10.48
CA HIS C 448 -51.08 20.57 -10.34
C HIS C 448 -51.67 20.47 -8.95
N VAL C 449 -51.21 19.55 -8.11
CA VAL C 449 -51.68 19.55 -6.73
C VAL C 449 -51.38 20.90 -6.10
N PHE C 450 -50.28 21.53 -6.51
CA PHE C 450 -49.79 22.70 -5.82
C PHE C 450 -49.88 23.95 -6.66
N SER C 451 -50.55 23.86 -7.80
CA SER C 451 -50.42 24.92 -8.81
C SER C 451 -51.11 26.20 -8.36
N ASP C 452 -52.07 26.11 -7.45
CA ASP C 452 -52.70 27.29 -6.89
C ASP C 452 -51.80 27.99 -5.89
N GLY C 453 -50.59 27.52 -5.67
CA GLY C 453 -49.73 28.22 -4.73
C GLY C 453 -49.81 27.80 -3.26
N VAL C 454 -50.68 26.85 -2.90
CA VAL C 454 -50.80 26.42 -1.51
C VAL C 454 -49.99 25.15 -1.30
N THR C 455 -49.26 25.10 -0.19
CA THR C 455 -48.59 23.89 0.26
C THR C 455 -49.02 23.60 1.71
N ASN C 456 -49.37 22.33 1.98
CA ASN C 456 -49.58 21.90 3.38
C ASN C 456 -49.36 20.39 3.51
N TRP C 457 -49.25 19.91 4.77
CA TRP C 457 -49.01 18.49 4.99
C TRP C 457 -50.15 17.65 4.46
N GLY C 458 -51.36 18.18 4.46
CA GLY C 458 -52.48 17.41 3.93
C GLY C 458 -52.33 17.09 2.47
N ARG C 459 -51.95 18.07 1.67
CA ARG C 459 -51.71 17.82 0.27
C ARG C 459 -50.52 16.87 0.06
N ILE C 460 -49.44 17.06 0.82
CA ILE C 460 -48.28 16.20 0.62
C ILE C 460 -48.65 14.73 0.91
N VAL C 461 -49.33 14.47 2.03
CA VAL C 461 -49.71 13.06 2.34
C VAL C 461 -50.73 12.54 1.36
N THR C 462 -51.62 13.41 0.89
CA THR C 462 -52.60 12.97 -0.09
C THR C 462 -51.96 12.60 -1.42
N LEU C 463 -50.95 13.37 -1.86
CA LEU C 463 -50.23 12.96 -3.05
C LEU C 463 -49.51 11.62 -2.83
N ILE C 464 -48.88 11.44 -1.67
CA ILE C 464 -48.23 10.14 -1.43
C ILE C 464 -49.26 9.02 -1.40
N SER C 465 -50.45 9.29 -0.84
CA SER C 465 -51.49 8.27 -0.80
C SER C 465 -52.01 7.90 -2.16
N PHE C 466 -52.22 8.90 -3.03
CA PHE C 466 -52.67 8.56 -4.37
C PHE C 466 -51.58 7.76 -5.10
N GLY C 467 -50.31 8.07 -4.81
CA GLY C 467 -49.22 7.26 -5.35
C GLY C 467 -49.29 5.81 -4.92
N ALA C 468 -49.56 5.56 -3.63
CA ALA C 468 -49.75 4.18 -3.18
C ALA C 468 -50.94 3.55 -3.88
N PHE C 469 -52.03 4.30 -4.02
CA PHE C 469 -53.21 3.80 -4.71
C PHE C 469 -52.88 3.42 -6.17
N VAL C 470 -52.09 4.25 -6.85
CA VAL C 470 -51.67 3.92 -8.21
C VAL C 470 -50.71 2.74 -8.20
N ALA C 471 -49.80 2.69 -7.24
CA ALA C 471 -48.87 1.57 -7.20
C ALA C 471 -49.60 0.24 -7.04
N LYS C 472 -50.65 0.21 -6.22
CA LYS C 472 -51.41 -1.04 -6.11
C LYS C 472 -51.92 -1.45 -7.49
N HIS C 473 -52.44 -0.48 -8.25
CA HIS C 473 -52.92 -0.73 -9.61
C HIS C 473 -51.81 -1.21 -10.53
N LEU C 474 -50.58 -0.71 -10.34
CA LEU C 474 -49.50 -1.14 -11.23
C LEU C 474 -49.16 -2.61 -11.00
N LYS C 475 -49.05 -3.04 -9.72
CA LYS C 475 -48.92 -4.45 -9.39
C LYS C 475 -50.06 -5.27 -10.02
N THR C 476 -51.28 -4.74 -10.00
CA THR C 476 -52.42 -5.38 -10.67
C THR C 476 -52.18 -5.55 -12.16
N ILE C 477 -51.52 -4.59 -12.80
CA ILE C 477 -51.33 -4.60 -14.25
C ILE C 477 -49.95 -5.12 -14.63
N ASN C 478 -49.28 -5.85 -13.73
CA ASN C 478 -47.97 -6.43 -14.01
C ASN C 478 -47.00 -5.34 -14.45
N GLN C 479 -47.05 -4.19 -13.75
CA GLN C 479 -46.18 -3.02 -13.99
C GLN C 479 -45.47 -2.77 -12.65
N GLU C 480 -45.02 -3.85 -12.00
CA GLU C 480 -44.36 -3.74 -10.68
C GLU C 480 -43.07 -2.91 -10.79
N SER C 481 -42.47 -2.85 -11.98
CA SER C 481 -41.20 -2.10 -12.21
C SER C 481 -41.44 -0.59 -12.24
N CYS C 482 -42.62 -0.12 -12.70
CA CYS C 482 -42.94 1.30 -12.75
C CYS C 482 -43.22 1.91 -11.38
N ILE C 483 -43.20 1.13 -10.29
CA ILE C 483 -43.58 1.70 -8.99
C ILE C 483 -42.48 2.61 -8.44
N GLU C 484 -41.24 2.19 -8.54
CA GLU C 484 -40.14 3.02 -8.05
C GLU C 484 -39.93 4.29 -8.86
N PRO C 485 -40.12 4.27 -10.18
CA PRO C 485 -40.11 5.57 -10.92
C PRO C 485 -41.22 6.51 -10.48
N LEU C 486 -42.40 5.97 -10.17
CA LEU C 486 -43.48 6.78 -9.61
C LEU C 486 -43.06 7.41 -8.29
N ALA C 487 -42.49 6.63 -7.39
CA ALA C 487 -42.02 7.15 -6.11
C ALA C 487 -40.94 8.19 -6.29
N GLU C 488 -40.04 7.97 -7.23
CA GLU C 488 -38.97 8.92 -7.44
C GLU C 488 -39.54 10.22 -7.99
N SER C 489 -40.59 10.14 -8.83
CA SER C 489 -41.18 11.37 -9.36
C SER C 489 -41.89 12.18 -8.29
N ILE C 490 -42.59 11.49 -7.38
CA ILE C 490 -43.21 12.22 -6.28
C ILE C 490 -42.14 12.87 -5.45
N THR C 491 -41.07 12.14 -5.17
CA THR C 491 -40.02 12.70 -4.35
C THR C 491 -39.41 13.93 -5.03
N ASP C 492 -39.19 13.86 -6.35
CA ASP C 492 -38.59 14.99 -7.07
C ASP C 492 -39.46 16.25 -6.96
N VAL C 493 -40.76 16.11 -7.21
CA VAL C 493 -41.62 17.27 -7.09
C VAL C 493 -41.52 17.88 -5.71
N LEU C 494 -41.52 17.05 -4.66
CA LEU C 494 -41.47 17.62 -3.33
C LEU C 494 -40.16 18.30 -3.05
N VAL C 495 -39.05 17.63 -3.35
CA VAL C 495 -37.77 18.20 -2.95
C VAL C 495 -37.40 19.37 -3.86
N ARG C 496 -37.73 19.29 -5.16
CA ARG C 496 -37.28 20.32 -6.10
C ARG C 496 -38.02 21.65 -5.90
N THR C 497 -39.33 21.59 -5.65
CA THR C 497 -40.12 22.80 -5.60
C THR C 497 -40.58 23.20 -4.20
N LYS C 498 -40.51 22.29 -3.20
CA LYS C 498 -41.02 22.57 -1.87
C LYS C 498 -39.96 22.43 -0.79
N ARG C 499 -38.69 22.43 -1.18
CA ARG C 499 -37.57 22.29 -0.22
C ARG C 499 -37.64 23.40 0.83
N ASP C 500 -38.10 24.61 0.47
CA ASP C 500 -38.22 25.72 1.41
C ASP C 500 -39.25 25.41 2.48
N TRP C 501 -40.40 24.91 2.03
CA TRP C 501 -41.48 24.60 2.95
C TRP C 501 -41.15 23.41 3.84
N LEU C 502 -40.54 22.35 3.26
CA LEU C 502 -40.18 21.18 4.04
C LEU C 502 -39.18 21.53 5.13
N VAL C 503 -38.27 22.45 4.82
CA VAL C 503 -37.26 22.89 5.78
C VAL C 503 -37.88 23.71 6.91
N LYS C 504 -38.72 24.69 6.58
CA LYS C 504 -39.38 25.46 7.63
C LYS C 504 -40.21 24.56 8.52
N GLN C 505 -40.83 23.51 7.97
CA GLN C 505 -41.70 22.63 8.72
C GLN C 505 -40.96 21.47 9.40
N ARG C 506 -39.62 21.45 9.38
CA ARG C 506 -38.83 20.42 10.06
C ARG C 506 -38.98 19.05 9.43
N GLY C 507 -39.12 19.03 8.11
CA GLY C 507 -39.03 17.81 7.36
C GLY C 507 -39.94 16.70 7.86
N TRP C 508 -39.40 15.50 7.83
CA TRP C 508 -40.15 14.32 8.22
C TRP C 508 -40.44 14.29 9.71
N ASP C 509 -39.65 15.01 10.52
CA ASP C 509 -40.04 15.16 11.93
C ASP C 509 -41.33 15.99 12.04
N GLY C 510 -41.40 17.09 11.28
CA GLY C 510 -42.62 17.90 11.29
C GLY C 510 -43.81 17.11 10.76
N PHE C 511 -43.58 16.30 9.75
CA PHE C 511 -44.62 15.42 9.24
C PHE C 511 -45.15 14.50 10.33
N VAL C 512 -44.25 13.86 11.09
CA VAL C 512 -44.68 12.93 12.12
C VAL C 512 -45.48 13.65 13.20
N GLU C 513 -44.94 14.76 13.69
CA GLU C 513 -45.63 15.55 14.69
C GLU C 513 -47.00 15.96 14.21
N PHE C 514 -47.08 16.43 12.98
CA PHE C 514 -48.33 17.01 12.52
C PHE C 514 -49.45 15.99 12.53
N PHE C 515 -49.13 14.75 12.16
CA PHE C 515 -50.11 13.70 12.03
C PHE C 515 -50.21 12.86 13.30
N HIS C 516 -49.57 13.31 14.37
CA HIS C 516 -49.70 12.68 15.70
C HIS C 516 -51.10 12.94 16.27
N ALA D 1 47.13 -35.73 -24.68
CA ALA D 1 46.84 -35.28 -23.32
C ALA D 1 46.22 -36.40 -22.48
N ILE D 2 45.28 -37.16 -23.07
CA ILE D 2 44.68 -38.34 -22.43
C ILE D 2 45.63 -39.52 -22.59
N GLU D 3 45.95 -40.18 -21.49
CA GLU D 3 46.96 -41.22 -21.50
C GLU D 3 46.47 -42.51 -22.15
N GLU D 4 47.28 -43.05 -23.05
CA GLU D 4 46.94 -44.27 -23.76
C GLU D 4 47.20 -45.47 -22.87
N GLY D 5 46.28 -46.43 -22.89
CA GLY D 5 46.50 -47.67 -22.14
C GLY D 5 45.90 -47.71 -20.75
N LYS D 6 44.94 -46.85 -20.46
CA LYS D 6 44.31 -46.77 -19.15
C LYS D 6 42.97 -46.12 -19.40
N LEU D 7 42.05 -46.27 -18.46
CA LEU D 7 40.77 -45.60 -18.53
C LEU D 7 40.60 -44.65 -17.36
N VAL D 8 40.22 -43.41 -17.67
CA VAL D 8 39.84 -42.43 -16.65
C VAL D 8 38.35 -42.19 -16.80
N ILE D 9 37.62 -42.36 -15.72
CA ILE D 9 36.17 -42.23 -15.72
C ILE D 9 35.80 -41.12 -14.75
N TRP D 10 34.89 -40.23 -15.18
CA TRP D 10 34.31 -39.17 -14.36
C TRP D 10 32.84 -39.50 -14.14
N ILE D 11 32.39 -39.41 -12.89
CA ILE D 11 31.00 -39.63 -12.52
C ILE D 11 30.71 -38.74 -11.32
N ASN D 12 29.45 -38.34 -11.16
CA ASN D 12 29.13 -37.38 -10.13
C ASN D 12 29.26 -37.97 -8.74
N GLY D 13 29.62 -37.11 -7.79
CA GLY D 13 30.00 -37.53 -6.48
C GLY D 13 28.87 -38.03 -5.61
N ASP D 14 27.61 -37.82 -6.00
CA ASP D 14 26.45 -38.37 -5.29
C ASP D 14 26.13 -39.79 -5.75
N LYS D 15 26.78 -40.29 -6.81
CA LYS D 15 26.55 -41.61 -7.39
C LYS D 15 27.54 -42.65 -6.87
N GLY D 16 27.36 -43.89 -7.32
CA GLY D 16 28.15 -44.98 -6.78
C GLY D 16 29.54 -45.15 -7.33
N TYR D 17 30.39 -44.16 -7.10
CA TYR D 17 31.70 -44.20 -7.72
C TYR D 17 32.57 -45.30 -7.14
N ASN D 18 32.31 -45.71 -5.89
CA ASN D 18 33.09 -46.79 -5.31
C ASN D 18 32.70 -48.14 -5.90
N GLY D 19 31.40 -48.34 -6.15
CA GLY D 19 30.98 -49.56 -6.85
C GLY D 19 31.52 -49.60 -8.28
N LEU D 20 31.45 -48.47 -8.97
CA LEU D 20 32.01 -48.39 -10.32
C LEU D 20 33.50 -48.70 -10.28
N ALA D 21 34.22 -48.17 -9.27
CA ALA D 21 35.62 -48.55 -9.12
C ALA D 21 35.79 -50.05 -8.92
N GLU D 22 34.81 -50.76 -8.33
CA GLU D 22 34.92 -52.21 -8.21
C GLU D 22 34.84 -52.90 -9.56
N VAL D 23 33.95 -52.42 -10.43
CA VAL D 23 33.94 -52.94 -11.79
C VAL D 23 35.28 -52.63 -12.46
N GLY D 24 35.83 -51.44 -12.20
CA GLY D 24 37.13 -51.11 -12.75
C GLY D 24 38.22 -52.04 -12.27
N LYS D 25 38.13 -52.47 -11.00
CA LYS D 25 39.14 -53.38 -10.47
C LYS D 25 39.02 -54.76 -11.13
N LYS D 26 37.80 -55.21 -11.42
CA LYS D 26 37.68 -56.49 -12.11
C LYS D 26 38.16 -56.38 -13.56
N PHE D 27 37.87 -55.27 -14.24
CA PHE D 27 38.41 -55.08 -15.58
C PHE D 27 39.93 -55.20 -15.56
N GLU D 28 40.59 -54.54 -14.60
CA GLU D 28 42.04 -54.54 -14.55
C GLU D 28 42.58 -55.94 -14.35
N LYS D 29 41.96 -56.70 -13.41
CA LYS D 29 42.38 -58.07 -13.14
C LYS D 29 42.33 -58.90 -14.42
N ASP D 30 41.21 -58.83 -15.15
CA ASP D 30 41.05 -59.64 -16.34
C ASP D 30 41.90 -59.16 -17.52
N THR D 31 42.26 -57.89 -17.55
CA THR D 31 42.85 -57.32 -18.77
C THR D 31 44.17 -56.63 -18.55
N GLY D 32 44.52 -56.26 -17.32
CA GLY D 32 45.72 -55.49 -17.05
C GLY D 32 45.62 -53.98 -17.18
N ILE D 33 44.52 -53.45 -17.72
CA ILE D 33 44.37 -52.00 -17.84
C ILE D 33 43.79 -51.47 -16.53
N LYS D 34 44.48 -50.50 -15.92
CA LYS D 34 44.01 -49.87 -14.70
C LYS D 34 42.91 -48.89 -15.04
N VAL D 35 41.86 -48.88 -14.21
CA VAL D 35 40.71 -47.99 -14.36
C VAL D 35 40.67 -47.06 -13.15
N THR D 36 40.72 -45.74 -13.41
CA THR D 36 40.65 -44.73 -12.36
C THR D 36 39.31 -44.03 -12.41
N VAL D 37 38.57 -44.07 -11.31
CA VAL D 37 37.30 -43.37 -11.19
C VAL D 37 37.49 -42.12 -10.36
N GLU D 38 37.07 -40.95 -10.89
CA GLU D 38 37.18 -39.65 -10.24
C GLU D 38 35.79 -39.03 -10.25
N HIS D 39 35.53 -38.11 -9.31
CA HIS D 39 34.23 -37.44 -9.22
C HIS D 39 34.48 -35.96 -9.00
N PRO D 40 35.00 -35.26 -10.00
CA PRO D 40 35.24 -33.82 -9.86
C PRO D 40 33.95 -33.07 -9.58
N ASP D 41 34.11 -31.92 -8.92
CA ASP D 41 32.99 -31.00 -8.78
C ASP D 41 32.64 -30.33 -10.09
N LYS D 42 31.37 -30.02 -10.25
CA LYS D 42 30.87 -29.28 -11.40
C LYS D 42 31.20 -30.06 -12.66
N LEU D 43 31.03 -31.38 -12.58
CA LEU D 43 31.54 -32.25 -13.63
C LEU D 43 30.86 -31.99 -14.96
N GLU D 44 29.60 -31.61 -14.93
CA GLU D 44 28.87 -31.40 -16.17
C GLU D 44 29.28 -30.16 -16.91
N GLU D 45 29.92 -29.20 -16.22
CA GLU D 45 30.50 -28.02 -16.84
C GLU D 45 32.00 -28.17 -17.15
N LYS D 46 32.72 -28.86 -16.30
CA LYS D 46 34.15 -29.10 -16.40
C LYS D 46 34.48 -30.07 -17.55
N PHE D 47 33.66 -31.10 -17.79
CA PHE D 47 34.00 -32.03 -18.87
C PHE D 47 34.13 -31.31 -20.22
N PRO D 48 33.16 -30.51 -20.66
CA PRO D 48 33.30 -29.84 -21.97
C PRO D 48 34.44 -28.82 -21.98
N GLN D 49 34.77 -28.23 -20.83
CA GLN D 49 35.90 -27.32 -20.75
C GLN D 49 37.20 -28.06 -21.07
N VAL D 50 37.49 -29.14 -20.34
CA VAL D 50 38.77 -29.82 -20.56
C VAL D 50 38.73 -30.63 -21.84
N ALA D 51 37.58 -31.20 -22.20
CA ALA D 51 37.49 -31.98 -23.44
C ALA D 51 37.67 -31.10 -24.67
N ALA D 52 37.29 -29.82 -24.59
CA ALA D 52 37.46 -28.93 -25.74
C ALA D 52 38.93 -28.76 -26.06
N THR D 53 39.79 -28.88 -25.06
CA THR D 53 41.23 -28.83 -25.27
C THR D 53 41.83 -30.21 -25.54
N GLY D 54 40.99 -31.22 -25.74
CA GLY D 54 41.48 -32.56 -26.01
C GLY D 54 42.00 -33.34 -24.83
N ASP D 55 41.71 -32.91 -23.60
CA ASP D 55 42.08 -33.62 -22.39
C ASP D 55 40.81 -34.18 -21.72
N GLY D 56 40.95 -34.65 -20.50
CA GLY D 56 39.83 -35.14 -19.74
C GLY D 56 39.71 -36.64 -19.61
N PRO D 57 38.56 -37.11 -19.14
CA PRO D 57 38.40 -38.55 -18.92
C PRO D 57 38.11 -39.23 -20.24
N ASP D 58 38.34 -40.54 -20.28
CA ASP D 58 37.91 -41.35 -21.42
C ASP D 58 36.41 -41.50 -21.47
N ILE D 59 35.76 -41.63 -20.30
CA ILE D 59 34.32 -41.91 -20.16
C ILE D 59 33.73 -40.88 -19.20
N ILE D 60 32.61 -40.29 -19.58
CA ILE D 60 31.93 -39.29 -18.75
C ILE D 60 30.53 -39.80 -18.46
N PHE D 61 30.15 -39.76 -17.19
CA PHE D 61 28.82 -40.13 -16.74
C PHE D 61 28.03 -38.86 -16.39
N TRP D 62 26.85 -38.69 -16.99
CA TRP D 62 25.93 -37.63 -16.58
C TRP D 62 24.55 -38.02 -17.08
N ALA D 63 23.49 -37.40 -16.55
CA ALA D 63 22.18 -37.54 -17.18
C ALA D 63 22.26 -37.10 -18.64
N HIS D 64 21.36 -37.63 -19.45
CA HIS D 64 21.46 -37.47 -20.90
C HIS D 64 21.23 -36.03 -21.39
N ASP D 65 20.67 -35.14 -20.57
CA ASP D 65 20.30 -33.83 -21.09
C ASP D 65 21.52 -33.03 -21.52
N ARG D 66 22.69 -33.30 -20.95
CA ARG D 66 23.86 -32.52 -21.30
C ARG D 66 24.57 -33.05 -22.56
N PHE D 67 24.22 -34.24 -23.03
CA PHE D 67 25.04 -34.91 -24.02
C PHE D 67 24.83 -34.37 -25.42
N GLY D 68 23.64 -33.83 -25.71
CA GLY D 68 23.44 -33.17 -26.99
C GLY D 68 24.40 -32.02 -27.21
N GLY D 69 24.62 -31.18 -26.19
CA GLY D 69 25.56 -30.08 -26.32
C GLY D 69 26.99 -30.55 -26.43
N TYR D 70 27.34 -31.58 -25.67
CA TYR D 70 28.67 -32.18 -25.83
C TYR D 70 28.89 -32.66 -27.26
N ALA D 71 27.92 -33.40 -27.82
CA ALA D 71 28.12 -33.92 -29.17
C ALA D 71 28.18 -32.78 -30.20
N GLN D 72 27.28 -31.80 -30.07
CA GLN D 72 27.26 -30.65 -30.96
C GLN D 72 28.65 -30.02 -31.05
N SER D 73 29.36 -29.97 -29.93
CA SER D 73 30.71 -29.45 -29.84
C SER D 73 31.78 -30.44 -30.29
N GLY D 74 31.39 -31.60 -30.80
CA GLY D 74 32.39 -32.56 -31.20
C GLY D 74 33.13 -33.27 -30.09
N LEU D 75 32.56 -33.35 -28.87
CA LEU D 75 33.32 -33.91 -27.76
C LEU D 75 33.04 -35.38 -27.48
N LEU D 76 32.09 -36.01 -28.18
CA LEU D 76 31.73 -37.38 -27.91
C LEU D 76 31.93 -38.24 -29.14
N ALA D 77 32.46 -39.44 -28.93
CA ALA D 77 32.52 -40.44 -30.00
C ALA D 77 31.14 -41.07 -30.20
N GLU D 78 30.83 -41.39 -31.46
CA GLU D 78 29.68 -42.22 -31.78
C GLU D 78 29.96 -43.64 -31.26
N ILE D 79 29.00 -44.21 -30.55
CA ILE D 79 29.18 -45.60 -30.10
C ILE D 79 28.55 -46.56 -31.10
N THR D 80 29.00 -47.82 -31.05
CA THR D 80 28.71 -48.79 -32.11
C THR D 80 28.20 -50.13 -31.57
N PRO D 81 27.17 -50.13 -30.73
CA PRO D 81 26.58 -51.40 -30.30
C PRO D 81 25.79 -52.06 -31.43
N ASP D 82 25.94 -53.39 -31.55
CA ASP D 82 25.19 -54.13 -32.54
C ASP D 82 23.77 -54.39 -32.03
N LYS D 83 22.94 -54.98 -32.89
CA LYS D 83 21.55 -55.19 -32.53
C LYS D 83 21.44 -56.04 -31.29
N ALA D 84 22.35 -57.00 -31.12
CA ALA D 84 22.27 -57.88 -29.97
C ALA D 84 22.46 -57.12 -28.68
N PHE D 85 23.41 -56.18 -28.65
CA PHE D 85 23.63 -55.42 -27.43
C PHE D 85 22.48 -54.45 -27.19
N GLN D 86 22.03 -53.77 -28.24
CA GLN D 86 20.91 -52.85 -28.13
C GLN D 86 19.64 -53.50 -27.60
N ASP D 87 19.41 -54.76 -27.94
CA ASP D 87 18.19 -55.42 -27.47
C ASP D 87 18.19 -55.69 -25.97
N LYS D 88 19.34 -55.56 -25.32
CA LYS D 88 19.42 -55.76 -23.88
C LYS D 88 18.93 -54.57 -23.08
N LEU D 89 18.74 -53.41 -23.72
CA LEU D 89 18.32 -52.20 -23.02
C LEU D 89 16.99 -51.69 -23.54
N TYR D 90 16.26 -51.01 -22.68
CA TYR D 90 14.96 -50.52 -23.06
C TYR D 90 15.06 -49.44 -24.15
N PRO D 91 14.17 -49.49 -25.16
CA PRO D 91 14.28 -48.51 -26.27
C PRO D 91 14.11 -47.07 -25.84
N PHE D 92 13.27 -46.78 -24.84
CA PHE D 92 13.12 -45.37 -24.51
C PHE D 92 14.42 -44.82 -23.93
N THR D 93 15.31 -45.71 -23.43
CA THR D 93 16.60 -45.25 -22.96
C THR D 93 17.57 -44.99 -24.10
N TRP D 94 17.54 -45.84 -25.14
CA TRP D 94 18.35 -45.54 -26.32
C TRP D 94 17.88 -44.23 -26.97
N ASP D 95 16.58 -43.98 -27.00
CA ASP D 95 16.13 -42.73 -27.60
C ASP D 95 16.75 -41.54 -26.87
N ALA D 96 16.99 -41.69 -25.55
CA ALA D 96 17.50 -40.58 -24.75
C ALA D 96 18.92 -40.20 -25.11
N VAL D 97 19.70 -41.12 -25.64
CA VAL D 97 21.09 -40.90 -25.96
C VAL D 97 21.27 -40.79 -27.48
N ARG D 98 20.19 -40.52 -28.21
CA ARG D 98 20.30 -40.35 -29.65
C ARG D 98 20.38 -38.86 -29.92
N TYR D 99 21.34 -38.45 -30.74
CA TYR D 99 21.50 -37.05 -31.11
C TYR D 99 21.86 -36.93 -32.59
N ASN D 100 21.04 -36.17 -33.34
CA ASN D 100 21.21 -36.03 -34.78
C ASN D 100 21.38 -37.40 -35.43
N GLY D 101 20.50 -38.31 -35.01
CA GLY D 101 20.46 -39.63 -35.62
C GLY D 101 21.50 -40.61 -35.15
N LYS D 102 22.40 -40.23 -34.25
CA LYS D 102 23.43 -41.14 -33.77
C LYS D 102 23.34 -41.39 -32.27
N LEU D 103 23.65 -42.62 -31.89
CA LEU D 103 23.84 -42.95 -30.50
C LEU D 103 25.18 -42.37 -30.03
N ILE D 104 25.13 -41.51 -29.00
CA ILE D 104 26.29 -40.78 -28.54
C ILE D 104 26.69 -41.15 -27.11
N ALA D 105 26.06 -42.17 -26.52
CA ALA D 105 26.35 -42.57 -25.14
C ALA D 105 25.67 -43.90 -24.84
N TYR D 106 26.18 -44.57 -23.82
CA TYR D 106 25.48 -45.76 -23.36
C TYR D 106 24.51 -45.44 -22.23
N PRO D 107 23.24 -45.79 -22.36
CA PRO D 107 22.31 -45.58 -21.25
C PRO D 107 22.59 -46.55 -20.10
N ILE D 108 22.46 -46.04 -18.88
CA ILE D 108 22.74 -46.82 -17.67
C ILE D 108 21.47 -47.01 -16.82
N ALA D 109 20.73 -45.92 -16.54
CA ALA D 109 19.60 -46.02 -15.65
C ALA D 109 18.70 -44.78 -15.75
N VAL D 110 17.44 -44.97 -15.41
CA VAL D 110 16.43 -43.91 -15.42
C VAL D 110 16.23 -43.39 -14.00
N GLU D 111 16.29 -42.06 -13.83
CA GLU D 111 16.21 -41.38 -12.55
C GLU D 111 15.07 -40.37 -12.57
N ALA D 112 14.33 -40.29 -11.47
CA ALA D 112 13.36 -39.23 -11.26
C ALA D 112 13.28 -38.94 -9.78
N LEU D 113 12.88 -37.74 -9.43
CA LEU D 113 12.76 -37.41 -8.01
C LEU D 113 11.50 -38.05 -7.43
N SER D 114 11.57 -38.39 -6.15
CA SER D 114 10.40 -38.79 -5.39
C SER D 114 10.29 -38.00 -4.10
N LEU D 115 9.12 -38.10 -3.49
CA LEU D 115 8.94 -37.62 -2.12
C LEU D 115 9.43 -38.69 -1.15
N ILE D 116 10.33 -38.33 -0.26
CA ILE D 116 10.89 -39.23 0.72
C ILE D 116 10.46 -38.73 2.09
N TYR D 117 9.90 -39.61 2.89
CA TYR D 117 9.37 -39.17 4.17
C TYR D 117 9.74 -40.10 5.31
N ASN D 118 9.84 -39.51 6.50
CA ASN D 118 10.23 -40.18 7.73
C ASN D 118 8.97 -40.79 8.38
N LYS D 119 8.89 -42.12 8.38
CA LYS D 119 7.68 -42.81 8.82
C LYS D 119 7.40 -42.61 10.31
N ASP D 120 8.43 -42.39 11.11
CA ASP D 120 8.19 -42.17 12.52
C ASP D 120 7.66 -40.77 12.80
N LEU D 121 8.15 -39.74 12.09
CA LEU D 121 7.70 -38.38 12.29
C LEU D 121 6.35 -38.11 11.63
N LEU D 122 6.05 -38.85 10.58
CA LEU D 122 4.99 -38.55 9.64
C LEU D 122 4.54 -39.81 8.94
N PRO D 123 3.84 -40.71 9.65
CA PRO D 123 3.37 -41.92 8.97
C PRO D 123 2.37 -41.65 7.88
N ASN D 124 1.69 -40.51 7.93
CA ASN D 124 0.67 -40.11 6.95
C ASN D 124 1.09 -38.80 6.27
N PRO D 125 1.95 -38.88 5.27
CA PRO D 125 2.48 -37.66 4.64
C PRO D 125 1.45 -36.99 3.83
N PRO D 126 1.53 -35.67 3.60
CA PRO D 126 0.52 -35.00 2.78
C PRO D 126 0.59 -35.41 1.32
N LYS D 127 -0.59 -35.42 0.70
CA LYS D 127 -0.75 -35.68 -0.72
C LYS D 127 -0.70 -34.42 -1.57
N THR D 128 -0.81 -33.23 -0.94
CA THR D 128 -0.83 -31.97 -1.68
C THR D 128 0.22 -31.02 -1.10
N TRP D 129 0.81 -30.22 -2.01
CA TRP D 129 1.69 -29.11 -1.59
C TRP D 129 0.94 -28.16 -0.67
N GLU D 130 -0.34 -27.96 -0.94
CA GLU D 130 -1.10 -27.00 -0.14
C GLU D 130 -1.14 -27.36 1.34
N GLU D 131 -0.99 -28.64 1.70
CA GLU D 131 -1.03 -28.98 3.12
C GLU D 131 0.26 -28.66 3.86
N ILE D 132 1.34 -28.31 3.16
CA ILE D 132 2.65 -28.28 3.80
C ILE D 132 2.79 -27.17 4.82
N PRO D 133 2.24 -25.97 4.57
CA PRO D 133 2.41 -24.91 5.57
C PRO D 133 1.79 -25.28 6.92
N ALA D 134 0.54 -25.76 6.90
CA ALA D 134 -0.12 -26.13 8.17
C ALA D 134 0.64 -27.26 8.85
N LEU D 135 1.17 -28.21 8.07
CA LEU D 135 1.98 -29.28 8.65
C LEU D 135 3.27 -28.75 9.24
N ASP D 136 3.95 -27.83 8.57
CA ASP D 136 5.20 -27.34 9.13
C ASP D 136 4.96 -26.62 10.45
N LYS D 137 3.87 -25.86 10.52
CA LYS D 137 3.50 -25.18 11.76
C LYS D 137 3.28 -26.20 12.90
N GLU D 138 2.63 -27.33 12.62
CA GLU D 138 2.53 -28.39 13.63
C GLU D 138 3.91 -28.93 14.04
N LEU D 139 4.80 -29.17 13.06
CA LEU D 139 6.09 -29.76 13.41
C LEU D 139 7.02 -28.78 14.08
N LYS D 140 6.93 -27.50 13.75
CA LYS D 140 7.79 -26.54 14.44
C LYS D 140 7.49 -26.54 15.93
N ALA D 141 6.21 -26.71 16.30
CA ALA D 141 5.81 -26.75 17.71
C ALA D 141 6.46 -27.90 18.45
N LYS D 142 6.94 -28.87 17.70
CA LYS D 142 7.65 -30.05 18.15
C LYS D 142 9.15 -29.96 17.93
N GLY D 143 9.65 -28.82 17.45
CA GLY D 143 11.06 -28.72 17.15
C GLY D 143 11.52 -29.40 15.88
N LYS D 144 10.64 -29.56 14.88
CA LYS D 144 11.01 -30.11 13.59
C LYS D 144 10.50 -29.21 12.45
N SER D 145 10.70 -29.65 11.23
CA SER D 145 10.15 -28.97 10.07
C SER D 145 9.53 -30.00 9.14
N ALA D 146 8.63 -29.52 8.28
CA ALA D 146 7.91 -30.43 7.38
C ALA D 146 8.83 -30.96 6.28
N LEU D 147 9.55 -30.08 5.60
CA LEU D 147 10.18 -30.41 4.32
C LEU D 147 11.40 -29.55 4.05
N MET D 148 12.51 -30.19 3.70
CA MET D 148 13.69 -29.53 3.18
C MET D 148 14.21 -30.26 1.96
N PHE D 149 14.54 -29.51 0.91
CA PHE D 149 15.14 -30.06 -0.29
C PHE D 149 16.00 -28.97 -0.97
N ASN D 150 16.89 -29.40 -1.85
CA ASN D 150 17.83 -28.49 -2.51
C ASN D 150 17.15 -27.35 -3.25
N LEU D 151 17.28 -26.13 -2.76
CA LEU D 151 16.70 -25.00 -3.48
C LEU D 151 17.72 -24.30 -4.43
N GLN D 152 18.92 -24.85 -4.57
CA GLN D 152 19.95 -24.18 -5.37
C GLN D 152 20.02 -24.69 -6.80
N GLU D 153 19.42 -25.83 -7.07
CA GLU D 153 19.44 -26.49 -8.37
C GLU D 153 18.01 -26.60 -8.86
N PRO D 154 17.66 -26.02 -9.99
CA PRO D 154 16.25 -25.98 -10.40
C PRO D 154 15.68 -27.33 -10.70
N TYR D 155 16.54 -28.36 -10.85
CA TYR D 155 16.08 -29.74 -11.00
C TYR D 155 15.08 -30.11 -9.92
N PHE D 156 15.29 -29.63 -8.71
CA PHE D 156 14.51 -30.06 -7.55
C PHE D 156 13.21 -29.27 -7.37
N THR D 157 13.17 -28.01 -7.84
CA THR D 157 11.95 -27.23 -7.80
C THR D 157 11.13 -27.35 -9.07
N TRP D 158 11.72 -27.87 -10.13
CA TRP D 158 10.99 -27.99 -11.38
C TRP D 158 9.71 -28.79 -11.26
N PRO D 159 9.66 -29.91 -10.54
CA PRO D 159 8.39 -30.65 -10.46
C PRO D 159 7.20 -29.75 -10.14
N LEU D 160 7.37 -28.84 -9.17
CA LEU D 160 6.32 -27.93 -8.75
C LEU D 160 6.09 -26.80 -9.75
N ILE D 161 7.17 -26.29 -10.33
CA ILE D 161 7.02 -25.27 -11.36
C ILE D 161 6.20 -25.82 -12.51
N ALA D 162 6.42 -27.09 -12.88
CA ALA D 162 5.77 -27.71 -14.04
C ALA D 162 4.38 -28.26 -13.74
N ALA D 163 4.02 -28.45 -12.46
CA ALA D 163 2.76 -29.11 -12.11
C ALA D 163 1.57 -28.46 -12.82
N ASP D 164 1.42 -27.15 -12.69
CA ASP D 164 0.27 -26.44 -13.27
C ASP D 164 0.54 -25.83 -14.64
N GLY D 165 1.65 -26.19 -15.29
CA GLY D 165 1.80 -25.84 -16.69
C GLY D 165 3.13 -25.33 -17.24
N GLY D 166 4.14 -25.18 -16.38
CA GLY D 166 5.45 -24.85 -16.89
C GLY D 166 5.98 -25.94 -17.79
N TYR D 167 6.85 -25.56 -18.73
CA TYR D 167 7.59 -26.52 -19.53
C TYR D 167 8.85 -25.85 -20.06
N ALA D 168 9.79 -26.67 -20.52
CA ALA D 168 11.08 -26.16 -20.96
C ALA D 168 11.13 -25.66 -22.39
N PHE D 169 10.77 -26.52 -23.33
CA PHE D 169 10.69 -26.20 -24.75
C PHE D 169 9.50 -27.03 -25.21
N LYS D 170 8.60 -26.42 -25.98
CA LYS D 170 7.41 -27.14 -26.42
C LYS D 170 7.78 -28.25 -27.40
N TYR D 171 7.23 -29.44 -27.14
CA TYR D 171 7.36 -30.55 -28.06
C TYR D 171 6.06 -30.76 -28.84
N LYS D 175 10.51 -32.81 -32.31
CA LYS D 175 10.61 -31.40 -32.67
C LYS D 175 10.50 -30.48 -31.47
N TYR D 176 11.63 -30.15 -30.83
CA TYR D 176 11.63 -29.11 -29.82
C TYR D 176 11.69 -27.75 -30.51
N ASP D 177 10.81 -26.85 -30.10
CA ASP D 177 10.77 -25.48 -30.63
C ASP D 177 11.49 -24.58 -29.64
N ILE D 178 12.72 -24.19 -29.99
CA ILE D 178 13.55 -23.46 -29.06
C ILE D 178 13.11 -22.00 -28.91
N LYS D 179 12.16 -21.57 -29.72
CA LYS D 179 11.58 -20.24 -29.54
C LYS D 179 10.42 -20.27 -28.55
N ASP D 180 9.97 -21.45 -28.14
CA ASP D 180 8.78 -21.64 -27.32
C ASP D 180 9.15 -22.25 -25.96
N VAL D 181 9.65 -21.39 -25.08
CA VAL D 181 10.05 -21.75 -23.74
C VAL D 181 8.85 -21.52 -22.83
N GLY D 182 8.71 -22.37 -21.82
CA GLY D 182 7.46 -22.38 -21.08
C GLY D 182 7.57 -22.00 -19.64
N VAL D 183 8.47 -21.08 -19.28
CA VAL D 183 8.60 -20.70 -17.88
C VAL D 183 7.91 -19.39 -17.59
N ASP D 184 7.51 -18.67 -18.62
CA ASP D 184 6.84 -17.38 -18.53
C ASP D 184 5.34 -17.56 -18.75
N ASN D 185 4.70 -18.46 -18.00
CA ASN D 185 3.26 -18.68 -18.19
C ASN D 185 2.61 -18.81 -16.83
N ALA D 186 1.28 -18.89 -16.85
CA ALA D 186 0.55 -18.80 -15.59
C ALA D 186 0.86 -19.98 -14.68
N GLY D 187 1.05 -21.17 -15.23
CA GLY D 187 1.29 -22.34 -14.37
C GLY D 187 2.65 -22.30 -13.69
N ALA D 188 3.68 -21.97 -14.46
CA ALA D 188 5.02 -21.78 -13.89
C ALA D 188 5.03 -20.73 -12.78
N LYS D 189 4.34 -19.59 -12.99
CA LYS D 189 4.35 -18.56 -11.97
C LYS D 189 3.63 -19.04 -10.71
N ALA D 190 2.56 -19.81 -10.90
CA ALA D 190 1.80 -20.32 -9.76
C ALA D 190 2.64 -21.26 -8.93
N GLY D 191 3.36 -22.16 -9.60
CA GLY D 191 4.23 -23.08 -8.88
C GLY D 191 5.32 -22.36 -8.12
N LEU D 192 6.04 -21.45 -8.81
CA LEU D 192 7.14 -20.76 -8.16
C LEU D 192 6.64 -19.81 -7.08
N THR D 193 5.48 -19.19 -7.29
CA THR D 193 4.90 -18.36 -6.24
C THR D 193 4.64 -19.21 -4.99
N PHE D 194 4.17 -20.44 -5.19
CA PHE D 194 3.88 -21.25 -4.01
C PHE D 194 5.16 -21.51 -3.23
N LEU D 195 6.24 -21.82 -3.96
CA LEU D 195 7.53 -22.09 -3.32
C LEU D 195 8.06 -20.85 -2.62
N VAL D 196 8.01 -19.68 -3.28
CA VAL D 196 8.53 -18.46 -2.66
C VAL D 196 7.68 -18.08 -1.45
N ASP D 197 6.37 -18.33 -1.51
CA ASP D 197 5.55 -18.12 -0.31
C ASP D 197 5.96 -19.04 0.84
N LEU D 198 6.31 -20.31 0.57
CA LEU D 198 6.83 -21.14 1.68
C LEU D 198 8.05 -20.49 2.34
N ILE D 199 8.94 -19.92 1.52
CA ILE D 199 10.14 -19.29 2.05
C ILE D 199 9.79 -18.04 2.80
N LYS D 200 8.89 -17.23 2.23
CA LYS D 200 8.42 -15.98 2.82
C LYS D 200 7.79 -16.23 4.20
N ASN D 201 7.11 -17.34 4.34
CA ASN D 201 6.49 -17.68 5.63
C ASN D 201 7.37 -18.54 6.51
N LYS D 202 8.64 -18.72 6.17
CA LYS D 202 9.60 -19.42 7.02
C LYS D 202 9.34 -20.93 7.13
N HIS D 203 8.56 -21.53 6.23
CA HIS D 203 8.51 -23.00 6.14
C HIS D 203 9.70 -23.58 5.41
N MET D 204 10.39 -22.78 4.60
CA MET D 204 11.66 -23.16 3.97
C MET D 204 12.57 -21.94 3.95
N ASN D 205 13.86 -22.22 3.76
CA ASN D 205 14.94 -21.26 3.80
C ASN D 205 15.56 -21.22 2.42
N ALA D 206 15.68 -20.01 1.85
CA ALA D 206 16.18 -19.89 0.48
C ALA D 206 17.59 -20.43 0.35
N ASP D 207 18.34 -20.48 1.43
CA ASP D 207 19.71 -20.93 1.35
C ASP D 207 19.86 -22.46 1.39
N THR D 208 18.78 -23.22 1.52
CA THR D 208 18.94 -24.66 1.66
C THR D 208 19.51 -25.26 0.38
N ASP D 209 20.52 -26.10 0.52
CA ASP D 209 21.21 -26.80 -0.56
C ASP D 209 21.22 -28.31 -0.32
N TYR D 210 21.89 -29.06 -1.20
CA TYR D 210 21.75 -30.50 -1.18
C TYR D 210 22.20 -31.08 0.14
N SER D 211 23.34 -30.62 0.62
CA SER D 211 23.95 -31.23 1.80
CA SER D 211 23.96 -31.23 1.80
C SER D 211 23.19 -30.87 3.07
N ILE D 212 22.70 -29.62 3.16
CA ILE D 212 21.92 -29.21 4.32
C ILE D 212 20.64 -30.04 4.40
N ALA D 213 19.92 -30.17 3.28
CA ALA D 213 18.67 -30.92 3.27
C ALA D 213 18.92 -32.38 3.59
N GLU D 214 19.98 -32.95 2.99
CA GLU D 214 20.29 -34.36 3.22
C GLU D 214 20.59 -34.60 4.70
N ALA D 215 21.41 -33.74 5.29
CA ALA D 215 21.79 -33.90 6.68
C ALA D 215 20.57 -33.73 7.60
N ALA D 216 19.72 -32.74 7.32
CA ALA D 216 18.53 -32.55 8.14
C ALA D 216 17.65 -33.79 8.11
N PHE D 217 17.43 -34.32 6.92
CA PHE D 217 16.52 -35.46 6.84
C PHE D 217 17.13 -36.71 7.46
N ASN D 218 18.40 -36.92 7.20
CA ASN D 218 19.00 -38.16 7.69
C ASN D 218 19.27 -38.11 9.19
N LYS D 219 19.19 -36.93 9.81
CA LYS D 219 19.25 -36.76 11.26
C LYS D 219 17.86 -36.66 11.88
N GLY D 220 16.80 -36.81 11.12
CA GLY D 220 15.48 -36.74 11.72
C GLY D 220 15.03 -35.35 12.13
N GLU D 221 15.54 -34.30 11.49
CA GLU D 221 15.13 -32.94 11.82
C GLU D 221 13.98 -32.45 10.97
N THR D 222 13.72 -33.09 9.84
CA THR D 222 12.69 -32.65 8.93
C THR D 222 11.95 -33.90 8.53
N ALA D 223 10.65 -33.78 8.27
CA ALA D 223 9.82 -34.96 8.02
C ALA D 223 9.86 -35.45 6.58
N MET D 224 10.22 -34.60 5.63
CA MET D 224 10.20 -34.97 4.24
C MET D 224 11.39 -34.36 3.51
N THR D 225 11.80 -35.01 2.42
CA THR D 225 12.72 -34.37 1.49
C THR D 225 12.35 -34.81 0.08
N ILE D 226 12.98 -34.16 -0.90
CA ILE D 226 12.81 -34.49 -2.31
C ILE D 226 14.18 -34.88 -2.85
N ASN D 227 14.30 -36.10 -3.35
CA ASN D 227 15.59 -36.56 -3.82
C ASN D 227 15.39 -37.79 -4.66
N GLY D 228 16.51 -38.27 -5.24
CA GLY D 228 16.50 -39.39 -6.16
C GLY D 228 17.04 -40.66 -5.55
N PRO D 229 17.08 -41.75 -6.35
CA PRO D 229 17.43 -43.06 -5.79
C PRO D 229 18.82 -43.10 -5.23
N TRP D 230 19.75 -42.33 -5.80
CA TRP D 230 21.12 -42.31 -5.30
C TRP D 230 21.17 -41.99 -3.82
N ALA D 231 20.17 -41.26 -3.32
CA ALA D 231 20.19 -40.80 -1.93
C ALA D 231 19.77 -41.87 -0.93
N TRP D 232 19.16 -42.96 -1.36
CA TRP D 232 18.60 -43.94 -0.44
C TRP D 232 19.67 -44.59 0.40
N SER D 233 20.87 -44.75 -0.15
CA SER D 233 21.91 -45.48 0.57
C SER D 233 22.28 -44.79 1.87
N ASN D 234 22.42 -43.46 1.84
CA ASN D 234 22.78 -42.72 3.05
C ASN D 234 21.65 -42.73 4.08
N ILE D 235 20.39 -42.79 3.64
CA ILE D 235 19.28 -42.85 4.60
C ILE D 235 19.25 -44.21 5.27
N ASP D 236 19.48 -45.28 4.51
CA ASP D 236 19.64 -46.62 5.08
C ASP D 236 20.68 -46.61 6.19
N THR D 237 21.84 -46.03 5.90
CA THR D 237 22.91 -45.96 6.89
C THR D 237 22.49 -45.19 8.11
N SER D 238 21.60 -44.21 7.95
CA SER D 238 21.15 -43.40 9.07
C SER D 238 20.15 -44.13 9.95
N LYS D 239 19.49 -45.17 9.44
CA LYS D 239 18.43 -45.87 10.14
C LYS D 239 17.27 -44.93 10.51
N VAL D 240 17.11 -43.84 9.75
CA VAL D 240 15.79 -43.24 9.66
C VAL D 240 14.89 -44.25 8.95
N ASN D 241 13.64 -44.34 9.38
CA ASN D 241 12.69 -45.31 8.84
C ASN D 241 11.91 -44.52 7.81
N TYR D 242 12.18 -44.78 6.53
CA TYR D 242 11.71 -43.88 5.49
C TYR D 242 10.86 -44.60 4.49
N GLY D 243 10.03 -43.80 3.83
CA GLY D 243 9.28 -44.32 2.69
C GLY D 243 9.54 -43.42 1.49
N VAL D 244 9.32 -43.93 0.28
CA VAL D 244 9.52 -43.20 -0.96
C VAL D 244 8.20 -43.25 -1.67
N THR D 245 7.66 -42.09 -1.99
CA THR D 245 6.31 -42.02 -2.51
C THR D 245 6.19 -40.93 -3.57
N VAL D 246 4.97 -40.82 -4.08
CA VAL D 246 4.66 -39.88 -5.13
C VAL D 246 4.72 -38.47 -4.60
N LEU D 247 5.25 -37.56 -5.42
CA LEU D 247 5.37 -36.18 -5.01
C LEU D 247 3.95 -35.64 -4.79
N PRO D 248 3.77 -34.63 -3.95
CA PRO D 248 2.43 -34.07 -3.78
C PRO D 248 1.92 -33.39 -5.05
N THR D 249 0.61 -33.31 -5.14
CA THR D 249 -0.05 -32.55 -6.18
C THR D 249 -0.04 -31.06 -5.84
N PHE D 250 -0.17 -30.24 -6.88
CA PHE D 250 -0.28 -28.80 -6.72
C PHE D 250 -1.48 -28.38 -7.56
N LYS D 251 -2.42 -27.65 -6.95
CA LYS D 251 -3.70 -27.36 -7.60
C LYS D 251 -4.34 -28.65 -8.16
N GLY D 252 -4.23 -29.72 -7.40
CA GLY D 252 -4.85 -30.98 -7.84
C GLY D 252 -4.18 -31.69 -9.00
N GLN D 253 -3.06 -31.21 -9.46
CA GLN D 253 -2.32 -31.84 -10.55
C GLN D 253 -1.01 -32.43 -10.04
N PRO D 254 -0.54 -33.50 -10.67
CA PRO D 254 0.73 -34.09 -10.26
C PRO D 254 1.90 -33.13 -10.46
N SER D 255 2.82 -33.16 -9.50
CA SER D 255 4.13 -32.63 -9.76
C SER D 255 4.74 -33.41 -10.91
N LYS D 256 5.54 -32.74 -11.72
CA LYS D 256 6.03 -33.38 -12.94
C LYS D 256 7.54 -33.30 -12.97
N PRO D 257 8.27 -34.22 -12.36
CA PRO D 257 9.73 -34.14 -12.37
C PRO D 257 10.31 -34.35 -13.77
N PHE D 258 11.44 -33.71 -14.02
CA PHE D 258 12.21 -34.02 -15.21
C PHE D 258 12.82 -35.40 -15.01
N VAL D 259 12.78 -36.23 -16.05
CA VAL D 259 13.34 -37.57 -16.01
C VAL D 259 14.69 -37.57 -16.72
N GLY D 260 15.71 -38.03 -16.04
CA GLY D 260 17.04 -38.16 -16.62
C GLY D 260 17.45 -39.61 -16.75
N VAL D 261 18.17 -39.89 -17.82
CA VAL D 261 18.83 -41.17 -18.04
C VAL D 261 20.31 -40.99 -17.82
N LEU D 262 20.82 -41.56 -16.73
CA LEU D 262 22.25 -41.61 -16.50
C LEU D 262 22.90 -42.34 -17.67
N SER D 263 23.89 -41.71 -18.29
CA SER D 263 24.47 -42.19 -19.52
C SER D 263 25.99 -42.03 -19.47
N ALA D 264 26.69 -42.87 -20.23
CA ALA D 264 28.15 -42.90 -20.23
C ALA D 264 28.64 -42.61 -21.65
N GLY D 265 29.31 -41.49 -21.81
CA GLY D 265 29.85 -41.11 -23.12
C GLY D 265 31.35 -41.31 -23.16
N ILE D 266 31.88 -41.48 -24.37
CA ILE D 266 33.30 -41.70 -24.59
C ILE D 266 33.88 -40.43 -25.18
N ASN D 267 34.92 -39.88 -24.54
CA ASN D 267 35.55 -38.66 -25.03
C ASN D 267 36.04 -38.82 -26.48
N ALA D 268 35.68 -37.85 -27.33
CA ALA D 268 36.13 -37.91 -28.72
C ALA D 268 37.65 -37.84 -28.84
N ALA D 269 38.34 -37.22 -27.89
CA ALA D 269 39.79 -37.17 -27.94
C ALA D 269 40.44 -38.37 -27.27
N SER D 270 39.68 -39.35 -26.85
CA SER D 270 40.29 -40.48 -26.15
C SER D 270 41.00 -41.39 -27.16
N PRO D 271 42.25 -41.80 -26.88
CA PRO D 271 42.88 -42.90 -27.64
C PRO D 271 42.49 -44.29 -27.20
N ASN D 272 41.56 -44.42 -26.25
CA ASN D 272 41.19 -45.68 -25.65
C ASN D 272 39.76 -46.09 -25.99
N LYS D 273 39.26 -45.64 -27.12
CA LYS D 273 37.85 -45.86 -27.41
C LYS D 273 37.47 -47.34 -27.36
N GLU D 274 38.36 -48.23 -27.83
CA GLU D 274 37.96 -49.64 -27.90
C GLU D 274 37.95 -50.27 -26.51
N LEU D 275 38.86 -49.84 -25.64
CA LEU D 275 38.82 -50.26 -24.24
C LEU D 275 37.56 -49.75 -23.58
N ALA D 276 37.21 -48.49 -23.84
CA ALA D 276 36.00 -47.95 -23.25
C ALA D 276 34.79 -48.77 -23.64
N LYS D 277 34.70 -49.17 -24.91
CA LYS D 277 33.57 -49.99 -25.35
C LYS D 277 33.57 -51.35 -24.66
N GLU D 278 34.74 -51.96 -24.51
CA GLU D 278 34.79 -53.27 -23.86
C GLU D 278 34.39 -53.15 -22.39
N PHE D 279 34.85 -52.10 -21.71
CA PHE D 279 34.46 -51.91 -20.31
C PHE D 279 32.96 -51.69 -20.18
N LEU D 280 32.42 -50.76 -20.96
CA LEU D 280 31.02 -50.41 -20.74
C LEU D 280 30.08 -51.56 -21.13
N GLU D 281 30.36 -52.23 -22.24
CA GLU D 281 29.45 -53.24 -22.77
C GLU D 281 29.59 -54.57 -22.05
N ASN D 282 30.82 -54.97 -21.74
CA ASN D 282 31.05 -56.33 -21.27
C ASN D 282 31.28 -56.40 -19.76
N TYR D 283 31.48 -55.28 -19.09
CA TYR D 283 31.69 -55.23 -17.65
C TYR D 283 30.63 -54.42 -16.92
N LEU D 284 30.39 -53.16 -17.32
CA LEU D 284 29.45 -52.34 -16.59
C LEU D 284 28.00 -52.76 -16.86
N LEU D 285 27.61 -52.80 -18.14
CA LEU D 285 26.23 -53.10 -18.51
C LEU D 285 25.94 -54.59 -18.51
N THR D 286 26.23 -55.19 -17.35
CA THR D 286 25.93 -56.59 -17.02
C THR D 286 25.24 -56.64 -15.66
N ASP D 287 24.54 -57.74 -15.42
CA ASP D 287 23.84 -57.90 -14.16
C ASP D 287 24.78 -57.67 -12.98
N GLU D 288 25.97 -58.25 -13.04
CA GLU D 288 26.88 -58.09 -11.92
C GLU D 288 27.52 -56.71 -11.89
N GLY D 289 27.78 -56.10 -13.06
CA GLY D 289 28.37 -54.79 -13.06
C GLY D 289 27.43 -53.74 -12.49
N LEU D 290 26.18 -53.74 -12.95
CA LEU D 290 25.22 -52.81 -12.39
C LEU D 290 24.91 -53.09 -10.93
N GLU D 291 24.91 -54.36 -10.54
CA GLU D 291 24.69 -54.65 -9.12
C GLU D 291 25.77 -54.01 -8.25
N ALA D 292 27.03 -54.09 -8.70
CA ALA D 292 28.12 -53.51 -7.92
C ALA D 292 27.91 -52.02 -7.71
N VAL D 293 27.47 -51.32 -8.75
CA VAL D 293 27.26 -49.88 -8.64
C VAL D 293 26.04 -49.60 -7.78
N ASN D 294 24.94 -50.31 -8.07
CA ASN D 294 23.67 -50.13 -7.37
C ASN D 294 23.80 -50.38 -5.88
N LYS D 295 24.59 -51.38 -5.49
CA LYS D 295 24.80 -51.65 -4.07
C LYS D 295 25.52 -50.49 -3.36
N ASP D 296 26.36 -49.72 -4.08
CA ASP D 296 26.97 -48.53 -3.51
C ASP D 296 25.94 -47.42 -3.37
N LYS D 297 25.41 -46.96 -4.50
CA LYS D 297 24.34 -45.97 -4.50
C LYS D 297 23.30 -46.39 -5.54
N PRO D 298 22.03 -46.56 -5.15
CA PRO D 298 21.03 -47.02 -6.11
C PRO D 298 20.98 -46.15 -7.37
N LEU D 299 20.89 -46.82 -8.51
CA LEU D 299 20.87 -46.19 -9.83
C LEU D 299 19.46 -45.78 -10.25
N GLY D 300 18.43 -46.32 -9.61
CA GLY D 300 17.09 -46.15 -10.09
C GLY D 300 16.67 -47.36 -10.89
N ALA D 301 15.92 -47.11 -11.95
CA ALA D 301 15.44 -48.15 -12.86
C ALA D 301 16.46 -48.34 -13.97
N VAL D 302 17.20 -49.44 -13.91
CA VAL D 302 18.32 -49.58 -14.83
C VAL D 302 17.80 -49.81 -16.25
N ALA D 303 18.65 -49.43 -17.22
CA ALA D 303 18.33 -49.64 -18.63
C ALA D 303 18.53 -51.09 -19.06
N LEU D 304 19.32 -51.87 -18.32
CA LEU D 304 19.55 -53.27 -18.67
C LEU D 304 18.32 -54.11 -18.32
N LYS D 305 17.68 -54.67 -19.35
CA LYS D 305 16.43 -55.37 -19.15
C LYS D 305 16.57 -56.48 -18.13
N SER D 306 17.61 -57.31 -18.26
CA SER D 306 17.71 -58.47 -17.36
C SER D 306 17.70 -58.01 -15.91
N TYR D 307 18.51 -57.00 -15.57
CA TYR D 307 18.64 -56.59 -14.17
C TYR D 307 17.47 -55.76 -13.67
N GLU D 308 16.88 -54.91 -14.51
CA GLU D 308 15.72 -54.15 -14.07
C GLU D 308 14.57 -55.06 -13.66
N GLU D 309 14.52 -56.28 -14.23
CA GLU D 309 13.47 -57.24 -13.86
C GLU D 309 13.52 -57.56 -12.38
N GLU D 310 14.73 -57.74 -11.83
CA GLU D 310 14.91 -58.01 -10.41
C GLU D 310 14.60 -56.78 -9.56
N LEU D 311 15.15 -55.63 -9.93
CA LEU D 311 15.02 -54.45 -9.09
C LEU D 311 13.57 -53.97 -9.05
N ALA D 312 12.75 -54.44 -9.99
CA ALA D 312 11.45 -53.82 -10.21
C ALA D 312 10.47 -54.13 -9.08
N LYS D 313 10.73 -55.19 -8.32
CA LYS D 313 9.92 -55.51 -7.13
C LYS D 313 10.11 -54.49 -6.02
N ASP D 314 11.19 -53.73 -6.06
CA ASP D 314 11.48 -52.75 -5.00
C ASP D 314 10.39 -51.67 -4.99
N PRO D 315 9.65 -51.52 -3.89
CA PRO D 315 8.63 -50.46 -3.85
C PRO D 315 9.19 -49.06 -4.10
N ARG D 316 10.47 -48.84 -3.76
CA ARG D 316 11.09 -47.54 -4.01
C ARG D 316 11.28 -47.28 -5.49
N ILE D 317 11.64 -48.31 -6.25
CA ILE D 317 11.76 -48.19 -7.69
C ILE D 317 10.40 -47.96 -8.32
N ALA D 318 9.37 -48.64 -7.80
CA ALA D 318 8.01 -48.43 -8.27
C ALA D 318 7.56 -46.99 -8.05
N ALA D 319 7.85 -46.43 -6.87
CA ALA D 319 7.55 -45.02 -6.65
C ALA D 319 8.36 -44.13 -7.60
N THR D 320 9.64 -44.47 -7.82
CA THR D 320 10.46 -43.70 -8.75
C THR D 320 9.82 -43.66 -10.13
N MET D 321 9.34 -44.81 -10.62
CA MET D 321 8.74 -44.89 -11.95
C MET D 321 7.34 -44.29 -12.02
N GLU D 322 6.64 -44.22 -10.91
CA GLU D 322 5.36 -43.54 -10.90
C GLU D 322 5.55 -42.02 -10.96
N ASN D 323 6.54 -41.48 -10.24
CA ASN D 323 6.86 -40.08 -10.44
C ASN D 323 7.39 -39.83 -11.86
N ALA D 324 8.22 -40.75 -12.39
CA ALA D 324 8.72 -40.58 -13.74
C ALA D 324 7.59 -40.50 -14.76
N GLN D 325 6.59 -41.40 -14.64
CA GLN D 325 5.48 -41.43 -15.60
C GLN D 325 4.65 -40.15 -15.55
N LYS D 326 4.60 -39.49 -14.41
CA LYS D 326 3.92 -38.23 -14.33
C LYS D 326 4.76 -37.09 -14.90
N GLY D 327 6.06 -37.29 -15.01
CA GLY D 327 6.95 -36.27 -15.53
C GLY D 327 7.18 -36.41 -17.01
N GLU D 328 8.33 -35.92 -17.45
CA GLU D 328 8.71 -35.80 -18.85
C GLU D 328 10.20 -36.08 -18.94
N ILE D 329 10.60 -36.83 -19.96
CA ILE D 329 12.01 -36.96 -20.27
C ILE D 329 12.58 -35.59 -20.57
N MET D 330 13.77 -35.34 -20.04
CA MET D 330 14.47 -34.10 -20.37
C MET D 330 14.86 -34.09 -21.86
N PRO D 331 14.75 -32.94 -22.53
CA PRO D 331 15.39 -32.81 -23.85
C PRO D 331 16.90 -32.95 -23.76
N ASN D 332 17.52 -33.27 -24.88
CA ASN D 332 18.97 -33.33 -24.97
C ASN D 332 19.54 -32.29 -25.92
N ILE D 333 18.75 -31.30 -26.33
CA ILE D 333 19.20 -30.32 -27.30
C ILE D 333 20.33 -29.48 -26.70
N PRO D 334 21.19 -28.89 -27.52
CA PRO D 334 22.32 -28.12 -26.97
C PRO D 334 21.90 -26.89 -26.20
N GLN D 335 20.69 -26.39 -26.41
CA GLN D 335 20.22 -25.25 -25.64
C GLN D 335 19.91 -25.59 -24.20
N MET D 336 20.01 -26.88 -23.80
CA MET D 336 19.61 -27.26 -22.43
C MET D 336 20.52 -26.58 -21.40
N SER D 337 21.80 -26.41 -21.72
CA SER D 337 22.76 -25.80 -20.78
CA SER D 337 22.74 -25.82 -20.76
C SER D 337 22.31 -24.40 -20.41
N ALA D 338 22.04 -23.57 -21.42
CA ALA D 338 21.58 -22.20 -21.21
C ALA D 338 20.20 -22.16 -20.56
N PHE D 339 19.33 -23.09 -20.92
CA PHE D 339 18.05 -23.21 -20.23
C PHE D 339 18.27 -23.38 -18.73
N TRP D 340 19.14 -24.30 -18.35
CA TRP D 340 19.39 -24.54 -16.93
C TRP D 340 20.04 -23.33 -16.27
N TYR D 341 20.94 -22.64 -16.97
CA TYR D 341 21.49 -21.38 -16.44
C TYR D 341 20.37 -20.40 -16.10
N ALA D 342 19.46 -20.18 -17.04
CA ALA D 342 18.45 -19.15 -16.91
C ALA D 342 17.44 -19.51 -15.83
N VAL D 343 17.03 -20.77 -15.76
CA VAL D 343 16.06 -21.18 -14.74
C VAL D 343 16.71 -21.23 -13.36
N ARG D 344 17.97 -21.67 -13.30
CA ARG D 344 18.64 -21.60 -12.01
C ARG D 344 18.65 -20.18 -11.46
N THR D 345 19.05 -19.20 -12.28
CA THR D 345 19.06 -17.80 -11.81
C THR D 345 17.66 -17.35 -11.43
N ALA D 346 16.67 -17.71 -12.24
CA ALA D 346 15.32 -17.24 -11.96
C ALA D 346 14.83 -17.75 -10.61
N VAL D 347 15.05 -19.04 -10.33
CA VAL D 347 14.52 -19.60 -9.09
C VAL D 347 15.24 -18.97 -7.92
N ILE D 348 16.56 -18.85 -8.02
CA ILE D 348 17.34 -18.29 -6.93
C ILE D 348 16.99 -16.84 -6.70
N ASN D 349 16.81 -16.08 -7.80
CA ASN D 349 16.41 -14.69 -7.65
C ASN D 349 15.03 -14.55 -7.01
N ALA D 350 14.07 -15.40 -7.41
CA ALA D 350 12.74 -15.29 -6.80
C ALA D 350 12.78 -15.73 -5.34
N ALA D 351 13.50 -16.84 -5.06
CA ALA D 351 13.56 -17.34 -3.70
C ALA D 351 14.18 -16.33 -2.76
N SER D 352 15.19 -15.59 -3.22
CA SER D 352 15.90 -14.70 -2.31
C SER D 352 15.27 -13.32 -2.29
N GLY D 353 14.34 -13.03 -3.18
CA GLY D 353 13.80 -11.70 -3.28
C GLY D 353 14.59 -10.70 -4.14
N ARG D 354 15.69 -11.12 -4.76
CA ARG D 354 16.37 -10.20 -5.69
C ARG D 354 15.43 -9.76 -6.81
N GLN D 355 14.56 -10.65 -7.27
CA GLN D 355 13.51 -10.31 -8.21
C GLN D 355 12.18 -10.86 -7.68
N THR D 356 11.08 -10.29 -8.18
CA THR D 356 9.77 -10.91 -7.97
C THR D 356 9.61 -12.12 -8.89
N VAL D 357 8.65 -12.99 -8.54
CA VAL D 357 8.47 -14.22 -9.31
C VAL D 357 8.20 -13.88 -10.78
N ASP D 358 7.32 -12.92 -11.03
CA ASP D 358 6.95 -12.62 -12.41
C ASP D 358 8.14 -12.05 -13.19
N GLU D 359 8.91 -11.13 -12.57
CA GLU D 359 10.10 -10.62 -13.24
C GLU D 359 11.12 -11.72 -13.47
N ALA D 360 11.35 -12.58 -12.47
CA ALA D 360 12.38 -13.62 -12.59
C ALA D 360 12.04 -14.57 -13.75
N LEU D 361 10.78 -14.95 -13.85
CA LEU D 361 10.43 -15.90 -14.89
C LEU D 361 10.36 -15.26 -16.27
N LYS D 362 9.93 -14.01 -16.36
CA LYS D 362 9.91 -13.43 -17.69
C LYS D 362 11.33 -13.15 -18.17
N ASP D 363 12.29 -12.88 -17.27
CA ASP D 363 13.64 -12.70 -17.80
C ASP D 363 14.21 -14.02 -18.32
N ALA D 364 13.67 -15.16 -17.89
CA ALA D 364 14.37 -16.43 -18.10
C ALA D 364 14.53 -16.73 -19.60
N GLN D 365 13.48 -16.59 -20.40
CA GLN D 365 13.66 -16.95 -21.82
C GLN D 365 14.77 -16.13 -22.50
N THR D 366 14.59 -14.83 -22.60
CA THR D 366 15.64 -14.01 -23.22
C THR D 366 16.95 -14.17 -22.48
N GLY D 367 16.90 -14.49 -21.19
CA GLY D 367 18.13 -14.69 -20.46
C GLY D 367 18.93 -15.87 -21.00
N SER D 368 18.25 -16.95 -21.34
CA SER D 368 19.00 -18.11 -21.84
C SER D 368 19.54 -17.86 -23.25
N GLU D 369 18.78 -17.13 -24.07
CA GLU D 369 19.19 -16.83 -25.44
C GLU D 369 20.38 -15.89 -25.44
N LEU D 370 20.34 -14.90 -24.54
CA LEU D 370 21.47 -13.99 -24.38
C LEU D 370 22.69 -14.69 -23.82
N TYR D 371 22.51 -15.58 -22.85
CA TYR D 371 23.66 -16.27 -22.28
C TYR D 371 24.34 -17.10 -23.35
N ARG D 372 23.53 -17.82 -24.16
CA ARG D 372 24.11 -18.69 -25.17
C ARG D 372 24.93 -17.86 -26.16
N GLN D 373 24.35 -16.78 -26.71
CA GLN D 373 25.04 -15.94 -27.69
C GLN D 373 26.28 -15.28 -27.10
N SER D 374 26.12 -14.66 -25.93
CA SER D 374 27.21 -13.97 -25.29
C SER D 374 28.33 -14.91 -24.95
N LEU D 375 28.01 -16.11 -24.44
CA LEU D 375 29.05 -17.07 -24.10
C LEU D 375 29.82 -17.50 -25.34
N GLU D 376 29.10 -17.70 -26.44
CA GLU D 376 29.73 -18.11 -27.69
C GLU D 376 30.73 -17.04 -28.16
N ILE D 377 30.33 -15.78 -28.14
CA ILE D 377 31.24 -14.70 -28.58
C ILE D 377 32.45 -14.61 -27.65
N ILE D 378 32.21 -14.55 -26.35
CA ILE D 378 33.30 -14.25 -25.42
C ILE D 378 34.22 -15.44 -25.27
N SER D 379 33.67 -16.67 -25.28
CA SER D 379 34.52 -17.86 -25.24
CA SER D 379 34.52 -17.87 -25.24
C SER D 379 35.38 -17.99 -26.51
N ARG D 380 34.79 -17.80 -27.67
CA ARG D 380 35.59 -17.87 -28.89
C ARG D 380 36.76 -16.87 -28.84
N TYR D 381 36.47 -15.61 -28.45
CA TYR D 381 37.51 -14.60 -28.44
C TYR D 381 38.61 -14.97 -27.47
N LEU D 382 38.24 -15.37 -26.25
CA LEU D 382 39.27 -15.70 -25.27
C LEU D 382 40.09 -16.91 -25.71
N ARG D 383 39.44 -17.96 -26.26
CA ARG D 383 40.19 -19.13 -26.72
C ARG D 383 41.09 -18.79 -27.91
N GLU D 384 40.55 -18.06 -28.88
CA GLU D 384 41.37 -17.66 -30.03
C GLU D 384 42.58 -16.84 -29.60
N GLN D 385 42.37 -15.93 -28.65
CA GLN D 385 43.43 -15.05 -28.21
C GLN D 385 44.54 -15.84 -27.55
N ALA D 386 44.15 -16.87 -26.77
CA ALA D 386 45.12 -17.64 -25.98
C ALA D 386 45.87 -18.65 -26.83
N THR D 387 45.20 -19.25 -27.82
CA THR D 387 45.79 -20.33 -28.60
C THR D 387 46.37 -19.84 -29.93
N GLY D 388 45.90 -18.71 -30.45
CA GLY D 388 46.33 -18.17 -31.73
C GLY D 388 45.52 -18.62 -32.91
N ALA D 389 44.53 -19.49 -32.71
CA ALA D 389 43.85 -20.16 -33.81
C ALA D 389 42.36 -19.81 -33.79
N ALA D 390 41.87 -19.31 -34.91
CA ALA D 390 40.46 -19.01 -35.06
C ALA D 390 39.68 -20.30 -35.31
N ASP D 391 38.59 -20.48 -34.55
CA ASP D 391 37.70 -21.63 -34.66
C ASP D 391 36.89 -21.57 -35.94
N THR D 392 36.87 -22.66 -36.72
CA THR D 392 36.17 -22.73 -38.02
C THR D 392 34.77 -23.24 -37.78
N ALA D 393 34.45 -23.62 -36.54
CA ALA D 393 33.09 -24.11 -36.18
C ALA D 393 32.05 -23.16 -36.75
N PRO D 394 30.88 -23.63 -37.25
CA PRO D 394 29.83 -22.72 -37.67
C PRO D 394 29.36 -22.02 -36.41
N MET D 395 29.34 -20.68 -36.42
CA MET D 395 28.85 -19.89 -35.25
C MET D 395 27.43 -20.39 -34.92
N GLY D 399 25.02 -16.33 -35.87
CA GLY D 399 26.21 -16.35 -36.75
C GLY D 399 26.25 -15.14 -37.65
N ALA D 400 25.46 -14.10 -37.35
CA ALA D 400 25.44 -12.82 -38.10
C ALA D 400 25.66 -11.71 -37.10
N THR D 401 24.89 -11.66 -36.01
CA THR D 401 25.10 -10.69 -34.92
C THR D 401 26.28 -11.19 -34.14
N SER D 402 26.55 -12.50 -34.21
CA SER D 402 27.66 -13.13 -33.44
C SER D 402 28.96 -13.12 -34.25
N ARG D 403 28.92 -13.25 -35.58
CA ARG D 403 30.14 -13.14 -36.39
C ARG D 403 30.66 -11.70 -36.33
N LYS D 404 29.76 -10.71 -36.52
CA LYS D 404 30.19 -9.33 -36.51
C LYS D 404 30.64 -8.89 -35.13
N ALA D 405 30.00 -9.40 -34.05
CA ALA D 405 30.42 -8.98 -32.72
C ALA D 405 31.83 -9.47 -32.44
N LEU D 406 32.12 -10.67 -32.88
CA LEU D 406 33.46 -11.23 -32.71
C LEU D 406 34.47 -10.49 -33.58
N GLU D 407 34.11 -10.15 -34.82
CA GLU D 407 34.99 -9.33 -35.61
C GLU D 407 35.21 -7.98 -34.94
N THR D 408 34.16 -7.37 -34.38
CA THR D 408 34.35 -6.11 -33.66
C THR D 408 35.28 -6.31 -32.47
N LEU D 409 35.05 -7.40 -31.71
CA LEU D 409 35.86 -7.62 -30.50
C LEU D 409 37.33 -7.75 -30.84
N ARG D 410 37.65 -8.43 -31.94
CA ARG D 410 39.02 -8.60 -32.33
C ARG D 410 39.68 -7.27 -32.63
N ARG D 411 38.95 -6.37 -33.28
CA ARG D 411 39.52 -5.07 -33.63
C ARG D 411 39.71 -4.21 -32.39
N VAL D 412 38.66 -4.02 -31.61
CA VAL D 412 38.74 -3.14 -30.45
C VAL D 412 39.56 -3.79 -29.33
N GLY D 413 39.26 -5.07 -29.05
CA GLY D 413 39.93 -5.75 -27.95
C GLY D 413 41.41 -5.97 -28.16
N ASP D 414 41.81 -6.29 -29.38
CA ASP D 414 43.24 -6.31 -29.68
C ASP D 414 43.87 -4.93 -29.45
N GLY D 415 43.16 -3.87 -29.82
CA GLY D 415 43.63 -2.52 -29.54
C GLY D 415 43.70 -2.20 -28.06
N VAL D 416 42.65 -2.54 -27.30
CA VAL D 416 42.67 -2.32 -25.84
C VAL D 416 43.89 -2.99 -25.20
N GLN D 417 44.15 -4.25 -25.56
CA GLN D 417 45.27 -4.95 -24.93
C GLN D 417 46.65 -4.37 -25.33
N ARG D 418 46.76 -3.73 -26.51
CA ARG D 418 48.01 -3.00 -26.84
C ARG D 418 48.11 -1.71 -26.04
N ASN D 419 47.08 -0.85 -26.16
CA ASN D 419 47.16 0.46 -25.51
C ASN D 419 47.37 0.35 -24.00
N HIS D 420 46.75 -0.66 -23.35
CA HIS D 420 46.76 -0.79 -21.90
C HIS D 420 47.55 -2.01 -21.44
N GLU D 421 48.48 -2.47 -22.26
CA GLU D 421 49.24 -3.66 -21.90
C GLU D 421 49.94 -3.50 -20.55
N THR D 422 50.56 -2.34 -20.33
CA THR D 422 51.35 -2.15 -19.12
C THR D 422 50.47 -2.14 -17.86
N ALA D 423 49.34 -1.45 -17.91
CA ALA D 423 48.39 -1.50 -16.79
C ALA D 423 47.88 -2.91 -16.59
N PHE D 424 47.53 -3.59 -17.69
CA PHE D 424 46.97 -4.94 -17.59
C PHE D 424 47.98 -5.90 -16.96
N GLN D 425 49.23 -5.80 -17.38
CA GLN D 425 50.31 -6.62 -16.81
C GLN D 425 50.51 -6.33 -15.33
N GLY D 426 50.38 -5.07 -14.92
CA GLY D 426 50.49 -4.78 -13.52
C GLY D 426 49.33 -5.38 -12.72
N MET D 427 48.11 -5.33 -13.26
CA MET D 427 46.99 -5.97 -12.59
C MET D 427 47.22 -7.47 -12.44
N LEU D 428 47.67 -8.11 -13.51
CA LEU D 428 47.95 -9.54 -13.49
C LEU D 428 48.94 -9.87 -12.38
N ARG D 429 49.97 -9.04 -12.21
CA ARG D 429 50.95 -9.29 -11.16
C ARG D 429 50.31 -9.15 -9.78
N LYS D 430 49.52 -8.09 -9.57
CA LYS D 430 48.91 -7.90 -8.26
C LYS D 430 47.94 -9.03 -7.95
N LEU D 431 47.34 -9.63 -8.97
CA LEU D 431 46.34 -10.66 -8.72
C LEU D 431 46.96 -12.04 -8.47
N ASP D 432 48.14 -12.30 -8.99
CA ASP D 432 48.86 -13.56 -8.74
C ASP D 432 48.00 -14.79 -9.03
N ILE D 433 47.66 -14.95 -10.30
CA ILE D 433 46.85 -16.09 -10.74
C ILE D 433 47.76 -17.29 -11.00
N LYS D 434 47.51 -18.38 -10.27
CA LYS D 434 48.28 -19.62 -10.32
C LYS D 434 47.43 -20.84 -10.63
N ASN D 435 46.20 -20.90 -10.11
CA ASN D 435 45.40 -22.12 -10.14
C ASN D 435 43.95 -21.77 -10.38
N GLU D 436 43.12 -22.81 -10.49
CA GLU D 436 41.71 -22.56 -10.77
C GLU D 436 40.97 -21.97 -9.58
N ASP D 437 41.56 -21.93 -8.40
CA ASP D 437 40.91 -21.20 -7.32
C ASP D 437 40.99 -19.70 -7.56
N ASP D 438 42.21 -19.24 -7.87
CA ASP D 438 42.49 -17.87 -8.31
C ASP D 438 41.59 -17.43 -9.47
N VAL D 439 41.39 -18.29 -10.46
CA VAL D 439 40.56 -17.92 -11.60
C VAL D 439 39.11 -17.73 -11.17
N LYS D 440 38.60 -18.66 -10.34
CA LYS D 440 37.25 -18.53 -9.80
C LYS D 440 37.09 -17.21 -9.07
N SER D 441 38.09 -16.82 -8.30
CA SER D 441 37.95 -15.62 -7.50
C SER D 441 37.87 -14.34 -8.33
N LEU D 442 38.19 -14.39 -9.63
CA LEU D 442 38.19 -13.15 -10.43
C LEU D 442 36.81 -12.56 -10.61
N SER D 443 35.75 -13.32 -10.30
CA SER D 443 34.40 -12.77 -10.36
C SER D 443 34.24 -11.54 -9.46
N ARG D 444 35.06 -11.41 -8.43
CA ARG D 444 35.03 -10.21 -7.61
C ARG D 444 35.57 -8.99 -8.37
N VAL D 445 36.60 -9.18 -9.19
CA VAL D 445 37.07 -8.09 -10.04
C VAL D 445 35.95 -7.59 -10.91
N MET D 446 35.23 -8.51 -11.53
CA MET D 446 34.24 -8.14 -12.52
C MET D 446 33.13 -7.31 -11.92
N ILE D 447 32.67 -7.73 -10.73
CA ILE D 447 31.63 -7.00 -10.02
C ILE D 447 32.10 -5.58 -9.76
N HIS D 448 33.35 -5.44 -9.33
CA HIS D 448 33.93 -4.14 -9.06
C HIS D 448 34.12 -3.28 -10.31
N VAL D 449 34.10 -3.85 -11.50
CA VAL D 449 34.09 -2.99 -12.68
C VAL D 449 32.84 -2.12 -12.71
N PHE D 450 31.72 -2.62 -12.20
CA PHE D 450 30.42 -1.94 -12.31
C PHE D 450 29.84 -1.51 -10.94
N SER D 451 30.61 -1.61 -9.89
CA SER D 451 30.04 -1.46 -8.57
C SER D 451 29.63 -0.02 -8.28
N ASP D 452 30.15 0.96 -9.03
CA ASP D 452 29.71 2.34 -8.85
C ASP D 452 28.39 2.63 -9.55
N GLY D 453 27.76 1.65 -10.17
CA GLY D 453 26.46 1.87 -10.79
C GLY D 453 26.49 2.25 -12.26
N VAL D 454 27.67 2.37 -12.86
CA VAL D 454 27.80 2.72 -14.28
C VAL D 454 27.98 1.45 -15.10
N THR D 455 27.24 1.35 -16.20
CA THR D 455 27.39 0.37 -17.24
C THR D 455 27.58 1.17 -18.54
N ASN D 456 28.60 0.83 -19.31
CA ASN D 456 28.73 1.32 -20.69
C ASN D 456 29.53 0.32 -21.50
N TRP D 457 29.48 0.46 -22.84
CA TRP D 457 30.15 -0.50 -23.72
C TRP D 457 31.66 -0.48 -23.51
N GLY D 458 32.22 0.67 -23.14
CA GLY D 458 33.64 0.69 -22.91
C GLY D 458 34.09 -0.23 -21.80
N ARG D 459 33.41 -0.14 -20.65
CA ARG D 459 33.72 -1.03 -19.54
C ARG D 459 33.50 -2.48 -19.95
N ILE D 460 32.45 -2.76 -20.70
CA ILE D 460 32.22 -4.16 -21.08
C ILE D 460 33.35 -4.68 -21.96
N VAL D 461 33.75 -3.92 -23.00
CA VAL D 461 34.79 -4.43 -23.89
C VAL D 461 36.12 -4.51 -23.15
N THR D 462 36.33 -3.62 -22.18
CA THR D 462 37.56 -3.65 -21.42
C THR D 462 37.63 -4.89 -20.54
N LEU D 463 36.52 -5.24 -19.90
CA LEU D 463 36.52 -6.45 -19.09
C LEU D 463 36.77 -7.69 -19.95
N ILE D 464 36.15 -7.76 -21.13
CA ILE D 464 36.41 -8.90 -22.00
C ILE D 464 37.86 -8.92 -22.48
N SER D 465 38.42 -7.74 -22.79
CA SER D 465 39.81 -7.64 -23.22
C SER D 465 40.78 -8.08 -22.14
N PHE D 466 40.52 -7.68 -20.89
CA PHE D 466 41.34 -8.17 -19.79
C PHE D 466 41.18 -9.67 -19.63
N GLY D 467 39.97 -10.18 -19.84
CA GLY D 467 39.77 -11.61 -19.83
C GLY D 467 40.63 -12.32 -20.85
N ALA D 468 40.69 -11.77 -22.07
CA ALA D 468 41.60 -12.32 -23.06
C ALA D 468 43.03 -12.29 -22.55
N PHE D 469 43.43 -11.18 -21.94
CA PHE D 469 44.80 -11.02 -21.47
C PHE D 469 45.14 -12.06 -20.42
N VAL D 470 44.21 -12.30 -19.49
CA VAL D 470 44.36 -13.33 -18.47
C VAL D 470 44.38 -14.70 -19.13
N ALA D 471 43.55 -14.91 -20.15
CA ALA D 471 43.52 -16.20 -20.83
C ALA D 471 44.85 -16.56 -21.47
N LYS D 472 45.53 -15.56 -22.10
CA LYS D 472 46.88 -15.81 -22.62
C LYS D 472 47.81 -16.26 -21.51
N HIS D 473 47.71 -15.61 -20.35
CA HIS D 473 48.51 -15.99 -19.20
C HIS D 473 48.18 -17.40 -18.73
N LEU D 474 46.91 -17.82 -18.82
CA LEU D 474 46.56 -19.15 -18.36
C LEU D 474 47.19 -20.21 -19.26
N LYS D 475 47.10 -20.02 -20.57
CA LYS D 475 47.76 -20.93 -21.52
C LYS D 475 49.24 -21.08 -21.23
N THR D 476 49.87 -19.97 -20.86
CA THR D 476 51.29 -19.96 -20.57
C THR D 476 51.63 -20.81 -19.36
N ILE D 477 50.76 -20.83 -18.36
CA ILE D 477 51.04 -21.59 -17.14
C ILE D 477 50.33 -22.94 -17.15
N ASN D 478 49.98 -23.45 -18.32
CA ASN D 478 49.36 -24.76 -18.47
C ASN D 478 48.10 -24.86 -17.61
N GLN D 479 47.28 -23.82 -17.65
CA GLN D 479 45.96 -23.82 -17.02
C GLN D 479 44.91 -23.49 -18.09
N GLU D 480 45.14 -23.98 -19.30
CA GLU D 480 44.26 -23.68 -20.41
C GLU D 480 42.83 -24.12 -20.17
N SER D 481 42.63 -25.13 -19.32
CA SER D 481 41.26 -25.56 -19.07
C SER D 481 40.46 -24.49 -18.32
N CYS D 482 41.13 -23.57 -17.62
CA CYS D 482 40.43 -22.51 -16.90
C CYS D 482 39.94 -21.37 -17.78
N ILE D 483 40.22 -21.42 -19.09
CA ILE D 483 39.84 -20.28 -19.92
C ILE D 483 38.34 -20.21 -20.08
N GLU D 484 37.70 -21.33 -20.29
CA GLU D 484 36.26 -21.24 -20.52
C GLU D 484 35.48 -20.86 -19.27
N PRO D 485 35.90 -21.34 -18.08
CA PRO D 485 35.21 -20.88 -16.84
C PRO D 485 35.36 -19.39 -16.65
N LEU D 486 36.54 -18.87 -17.02
CA LEU D 486 36.76 -17.43 -17.03
C LEU D 486 35.78 -16.76 -17.97
N ALA D 487 35.67 -17.28 -19.21
CA ALA D 487 34.70 -16.74 -20.15
C ALA D 487 33.27 -16.86 -19.62
N GLU D 488 32.97 -17.96 -18.94
CA GLU D 488 31.60 -18.17 -18.47
C GLU D 488 31.25 -17.20 -17.36
N SER D 489 32.21 -16.92 -16.49
CA SER D 489 31.93 -16.00 -15.40
C SER D 489 31.82 -14.57 -15.91
N ILE D 490 32.58 -14.21 -16.95
CA ILE D 490 32.39 -12.88 -17.53
C ILE D 490 30.98 -12.80 -18.06
N THR D 491 30.56 -13.84 -18.75
CA THR D 491 29.23 -13.85 -19.36
C THR D 491 28.14 -13.75 -18.30
N ASP D 492 28.32 -14.47 -17.21
CA ASP D 492 27.32 -14.49 -16.16
C ASP D 492 27.10 -13.07 -15.59
N VAL D 493 28.19 -12.38 -15.30
CA VAL D 493 28.07 -11.03 -14.75
C VAL D 493 27.30 -10.12 -15.69
N LEU D 494 27.57 -10.21 -16.98
CA LEU D 494 26.84 -9.37 -17.92
C LEU D 494 25.39 -9.77 -18.00
N VAL D 495 25.14 -11.05 -18.17
CA VAL D 495 23.77 -11.48 -18.41
C VAL D 495 22.97 -11.43 -17.12
N ARG D 496 23.58 -11.80 -15.98
CA ARG D 496 22.78 -11.87 -14.75
C ARG D 496 22.43 -10.47 -14.24
N THR D 497 23.37 -9.52 -14.33
CA THR D 497 23.16 -8.19 -13.76
C THR D 497 22.96 -7.06 -14.75
N LYS D 498 23.23 -7.24 -16.06
CA LYS D 498 23.12 -6.13 -17.00
C LYS D 498 22.04 -6.39 -18.06
N ARG D 499 21.07 -7.24 -17.76
CA ARG D 499 20.01 -7.52 -18.73
C ARG D 499 19.31 -6.27 -19.19
N ASP D 500 18.89 -5.44 -18.24
CA ASP D 500 18.10 -4.29 -18.62
C ASP D 500 18.90 -3.45 -19.58
N TRP D 501 20.19 -3.26 -19.28
CA TRP D 501 21.03 -2.43 -20.10
C TRP D 501 21.29 -3.08 -21.47
N LEU D 502 21.61 -4.38 -21.50
CA LEU D 502 21.87 -5.03 -22.79
C LEU D 502 20.65 -4.96 -23.69
N VAL D 503 19.47 -5.10 -23.09
CA VAL D 503 18.23 -5.04 -23.85
C VAL D 503 17.99 -3.62 -24.38
N LYS D 504 18.12 -2.62 -23.51
CA LYS D 504 17.95 -1.26 -24.00
C LYS D 504 18.92 -0.98 -25.14
N GLN D 505 20.14 -1.50 -25.05
CA GLN D 505 21.17 -1.17 -26.04
C GLN D 505 21.16 -2.09 -27.23
N ARG D 506 20.16 -2.97 -27.35
CA ARG D 506 19.99 -3.87 -28.48
C ARG D 506 21.08 -4.92 -28.52
N GLY D 507 21.55 -5.36 -27.37
CA GLY D 507 22.47 -6.48 -27.25
C GLY D 507 23.70 -6.36 -28.10
N TRP D 508 24.11 -7.48 -28.67
CA TRP D 508 25.33 -7.51 -29.44
C TRP D 508 25.25 -6.71 -30.74
N ASP D 509 24.06 -6.43 -31.26
CA ASP D 509 23.94 -5.49 -32.37
C ASP D 509 24.32 -4.07 -31.93
N GLY D 510 23.88 -3.69 -30.72
CA GLY D 510 24.27 -2.39 -30.18
C GLY D 510 25.76 -2.28 -29.96
N PHE D 511 26.39 -3.36 -29.49
CA PHE D 511 27.85 -3.46 -29.35
C PHE D 511 28.55 -3.23 -30.70
N VAL D 512 28.08 -3.89 -31.76
CA VAL D 512 28.70 -3.73 -33.08
C VAL D 512 28.56 -2.30 -33.59
N GLU D 513 27.34 -1.75 -33.48
CA GLU D 513 27.09 -0.37 -33.88
C GLU D 513 27.93 0.61 -33.09
N PHE D 514 27.99 0.44 -31.77
CA PHE D 514 28.72 1.42 -30.98
C PHE D 514 30.18 1.52 -31.41
N PHE D 515 30.80 0.38 -31.71
CA PHE D 515 32.21 0.33 -32.03
C PHE D 515 32.49 0.32 -33.53
N HIS D 516 31.49 0.63 -34.32
CA HIS D 516 31.66 0.72 -35.77
C HIS D 516 32.70 1.73 -36.19
N SER E 1 35.17 -7.49 2.44
CA SER E 1 34.50 -6.19 2.47
C SER E 1 34.54 -5.56 3.84
N SER E 2 34.71 -4.22 3.81
CA SER E 2 34.90 -3.36 4.97
C SER E 2 33.60 -3.05 5.74
N THR E 3 33.69 -2.09 6.68
CA THR E 3 32.57 -1.79 7.54
C THR E 3 31.39 -1.21 6.78
N MET E 4 31.64 -0.18 5.97
CA MET E 4 30.56 0.40 5.18
C MET E 4 30.06 -0.60 4.13
N GLY E 5 30.96 -1.43 3.61
CA GLY E 5 30.54 -2.48 2.71
C GLY E 5 29.64 -3.53 3.38
N GLN E 6 29.91 -3.82 4.65
CA GLN E 6 29.11 -4.79 5.37
C GLN E 6 27.71 -4.26 5.64
N VAL E 7 27.63 -2.98 6.04
CA VAL E 7 26.33 -2.37 6.27
C VAL E 7 25.53 -2.35 4.99
N GLY E 8 26.17 -1.91 3.91
CA GLY E 8 25.47 -1.81 2.64
C GLY E 8 24.96 -3.15 2.18
N ARG E 9 25.76 -4.19 2.33
CA ARG E 9 25.33 -5.52 1.95
C ARG E 9 24.17 -6.01 2.83
N GLN E 10 24.19 -5.71 4.13
N GLN E 10 24.20 -5.69 4.13
CA GLN E 10 23.05 -6.11 4.96
CA GLN E 10 23.09 -6.06 5.01
C GLN E 10 21.79 -5.34 4.58
C GLN E 10 21.81 -5.34 4.60
N LEU E 11 21.94 -4.07 4.13
CA LEU E 11 20.77 -3.32 3.69
C LEU E 11 20.17 -3.97 2.45
N ALA E 12 21.03 -4.48 1.56
CA ALA E 12 20.54 -5.15 0.35
C ALA E 12 19.79 -6.44 0.67
N ILE E 13 20.33 -7.24 1.58
CA ILE E 13 19.69 -8.50 2.03
C ILE E 13 18.33 -8.18 2.66
N ILE E 14 18.31 -7.17 3.54
CA ILE E 14 17.01 -6.77 4.09
C ILE E 14 16.09 -6.33 2.95
N GLY E 15 16.62 -5.57 1.98
CA GLY E 15 15.76 -5.09 0.90
C GLY E 15 15.19 -6.21 0.07
N ASP E 16 15.98 -7.26 -0.14
CA ASP E 16 15.52 -8.44 -0.87
C ASP E 16 14.44 -9.19 -0.12
N ASP E 17 14.56 -9.27 1.18
CA ASP E 17 13.48 -9.81 2.02
C ASP E 17 12.19 -8.99 1.85
N ILE E 18 12.31 -7.66 1.94
CA ILE E 18 11.15 -6.79 1.71
C ILE E 18 10.59 -6.96 0.30
N ASN E 19 11.49 -7.00 -0.70
CA ASN E 19 11.04 -7.18 -2.07
C ASN E 19 10.23 -8.47 -2.23
N ARG E 20 10.72 -9.57 -1.64
CA ARG E 20 9.99 -10.85 -1.67
C ARG E 20 8.66 -10.72 -0.95
N ARG E 21 8.64 -10.04 0.20
CA ARG E 21 7.40 -9.93 0.95
C ARG E 21 6.32 -9.27 0.12
N TYR E 22 6.64 -8.14 -0.52
CA TYR E 22 5.64 -7.38 -1.22
C TYR E 22 5.57 -7.76 -2.68
N SER F 1 -12.42 -38.06 46.74
CA SER F 1 -11.89 -37.26 45.63
C SER F 1 -11.84 -35.76 45.86
N SER F 2 -11.86 -35.40 47.13
CA SER F 2 -11.99 -34.03 47.62
C SER F 2 -13.41 -33.88 48.19
N THR F 3 -13.56 -33.03 49.20
CA THR F 3 -14.86 -32.89 49.86
C THR F 3 -15.91 -32.39 48.88
N MET F 4 -15.59 -31.39 48.06
CA MET F 4 -16.57 -30.85 47.12
C MET F 4 -16.97 -31.88 46.08
N GLY F 5 -16.04 -32.73 45.65
CA GLY F 5 -16.43 -33.80 44.74
C GLY F 5 -17.37 -34.82 45.39
N GLN F 6 -17.13 -35.15 46.65
CA GLN F 6 -18.00 -36.13 47.32
C GLN F 6 -19.41 -35.56 47.52
N VAL F 7 -19.51 -34.29 47.91
CA VAL F 7 -20.82 -33.64 48.05
C VAL F 7 -21.55 -33.65 46.71
N GLY F 8 -20.86 -33.26 45.63
CA GLY F 8 -21.52 -33.17 44.35
C GLY F 8 -22.00 -34.52 43.89
N ARG F 9 -21.17 -35.53 44.17
CA ARG F 9 -21.49 -36.93 43.78
C ARG F 9 -22.70 -37.43 44.58
N GLN F 10 -22.83 -37.04 45.85
CA GLN F 10 -24.02 -37.43 46.65
C GLN F 10 -25.30 -36.69 46.22
N LEU F 11 -25.15 -35.42 45.82
CA LEU F 11 -26.26 -34.69 45.21
C LEU F 11 -26.72 -35.34 43.93
N ALA F 12 -25.76 -35.88 43.14
CA ALA F 12 -26.13 -36.57 41.90
C ALA F 12 -26.92 -37.84 42.18
N ILE F 13 -26.47 -38.61 43.18
CA ILE F 13 -27.14 -39.86 43.58
C ILE F 13 -28.55 -39.55 44.06
N ILE F 14 -28.69 -38.55 44.93
CA ILE F 14 -30.03 -38.14 45.36
C ILE F 14 -30.87 -37.74 44.16
N GLY F 15 -30.28 -36.98 43.22
CA GLY F 15 -31.06 -36.51 42.08
C GLY F 15 -31.48 -37.64 41.15
N ASP F 16 -30.67 -38.69 41.07
CA ASP F 16 -31.00 -39.90 40.28
C ASP F 16 -32.11 -40.67 40.99
N ASP F 17 -32.20 -40.53 42.31
CA ASP F 17 -33.28 -41.18 43.11
C ASP F 17 -34.56 -40.38 42.88
N ILE F 18 -34.43 -39.07 42.68
CA ILE F 18 -35.60 -38.18 42.44
C ILE F 18 -36.02 -38.32 40.97
N ASN F 19 -35.09 -38.46 40.03
CA ASN F 19 -35.40 -38.64 38.62
C ASN F 19 -36.16 -39.94 38.41
N ARG F 20 -35.70 -41.03 39.01
CA ARG F 20 -36.36 -42.31 38.84
C ARG F 20 -37.77 -42.23 39.38
N ARG F 21 -37.93 -41.63 40.55
CA ARG F 21 -39.24 -41.55 41.19
C ARG F 21 -40.25 -40.84 40.28
N TYR F 22 -39.89 -39.70 39.73
CA TYR F 22 -40.85 -38.98 38.88
C TYR F 22 -40.67 -39.45 37.43
N SER G 2 -56.04 20.29 -18.33
CA SER G 2 -56.56 19.15 -19.05
C SER G 2 -57.11 18.12 -18.05
N THR G 3 -57.09 16.83 -18.42
CA THR G 3 -57.58 15.81 -17.52
C THR G 3 -56.65 15.67 -16.32
N MET G 4 -55.32 15.71 -16.55
CA MET G 4 -54.38 15.64 -15.45
C MET G 4 -54.53 16.85 -14.53
N GLY G 5 -54.89 18.00 -15.10
CA GLY G 5 -55.15 19.18 -14.28
C GLY G 5 -56.37 18.99 -13.40
N GLN G 6 -57.40 18.31 -13.90
CA GLN G 6 -58.58 18.10 -13.08
C GLN G 6 -58.29 17.14 -11.94
N VAL G 7 -57.58 16.07 -12.21
CA VAL G 7 -57.18 15.16 -11.13
C VAL G 7 -56.36 15.91 -10.09
N GLY G 8 -55.39 16.67 -10.55
CA GLY G 8 -54.54 17.40 -9.61
C GLY G 8 -55.30 18.35 -8.71
N ARG G 9 -56.22 18.98 -9.19
CA ARG G 9 -57.00 19.95 -8.39
C ARG G 9 -57.92 19.19 -7.42
N GLN G 10 -58.41 18.10 -7.79
CA GLN G 10 -59.23 17.32 -6.87
C GLN G 10 -58.38 16.85 -5.71
N LEU G 11 -57.17 16.36 -6.03
CA LEU G 11 -56.25 15.94 -4.99
C LEU G 11 -55.98 17.08 -4.05
N ALA G 12 -55.85 18.30 -4.57
CA ALA G 12 -55.62 19.43 -3.69
C ALA G 12 -56.77 19.65 -2.68
N ILE G 13 -58.00 19.59 -3.15
CA ILE G 13 -59.17 19.72 -2.29
C ILE G 13 -59.22 18.60 -1.27
N ILE G 14 -58.98 17.36 -1.68
CA ILE G 14 -58.88 16.28 -0.70
C ILE G 14 -57.76 16.59 0.28
N GLY G 15 -56.62 17.09 -0.20
CA GLY G 15 -55.53 17.40 0.71
C GLY G 15 -55.86 18.50 1.71
N ASP G 16 -56.62 19.49 1.28
CA ASP G 16 -57.04 20.51 2.24
C ASP G 16 -58.01 19.91 3.28
N ASP G 17 -58.89 19.01 2.87
CA ASP G 17 -59.77 18.29 3.81
C ASP G 17 -58.94 17.54 4.85
N ILE G 18 -57.92 16.83 4.40
CA ILE G 18 -57.01 16.12 5.29
C ILE G 18 -56.26 17.08 6.19
N ASN G 19 -55.75 18.19 5.64
CA ASN G 19 -55.03 19.19 6.44
C ASN G 19 -55.91 19.75 7.57
N ARG G 20 -57.15 20.09 7.26
CA ARG G 20 -58.06 20.61 8.26
C ARG G 20 -58.30 19.58 9.37
N ARG G 21 -58.52 18.34 8.97
CA ARG G 21 -58.82 17.28 9.93
C ARG G 21 -57.71 17.17 10.98
N TYR G 22 -56.46 17.22 10.56
CA TYR G 22 -55.37 17.08 11.49
C TYR G 22 -54.72 18.32 12.03
N SER H 2 39.18 -5.31 -2.02
CA SER H 2 40.60 -5.34 -1.68
C SER H 2 41.46 -5.05 -2.89
N THR H 3 42.46 -5.90 -3.09
CA THR H 3 43.28 -5.83 -4.29
C THR H 3 42.41 -6.00 -5.53
N MET H 4 41.45 -6.92 -5.46
CA MET H 4 40.49 -7.12 -6.53
C MET H 4 39.60 -5.90 -6.74
N GLY H 5 39.29 -5.20 -5.65
CA GLY H 5 38.53 -3.97 -5.79
C GLY H 5 39.31 -2.92 -6.55
N GLN H 6 40.63 -2.87 -6.32
CA GLN H 6 41.49 -1.91 -6.99
C GLN H 6 41.61 -2.21 -8.48
N VAL H 7 41.82 -3.48 -8.85
CA VAL H 7 41.85 -3.84 -10.26
C VAL H 7 40.53 -3.48 -10.91
N GLY H 8 39.42 -3.86 -10.27
CA GLY H 8 38.12 -3.61 -10.87
C GLY H 8 37.89 -2.14 -11.15
N ARG H 9 38.28 -1.29 -10.20
CA ARG H 9 38.09 0.15 -10.40
C ARG H 9 39.05 0.70 -11.45
N GLN H 10 40.22 0.10 -11.63
CA GLN H 10 41.11 0.55 -12.72
C GLN H 10 40.52 0.17 -14.07
N LEU H 11 40.00 -1.05 -14.18
CA LEU H 11 39.35 -1.47 -15.40
C LEU H 11 38.21 -0.52 -15.74
N ALA H 12 37.48 -0.05 -14.74
CA ALA H 12 36.39 0.90 -15.00
C ALA H 12 36.91 2.23 -15.56
N ILE H 13 37.99 2.75 -14.99
CA ILE H 13 38.58 3.97 -15.50
C ILE H 13 39.04 3.80 -16.93
N ILE H 14 39.72 2.70 -17.25
CA ILE H 14 40.06 2.42 -18.64
C ILE H 14 38.81 2.32 -19.51
N GLY H 15 37.78 1.65 -19.02
CA GLY H 15 36.59 1.52 -19.84
C GLY H 15 35.90 2.85 -20.10
N ASP H 16 35.87 3.72 -19.11
CA ASP H 16 35.24 5.01 -19.34
C ASP H 16 36.03 5.78 -20.40
N ASP H 17 37.36 5.67 -20.37
CA ASP H 17 38.21 6.23 -21.42
C ASP H 17 37.87 5.68 -22.79
N ILE H 18 37.72 4.35 -22.89
CA ILE H 18 37.31 3.77 -24.16
C ILE H 18 35.93 4.31 -24.55
N ASN H 19 35.01 4.33 -23.58
CA ASN H 19 33.65 4.75 -23.86
C ASN H 19 33.61 6.15 -24.45
N ARG H 20 34.37 7.05 -23.87
CA ARG H 20 34.45 8.42 -24.33
C ARG H 20 35.02 8.48 -25.74
N ARG H 21 36.05 7.67 -26.02
CA ARG H 21 36.69 7.69 -27.32
C ARG H 21 35.71 7.26 -28.42
N TYR H 22 34.95 6.20 -28.19
CA TYR H 22 34.03 5.75 -29.22
C TYR H 22 32.61 6.36 -29.14
C1 GLC I . 29.62 31.66 -9.06
C2 GLC I . 28.39 32.37 -9.57
C3 GLC I . 27.16 31.51 -9.46
C4 GLC I . 27.47 30.15 -10.07
C5 GLC I . 28.68 29.52 -9.39
C6 GLC I . 29.06 28.23 -10.12
O1 GLC I . 29.54 31.49 -7.68
O2 GLC I . 28.16 33.53 -8.82
O3 GLC I . 26.04 32.08 -10.14
O4 GLC I . 26.33 29.35 -9.89
O5 GLC I . 29.80 30.32 -9.52
O6 GLC I . 29.92 27.51 -9.25
H1 GLC I . 30.43 32.29 -9.43
H2 GLC I . 28.56 32.65 -10.60
H3 GLC I . 26.92 31.43 -8.41
H4 GLC I . 27.68 30.27 -11.13
H5 GLC I . 28.42 29.27 -8.36
H61 GLC I . 29.58 28.45 -11.06
H62 GLC I . 28.17 27.64 -10.35
HO1 GLC I . 29.42 32.37 -7.26
HO2 GLC I . 29.03 33.91 -8.53
HO3 GLC I . 26.18 32.03 -11.10
HO6 GLC I . 29.62 26.57 -9.21
C1 GLC I . 25.44 29.14 -10.95
C2 GLC I . 24.01 29.18 -10.39
C3 GLC I . 23.75 28.10 -9.35
C4 GLC I . 24.03 26.78 -10.02
C5 GLC I . 25.42 26.77 -10.72
C6 GLC I . 25.57 25.46 -11.50
O2 GLC I . 23.75 30.46 -9.84
O3 GLC I . 22.39 28.07 -8.90
O4 GLC I . 23.97 25.71 -9.08
O5 GLC I . 25.62 27.86 -11.59
O6 GLC I . 26.94 25.23 -11.78
H1 GLC I . 25.62 29.92 -11.71
H2 GLC I . 23.31 28.99 -11.20
H3 GLC I . 24.38 28.31 -8.49
H4 GLC I . 23.26 26.62 -10.79
H5 GLC I . 26.20 26.84 -9.97
H61 GLC I . 25.01 25.50 -12.43
H62 GLC I . 25.18 24.63 -10.90
HO2 GLC I . 24.49 30.72 -9.25
HO3 GLC I . 22.11 28.98 -8.64
HO4 GLC I . 23.74 24.89 -9.54
HO6 GLC I . 27.02 24.63 -12.54
C1 GLC J . -16.15 0.94 32.69
C2 GLC J . -17.43 1.63 32.28
C3 GLC J . -18.59 0.67 32.29
C4 GLC J . -18.22 -0.63 31.58
C5 GLC J . -16.99 -1.26 32.25
C6 GLC J . -16.50 -2.51 31.48
O1 GLC J . -16.13 0.77 34.07
O2 GLC J . -17.68 2.73 33.14
O3 GLC J . -19.68 1.27 31.63
O4 GLC J . -19.28 -1.52 31.73
O5 GLC J . -15.94 -0.35 32.18
O6 GLC J . -15.56 -3.18 32.28
H1 GLC J . -15.38 1.60 32.29
H2 GLC J . -17.31 1.98 31.26
H3 GLC J . -18.86 0.47 33.33
H4 GLC J . -18.04 -0.42 30.52
H5 GLC J . -17.26 -1.57 33.25
H61 GLC J . -16.04 -2.22 30.53
H62 GLC J . -17.34 -3.17 31.27
HO1 GLC J . -15.92 1.63 34.50
HO2 GLC J . -17.77 2.41 34.06
HO3 GLC J . -19.46 1.37 30.68
HO6 GLC J . -15.78 -4.13 32.32
C1 GLC J . -20.15 -1.69 30.62
C2 GLC J . -21.60 -1.72 31.13
C3 GLC J . -21.83 -2.85 32.10
C4 GLC J . -21.47 -4.16 31.40
C5 GLC J . -20.07 -4.09 30.72
C6 GLC J . -19.87 -5.27 29.80
O2 GLC J . -21.85 -0.49 31.78
O3 GLC J . -23.19 -2.83 32.59
O4 GLC J . -21.43 -5.18 32.35
O5 GLC J . -19.93 -2.93 29.95
O6 GLC J . -18.47 -5.42 29.63
H1 GLC J . -19.95 -0.87 29.93
H2 GLC J . -22.27 -1.84 30.28
H3 GLC J . -21.15 -2.73 32.93
H4 GLC J . -22.23 -4.39 30.66
H5 GLC J . -19.30 -4.12 31.50
H61 GLC J . -20.37 -5.10 28.84
H62 GLC J . -20.30 -6.18 30.24
HO2 GLC J . -21.12 -0.29 32.39
HO3 GLC J . -23.45 -1.90 32.78
HO4 GLC J . -21.47 -6.05 31.90
HO6 GLC J . -18.30 -6.00 28.85
C1 GLC K . -20.77 9.05 -19.14
C2 GLC K . -19.94 8.50 -18.01
C3 GLC K . -20.65 8.54 -16.67
C4 GLC K . -21.32 9.89 -16.45
C5 GLC K . -22.25 10.22 -17.63
C6 GLC K . -22.87 11.61 -17.44
O1 GLC K . -21.71 8.12 -19.58
O2 GLC K . -19.48 7.18 -18.28
O3 GLC K . -19.65 8.38 -15.69
O4 GLC K . -22.09 9.85 -15.25
O5 GLC K . -21.53 10.21 -18.83
O6 GLC K . -23.92 11.73 -18.35
H1 GLC K . -20.02 9.29 -19.88
H2 GLC K . -19.07 9.16 -17.89
H3 GLC K . -21.38 7.73 -16.62
H4 GLC K . -20.54 10.64 -16.36
H5 GLC K . -23.05 9.48 -17.66
H61 GLC K . -22.12 12.38 -17.62
H62 GLC K . -23.24 11.73 -16.42
HO1 GLC K . -21.31 7.56 -20.29
HO2 GLC K . -19.00 7.16 -19.14
HO3 GLC K . -19.05 9.15 -15.70
HO6 GLC K . -24.69 12.13 -17.90
C1 GLC K . -21.53 10.44 -14.09
C2 GLC K . -21.79 9.53 -12.88
C3 GLC K . -23.27 9.26 -12.70
C4 GLC K . -23.95 10.60 -12.51
C5 GLC K . -23.54 11.59 -13.60
C6 GLC K . -24.01 12.98 -13.17
O2 GLC K . -21.15 8.31 -13.13
O3 GLC K . -23.48 8.39 -11.57
O4 GLC K . -25.37 10.44 -12.52
O5 GLC K . -22.14 11.68 -13.81
O6 GLC K . -23.98 13.84 -14.29
H1 GLC K . -20.47 10.59 -14.26
H2 GLC K . -21.38 10.00 -11.99
H3 GLC K . -23.64 8.76 -13.59
H4 GLC K . -23.64 11.01 -11.54
H5 GLC K . -24.03 11.31 -14.54
H61 GLC K . -25.02 12.92 -12.76
H62 GLC K . -23.35 13.36 -12.39
HO2 GLC K . -21.34 8.02 -14.04
HO3 GLC K . -22.97 7.57 -11.68
HO4 GLC K . -25.78 11.16 -11.98
HO6 GLC K . -24.17 14.76 -14.01
C1 GLC L . 21.68 -35.47 -10.02
C2 GLC L . 21.19 -35.92 -11.39
C3 GLC L . 21.37 -34.85 -12.42
C4 GLC L . 20.82 -33.53 -11.91
C5 GLC L . 21.50 -33.15 -10.60
C6 GLC L . 20.94 -31.83 -10.07
O1 GLC L . 23.10 -35.49 -10.04
O2 GLC L . 21.91 -37.07 -11.81
O3 GLC L . 20.75 -35.18 -13.64
O4 GLC L . 21.09 -32.54 -12.86
O5 GLC L . 21.29 -34.17 -9.64
O6 GLC L . 21.84 -31.40 -9.09
H1 GLC L . 21.23 -36.15 -9.29
H2 GLC L . 20.14 -36.17 -11.30
H3 GLC L . 22.45 -34.75 -12.60
H4 GLC L . 19.75 -33.62 -11.78
H5 GLC L . 22.56 -33.03 -10.78
H61 GLC L . 19.95 -31.98 -9.63
H62 GLC L . 20.85 -31.10 -10.86
HO1 GLC L . 23.42 -36.37 -9.77
HO2 GLC L . 22.11 -37.64 -11.03
HO3 GLC L . 19.77 -35.12 -13.53
HO6 GLC L . 22.04 -30.45 -9.22
C1 GLC L . 20.06 -32.10 -13.72
C2 GLC L . 20.56 -31.91 -15.14
C3 GLC L . 21.68 -30.89 -15.24
C4 GLC L . 21.11 -29.58 -14.69
C5 GLC L . 20.43 -29.76 -13.32
C6 GLC L . 19.68 -28.49 -12.90
O2 GLC L . 21.07 -33.15 -15.60
O3 GLC L . 22.10 -30.75 -16.59
O4 GLC L . 22.11 -28.59 -14.57
O5 GLC L . 19.51 -30.86 -13.32
O6 GLC L . 19.47 -28.47 -11.48
H1 GLC L . 19.29 -32.88 -13.67
H2 GLC L . 19.72 -31.61 -15.78
H3 GLC L . 22.51 -31.24 -14.63
H4 GLC L . 20.36 -29.22 -15.40
H5 GLC L . 21.20 -29.95 -12.58
H61 GLC L . 20.26 -27.61 -13.19
H62 GLC L . 18.72 -28.44 -13.41
HO2 GLC L . 21.68 -33.52 -14.93
HO3 GLC L . 22.28 -31.64 -16.97
HO4 GLC L . 21.70 -27.70 -14.62
HO6 GLC L . 18.85 -27.74 -11.25
#